data_2DY8
#
_entry.id   2DY8
#
_entity_poly.entity_id   1
_entity_poly.type   'polypeptide(L)'
_entity_poly.pdbx_seq_one_letter_code
;DEFEEFHVPERIIDSQRASLEDGTSQLQYLVKWRRLNYDEATWENATDIVKLAPEQVKHFQNRENSKIL
;
_entity_poly.pdbx_strand_id   A
#
# COMPACT_ATOMS: atom_id res chain seq x y z
N ASP A 1 -17.78 10.22 -0.06
CA ASP A 1 -16.86 11.39 0.01
C ASP A 1 -15.48 11.02 -0.54
N GLU A 2 -14.57 11.95 -0.58
CA GLU A 2 -13.21 11.66 -1.10
C GLU A 2 -12.15 12.18 -0.13
N PHE A 3 -11.47 11.30 0.55
CA PHE A 3 -10.42 11.74 1.51
C PHE A 3 -9.03 11.58 0.89
N GLU A 4 -8.73 12.36 -0.10
CA GLU A 4 -7.38 12.26 -0.75
C GLU A 4 -6.88 13.64 -1.16
N GLU A 5 -6.36 14.39 -0.22
CA GLU A 5 -5.85 15.75 -0.54
C GLU A 5 -4.45 15.94 0.05
N PHE A 6 -4.36 16.26 1.31
CA PHE A 6 -3.03 16.46 1.93
C PHE A 6 -2.37 15.11 2.24
N HIS A 7 -3.06 14.25 2.93
CA HIS A 7 -2.47 12.91 3.26
C HIS A 7 -2.74 11.92 2.13
N VAL A 8 -1.80 11.76 1.24
CA VAL A 8 -2.01 10.79 0.12
C VAL A 8 -0.74 9.98 -0.13
N PRO A 9 -0.93 8.72 -0.38
CA PRO A 9 0.20 7.80 -0.65
C PRO A 9 0.79 8.06 -2.03
N GLU A 10 2.08 7.92 -2.18
CA GLU A 10 2.70 8.16 -3.51
C GLU A 10 2.70 6.87 -4.34
N ARG A 11 3.05 5.77 -3.72
CA ARG A 11 3.08 4.47 -4.45
C ARG A 11 3.44 3.34 -3.48
N ILE A 12 3.42 2.12 -3.94
CA ILE A 12 3.76 0.98 -3.04
C ILE A 12 5.22 0.60 -3.19
N ILE A 13 5.81 0.08 -2.15
CA ILE A 13 7.25 -0.35 -2.24
C ILE A 13 7.36 -1.84 -1.92
N ASP A 14 6.50 -2.32 -1.07
CA ASP A 14 6.55 -3.75 -0.71
C ASP A 14 5.20 -4.19 -0.13
N SER A 15 4.98 -5.47 0.00
CA SER A 15 3.67 -5.94 0.55
C SER A 15 3.89 -6.90 1.71
N GLN A 16 2.88 -7.11 2.51
CA GLN A 16 3.02 -8.05 3.66
C GLN A 16 1.69 -8.78 3.90
N ARG A 17 1.42 -9.81 3.16
CA ARG A 17 0.15 -10.57 3.34
C ARG A 17 0.36 -11.74 4.28
N ALA A 18 0.05 -11.58 5.54
CA ALA A 18 0.23 -12.70 6.50
C ALA A 18 -1.08 -13.45 6.71
N SER A 19 -1.15 -14.69 6.31
CA SER A 19 -2.41 -15.45 6.48
C SER A 19 -2.67 -15.71 7.96
N LEU A 20 -3.90 -15.66 8.38
CA LEU A 20 -4.20 -15.89 9.82
C LEU A 20 -4.67 -17.33 10.02
N GLU A 21 -5.44 -17.83 9.09
CA GLU A 21 -5.95 -19.23 9.18
C GLU A 21 -7.10 -19.32 10.19
N ASP A 22 -7.32 -18.30 10.97
CA ASP A 22 -8.43 -18.34 11.95
C ASP A 22 -9.74 -17.94 11.25
N GLY A 23 -9.67 -17.69 9.97
CA GLY A 23 -10.90 -17.28 9.23
C GLY A 23 -10.58 -16.08 8.33
N THR A 24 -9.35 -15.63 8.34
CA THR A 24 -8.99 -14.45 7.48
C THR A 24 -7.48 -14.37 7.27
N SER A 25 -7.00 -13.22 6.87
CA SER A 25 -5.54 -13.05 6.64
C SER A 25 -5.18 -11.58 6.85
N GLN A 26 -3.94 -11.29 7.14
CA GLN A 26 -3.53 -9.87 7.34
C GLN A 26 -2.85 -9.34 6.07
N LEU A 27 -3.53 -8.52 5.32
CA LEU A 27 -2.92 -7.97 4.07
C LEU A 27 -2.48 -6.52 4.30
N GLN A 28 -1.23 -6.23 4.09
CA GLN A 28 -0.74 -4.83 4.29
C GLN A 28 0.25 -4.44 3.19
N TYR A 29 0.10 -3.26 2.64
CA TYR A 29 1.03 -2.80 1.56
C TYR A 29 1.92 -1.68 2.06
N LEU A 30 3.21 -1.76 1.84
CA LEU A 30 4.11 -0.67 2.30
C LEU A 30 3.96 0.53 1.36
N VAL A 31 3.56 1.67 1.87
CA VAL A 31 3.37 2.85 0.98
C VAL A 31 4.33 3.98 1.37
N LYS A 32 4.62 4.85 0.44
CA LYS A 32 5.54 5.99 0.74
C LYS A 32 4.76 7.31 0.65
N TRP A 33 4.32 7.82 1.76
CA TRP A 33 3.54 9.10 1.75
C TRP A 33 4.38 10.24 1.18
N ARG A 34 4.03 10.70 0.01
CA ARG A 34 4.80 11.83 -0.61
C ARG A 34 6.28 11.47 -0.70
N ARG A 35 7.12 12.45 -0.95
CA ARG A 35 8.58 12.19 -1.05
C ARG A 35 9.33 12.92 0.06
N LEU A 36 8.89 14.10 0.41
CA LEU A 36 9.57 14.88 1.49
C LEU A 36 11.05 15.08 1.14
N ASN A 37 11.66 16.11 1.67
CA ASN A 37 13.11 16.35 1.36
C ASN A 37 13.94 15.12 1.70
N TYR A 38 13.57 14.41 2.75
CA TYR A 38 14.33 13.19 3.13
C TYR A 38 13.61 11.94 2.65
N ASP A 39 12.70 11.43 3.43
CA ASP A 39 11.95 10.21 3.01
C ASP A 39 10.84 9.89 4.02
N GLU A 40 9.97 8.99 3.69
CA GLU A 40 8.87 8.64 4.63
C GLU A 40 8.02 7.50 4.06
N ALA A 41 7.91 6.41 4.77
CA ALA A 41 7.11 5.27 4.26
C ALA A 41 6.84 4.27 5.40
N THR A 42 5.66 3.73 5.45
CA THR A 42 5.34 2.75 6.53
C THR A 42 4.51 1.60 5.99
N TRP A 43 3.81 0.90 6.84
CA TRP A 43 2.99 -0.24 6.37
C TRP A 43 1.49 0.03 6.61
N GLU A 44 0.67 -0.28 5.66
CA GLU A 44 -0.79 -0.05 5.83
C GLU A 44 -1.57 -1.18 5.16
N ASN A 45 -2.78 -1.45 5.61
CA ASN A 45 -3.56 -2.55 4.99
C ASN A 45 -3.60 -2.35 3.48
N ALA A 46 -3.42 -3.39 2.73
CA ALA A 46 -3.47 -3.24 1.24
C ALA A 46 -4.91 -2.97 0.83
N THR A 47 -5.83 -3.15 1.73
CA THR A 47 -7.25 -2.89 1.42
C THR A 47 -7.50 -1.38 1.41
N ASP A 48 -7.09 -0.71 2.45
CA ASP A 48 -7.27 0.76 2.51
C ASP A 48 -6.47 1.40 1.38
N ILE A 49 -5.23 1.04 1.23
CA ILE A 49 -4.40 1.61 0.14
C ILE A 49 -5.04 1.31 -1.21
N VAL A 50 -5.76 0.24 -1.33
CA VAL A 50 -6.43 -0.05 -2.63
C VAL A 50 -7.44 1.06 -2.90
N LYS A 51 -8.27 1.33 -1.92
CA LYS A 51 -9.28 2.42 -2.10
C LYS A 51 -8.57 3.78 -1.99
N LEU A 52 -7.72 3.93 -1.03
CA LEU A 52 -6.97 5.22 -0.88
C LEU A 52 -6.10 5.44 -2.12
N ALA A 53 -5.35 4.44 -2.47
CA ALA A 53 -4.48 4.53 -3.67
C ALA A 53 -4.67 3.27 -4.53
N PRO A 54 -5.78 3.22 -5.22
CA PRO A 54 -6.10 2.06 -6.08
C PRO A 54 -5.15 2.02 -7.29
N GLU A 55 -4.89 3.16 -7.87
CA GLU A 55 -3.97 3.18 -9.04
C GLU A 55 -2.58 2.68 -8.64
N GLN A 56 -2.13 3.07 -7.47
CA GLN A 56 -0.78 2.61 -7.01
C GLN A 56 -0.83 1.13 -6.65
N VAL A 57 -1.77 0.72 -5.84
CA VAL A 57 -1.86 -0.71 -5.47
C VAL A 57 -1.98 -1.56 -6.74
N LYS A 58 -2.69 -1.08 -7.73
CA LYS A 58 -2.81 -1.88 -8.99
C LYS A 58 -1.43 -1.93 -9.65
N HIS A 59 -0.81 -0.80 -9.87
CA HIS A 59 0.54 -0.80 -10.47
C HIS A 59 1.47 -1.63 -9.58
N PHE A 60 1.29 -1.49 -8.29
CA PHE A 60 2.13 -2.27 -7.34
C PHE A 60 1.76 -3.76 -7.42
N GLN A 61 0.49 -4.02 -7.56
CA GLN A 61 0.01 -5.43 -7.65
C GLN A 61 0.65 -6.13 -8.85
N ASN A 62 0.60 -5.53 -10.01
CA ASN A 62 1.20 -6.17 -11.21
C ASN A 62 2.72 -6.22 -11.07
N ARG A 63 3.29 -5.31 -10.33
CA ARG A 63 4.78 -5.30 -10.16
C ARG A 63 5.22 -6.47 -9.28
N GLU A 64 4.42 -6.85 -8.33
CA GLU A 64 4.80 -7.98 -7.43
C GLU A 64 5.40 -9.13 -8.26
N ASN A 65 4.97 -9.27 -9.48
CA ASN A 65 5.51 -10.36 -10.33
C ASN A 65 6.56 -9.81 -11.31
N SER A 66 7.36 -8.90 -10.86
CA SER A 66 8.41 -8.31 -11.75
C SER A 66 9.58 -7.78 -10.92
N LYS A 67 10.64 -8.52 -10.84
CA LYS A 67 11.82 -8.05 -10.05
C LYS A 67 12.71 -7.15 -10.89
N ILE A 68 12.50 -5.87 -10.85
CA ILE A 68 13.33 -4.93 -11.66
C ILE A 68 13.54 -5.50 -13.07
N LEU A 69 12.72 -5.11 -14.00
CA LEU A 69 12.87 -5.62 -15.39
C LEU A 69 12.46 -4.55 -16.40
N ASP A 1 -1.26 31.88 5.30
CA ASP A 1 -1.95 30.65 4.79
C ASP A 1 -1.24 29.39 5.31
N GLU A 2 -1.94 28.29 5.37
CA GLU A 2 -1.31 27.03 5.86
C GLU A 2 -1.86 25.83 5.10
N PHE A 3 -1.01 25.01 4.55
CA PHE A 3 -1.48 23.83 3.79
C PHE A 3 -0.74 22.57 4.25
N GLU A 4 -1.28 21.86 5.21
CA GLU A 4 -0.60 20.64 5.70
C GLU A 4 -1.61 19.50 5.86
N GLU A 5 -2.67 19.52 5.10
CA GLU A 5 -3.70 18.45 5.22
C GLU A 5 -3.74 17.63 3.92
N PHE A 6 -2.64 17.03 3.55
CA PHE A 6 -2.62 16.22 2.30
C PHE A 6 -1.96 14.87 2.55
N HIS A 7 -2.43 14.15 3.53
CA HIS A 7 -1.84 12.80 3.83
C HIS A 7 -2.19 11.81 2.72
N VAL A 8 -1.25 11.48 1.89
CA VAL A 8 -1.55 10.52 0.78
C VAL A 8 -0.30 9.71 0.43
N PRO A 9 -0.52 8.48 0.08
CA PRO A 9 0.60 7.58 -0.29
C PRO A 9 1.12 7.92 -1.70
N GLU A 10 2.35 7.60 -1.99
CA GLU A 10 2.90 7.91 -3.34
C GLU A 10 3.02 6.63 -4.17
N ARG A 11 3.40 5.55 -3.56
CA ARG A 11 3.54 4.27 -4.32
C ARG A 11 3.81 3.11 -3.35
N ILE A 12 3.57 1.90 -3.78
CA ILE A 12 3.82 0.74 -2.87
C ILE A 12 5.28 0.30 -2.97
N ILE A 13 5.80 -0.24 -1.91
CA ILE A 13 7.23 -0.71 -1.95
C ILE A 13 7.27 -2.21 -1.70
N ASP A 14 6.40 -2.70 -0.86
CA ASP A 14 6.37 -4.15 -0.58
C ASP A 14 4.99 -4.54 -0.02
N SER A 15 4.72 -5.81 0.08
CA SER A 15 3.41 -6.24 0.62
C SER A 15 3.60 -7.20 1.79
N GLN A 16 2.59 -7.37 2.60
CA GLN A 16 2.73 -8.30 3.77
C GLN A 16 1.40 -9.00 4.05
N ARG A 17 1.10 -10.05 3.33
CA ARG A 17 -0.18 -10.78 3.57
C ARG A 17 0.07 -11.94 4.53
N ALA A 18 -0.36 -11.81 5.76
CA ALA A 18 -0.14 -12.90 6.75
C ALA A 18 -1.46 -13.53 7.17
N SER A 19 -1.52 -14.83 7.24
CA SER A 19 -2.78 -15.51 7.67
C SER A 19 -3.02 -15.24 9.15
N LEU A 20 -4.25 -15.07 9.55
CA LEU A 20 -4.52 -14.79 10.99
C LEU A 20 -4.63 -16.11 11.77
N GLU A 21 -5.77 -16.74 11.75
CA GLU A 21 -5.91 -18.03 12.50
C GLU A 21 -7.35 -18.52 12.46
N ASP A 22 -8.29 -17.63 12.50
CA ASP A 22 -9.72 -18.05 12.46
C ASP A 22 -10.19 -18.15 11.00
N GLY A 23 -9.28 -18.38 10.10
CA GLY A 23 -9.66 -18.46 8.67
C GLY A 23 -9.57 -17.07 8.07
N THR A 24 -8.84 -16.20 8.71
CA THR A 24 -8.71 -14.81 8.21
C THR A 24 -7.27 -14.55 7.73
N SER A 25 -7.01 -13.35 7.29
CA SER A 25 -5.64 -13.00 6.81
C SER A 25 -5.44 -11.49 6.84
N GLN A 26 -4.37 -11.04 7.42
CA GLN A 26 -4.13 -9.56 7.49
C GLN A 26 -3.30 -9.11 6.29
N LEU A 27 -3.94 -8.55 5.30
CA LEU A 27 -3.20 -8.08 4.09
C LEU A 27 -2.73 -6.63 4.28
N GLN A 28 -1.46 -6.38 4.13
CA GLN A 28 -0.95 -4.99 4.32
C GLN A 28 0.04 -4.63 3.21
N TYR A 29 -0.02 -3.43 2.72
CA TYR A 29 0.91 -2.99 1.64
C TYR A 29 1.83 -1.88 2.15
N LEU A 30 3.12 -2.05 2.00
CA LEU A 30 4.05 -0.99 2.47
C LEU A 30 4.00 0.21 1.52
N VAL A 31 3.64 1.36 2.01
CA VAL A 31 3.55 2.55 1.11
C VAL A 31 4.50 3.65 1.56
N LYS A 32 4.97 4.44 0.64
CA LYS A 32 5.90 5.56 0.99
C LYS A 32 5.12 6.87 1.05
N TRP A 33 4.83 7.34 2.24
CA TRP A 33 4.05 8.62 2.36
C TRP A 33 4.90 9.81 1.96
N ARG A 34 4.47 10.57 0.99
CA ARG A 34 5.26 11.77 0.56
C ARG A 34 4.92 12.96 1.46
N ARG A 35 3.70 13.42 1.42
CA ARG A 35 3.31 14.57 2.28
C ARG A 35 4.41 15.63 2.29
N LEU A 36 5.29 15.58 3.26
CA LEU A 36 6.39 16.59 3.32
C LEU A 36 7.52 16.09 4.22
N ASN A 37 7.63 14.79 4.37
CA ASN A 37 8.71 14.23 5.23
C ASN A 37 9.95 13.92 4.40
N TYR A 38 11.06 13.67 5.04
CA TYR A 38 12.31 13.35 4.28
C TYR A 38 12.27 11.89 3.78
N ASP A 39 11.95 10.97 4.66
CA ASP A 39 11.91 9.55 4.25
C ASP A 39 11.46 8.68 5.43
N GLU A 40 10.35 8.00 5.31
CA GLU A 40 9.88 7.15 6.43
C GLU A 40 8.59 6.41 6.04
N ALA A 41 8.67 5.52 5.09
CA ALA A 41 7.44 4.78 4.66
C ALA A 41 7.00 3.84 5.79
N THR A 42 5.84 3.25 5.67
CA THR A 42 5.36 2.32 6.74
C THR A 42 4.48 1.23 6.14
N TRP A 43 3.69 0.58 6.96
CA TRP A 43 2.82 -0.51 6.45
C TRP A 43 1.34 -0.16 6.65
N GLU A 44 0.53 -0.39 5.65
CA GLU A 44 -0.93 -0.10 5.79
C GLU A 44 -1.73 -1.22 5.13
N ASN A 45 -2.96 -1.40 5.51
CA ASN A 45 -3.76 -2.49 4.90
C ASN A 45 -3.73 -2.35 3.38
N ALA A 46 -3.47 -3.42 2.68
CA ALA A 46 -3.45 -3.32 1.20
C ALA A 46 -4.85 -3.01 0.71
N THR A 47 -5.82 -3.18 1.57
CA THR A 47 -7.22 -2.89 1.20
C THR A 47 -7.44 -1.38 1.24
N ASP A 48 -6.97 -0.73 2.27
CA ASP A 48 -7.13 0.74 2.36
C ASP A 48 -6.37 1.40 1.22
N ILE A 49 -5.13 1.05 1.05
CA ILE A 49 -4.33 1.66 -0.06
C ILE A 49 -5.02 1.38 -1.39
N VAL A 50 -5.67 0.25 -1.52
CA VAL A 50 -6.36 -0.04 -2.80
C VAL A 50 -7.38 1.06 -3.04
N LYS A 51 -8.16 1.37 -2.05
CA LYS A 51 -9.18 2.44 -2.19
C LYS A 51 -8.49 3.81 -2.08
N LEU A 52 -7.67 3.99 -1.06
CA LEU A 52 -6.95 5.28 -0.91
C LEU A 52 -6.11 5.54 -2.15
N ALA A 53 -5.33 4.56 -2.52
CA ALA A 53 -4.47 4.70 -3.74
C ALA A 53 -4.56 3.41 -4.56
N PRO A 54 -5.62 3.30 -5.33
CA PRO A 54 -5.83 2.10 -6.17
C PRO A 54 -4.80 2.03 -7.29
N GLU A 55 -4.74 3.05 -8.12
CA GLU A 55 -3.76 3.04 -9.23
C GLU A 55 -2.39 2.57 -8.71
N GLN A 56 -2.06 2.91 -7.49
CA GLN A 56 -0.76 2.48 -6.92
C GLN A 56 -0.81 0.97 -6.62
N VAL A 57 -1.67 0.58 -5.72
CA VAL A 57 -1.77 -0.87 -5.40
C VAL A 57 -1.85 -1.67 -6.70
N LYS A 58 -2.63 -1.24 -7.64
CA LYS A 58 -2.71 -1.97 -8.93
C LYS A 58 -1.33 -1.98 -9.58
N HIS A 59 -0.75 -0.82 -9.79
CA HIS A 59 0.61 -0.78 -10.40
C HIS A 59 1.55 -1.60 -9.53
N PHE A 60 1.37 -1.51 -8.23
CA PHE A 60 2.21 -2.31 -7.29
C PHE A 60 1.90 -3.79 -7.49
N GLN A 61 0.65 -4.11 -7.67
CA GLN A 61 0.25 -5.52 -7.88
C GLN A 61 0.81 -6.04 -9.20
N ASN A 62 0.78 -5.23 -10.22
CA ASN A 62 1.32 -5.68 -11.53
C ASN A 62 2.85 -5.66 -11.51
N ARG A 63 3.43 -4.67 -10.89
CA ARG A 63 4.91 -4.59 -10.83
C ARG A 63 5.48 -5.87 -10.20
N GLU A 64 4.84 -6.38 -9.19
CA GLU A 64 5.34 -7.63 -8.53
C GLU A 64 5.58 -8.72 -9.58
N ASN A 65 4.93 -8.62 -10.71
CA ASN A 65 5.12 -9.66 -11.77
C ASN A 65 5.05 -9.01 -13.16
N SER A 66 6.11 -8.38 -13.58
CA SER A 66 6.11 -7.73 -14.93
C SER A 66 7.53 -7.32 -15.31
N LYS A 67 8.47 -8.21 -15.22
CA LYS A 67 9.87 -7.86 -15.59
C LYS A 67 10.57 -9.07 -16.22
N ILE A 68 10.40 -9.26 -17.50
CA ILE A 68 11.06 -10.43 -18.18
C ILE A 68 12.39 -9.99 -18.80
N LEU A 69 13.36 -10.85 -18.81
CA LEU A 69 14.68 -10.49 -19.40
C LEU A 69 15.15 -9.13 -18.87
N ASP A 1 -12.37 24.37 0.73
CA ASP A 1 -12.65 22.93 0.99
C ASP A 1 -12.04 22.50 2.33
N GLU A 2 -12.87 22.11 3.26
CA GLU A 2 -12.35 21.67 4.59
C GLU A 2 -11.44 20.45 4.42
N PHE A 3 -10.17 20.67 4.18
CA PHE A 3 -9.24 19.52 4.01
C PHE A 3 -7.87 19.84 4.62
N GLU A 4 -7.53 19.19 5.69
CA GLU A 4 -6.21 19.46 6.33
C GLU A 4 -5.47 18.15 6.59
N GLU A 5 -5.90 17.08 5.97
CA GLU A 5 -5.22 15.78 6.19
C GLU A 5 -3.90 15.73 5.41
N PHE A 6 -3.88 16.27 4.22
CA PHE A 6 -2.63 16.26 3.41
C PHE A 6 -1.94 14.91 3.54
N HIS A 7 -2.70 13.84 3.55
CA HIS A 7 -2.07 12.48 3.67
C HIS A 7 -2.40 11.64 2.44
N VAL A 8 -1.45 11.48 1.55
CA VAL A 8 -1.69 10.66 0.34
C VAL A 8 -0.46 9.80 0.04
N PRO A 9 -0.71 8.58 -0.33
CA PRO A 9 0.39 7.64 -0.64
C PRO A 9 0.99 7.95 -2.02
N GLU A 10 2.27 7.73 -2.18
CA GLU A 10 2.91 8.02 -3.50
C GLU A 10 2.97 6.73 -4.34
N ARG A 11 3.27 5.63 -3.72
CA ARG A 11 3.35 4.34 -4.48
C ARG A 11 3.67 3.19 -3.52
N ILE A 12 3.61 1.97 -4.00
CA ILE A 12 3.91 0.82 -3.11
C ILE A 12 5.36 0.38 -3.28
N ILE A 13 5.97 -0.11 -2.23
CA ILE A 13 7.38 -0.58 -2.33
C ILE A 13 7.44 -2.07 -2.04
N ASP A 14 6.59 -2.53 -1.17
CA ASP A 14 6.59 -3.98 -0.83
C ASP A 14 5.22 -4.37 -0.25
N SER A 15 4.97 -5.64 -0.09
CA SER A 15 3.66 -6.08 0.47
C SER A 15 3.87 -7.06 1.62
N GLN A 16 2.91 -7.20 2.48
CA GLN A 16 3.06 -8.14 3.62
C GLN A 16 1.73 -8.88 3.87
N ARG A 17 1.54 -9.99 3.23
CA ARG A 17 0.27 -10.76 3.42
C ARG A 17 0.47 -11.87 4.45
N ALA A 18 -0.03 -11.70 5.64
CA ALA A 18 0.14 -12.74 6.69
C ALA A 18 -1.18 -13.48 6.91
N SER A 19 -1.12 -14.75 7.21
CA SER A 19 -2.37 -15.52 7.44
C SER A 19 -2.84 -15.36 8.90
N LEU A 20 -4.12 -15.31 9.11
CA LEU A 20 -4.63 -15.14 10.50
C LEU A 20 -5.11 -16.48 11.05
N GLU A 21 -5.71 -17.28 10.21
CA GLU A 21 -6.22 -18.63 10.64
C GLU A 21 -7.54 -18.49 11.39
N ASP A 22 -7.89 -17.32 11.84
CA ASP A 22 -9.18 -17.15 12.56
C ASP A 22 -10.32 -17.08 11.54
N GLY A 23 -10.00 -17.22 10.28
CA GLY A 23 -11.05 -17.15 9.24
C GLY A 23 -10.65 -16.14 8.17
N THR A 24 -9.46 -15.61 8.25
CA THR A 24 -9.01 -14.62 7.23
C THR A 24 -7.49 -14.46 7.24
N SER A 25 -7.01 -13.35 6.74
CA SER A 25 -5.53 -13.11 6.71
C SER A 25 -5.26 -11.61 6.83
N GLN A 26 -4.09 -11.24 7.26
CA GLN A 26 -3.77 -9.79 7.39
C GLN A 26 -2.98 -9.32 6.16
N LEU A 27 -3.62 -8.59 5.28
CA LEU A 27 -2.91 -8.10 4.06
C LEU A 27 -2.46 -6.64 4.27
N GLN A 28 -1.22 -6.35 3.99
CA GLN A 28 -0.73 -4.96 4.19
C GLN A 28 0.25 -4.58 3.08
N TYR A 29 0.17 -3.37 2.60
CA TYR A 29 1.10 -2.91 1.52
C TYR A 29 2.01 -1.80 2.05
N LEU A 30 3.27 -1.82 1.71
CA LEU A 30 4.20 -0.75 2.17
C LEU A 30 4.10 0.44 1.22
N VAL A 31 3.72 1.59 1.71
CA VAL A 31 3.59 2.77 0.80
C VAL A 31 4.55 3.88 1.20
N LYS A 32 4.88 4.74 0.28
CA LYS A 32 5.80 5.87 0.59
C LYS A 32 4.99 7.17 0.74
N TRP A 33 4.60 7.49 1.93
CA TRP A 33 3.80 8.73 2.15
C TRP A 33 4.60 9.96 1.70
N ARG A 34 4.03 10.75 0.82
CA ARG A 34 4.74 11.96 0.35
C ARG A 34 5.00 12.93 1.52
N ARG A 35 5.98 12.64 2.33
CA ARG A 35 6.26 13.54 3.48
C ARG A 35 7.76 13.54 3.79
N LEU A 36 8.24 14.58 4.42
CA LEU A 36 9.70 14.63 4.75
C LEU A 36 9.90 14.51 6.27
N ASN A 37 10.58 13.49 6.71
CA ASN A 37 10.80 13.33 8.17
C ASN A 37 11.61 12.06 8.46
N TYR A 38 11.61 11.61 9.68
CA TYR A 38 12.38 10.37 10.02
C TYR A 38 11.75 9.15 9.36
N ASP A 39 12.55 8.24 8.87
CA ASP A 39 11.99 7.02 8.22
C ASP A 39 11.22 7.41 6.96
N GLU A 40 11.12 6.53 6.01
CA GLU A 40 10.37 6.85 4.76
C GLU A 40 9.41 5.71 4.40
N ALA A 41 8.18 6.04 4.12
CA ALA A 41 7.20 4.97 3.76
C ALA A 41 6.98 4.02 4.93
N THR A 42 5.75 3.65 5.19
CA THR A 42 5.47 2.72 6.31
C THR A 42 4.61 1.55 5.81
N TRP A 43 3.94 0.87 6.70
CA TRP A 43 3.10 -0.29 6.26
C TRP A 43 1.62 -0.01 6.52
N GLU A 44 0.78 -0.32 5.56
CA GLU A 44 -0.67 -0.09 5.73
C GLU A 44 -1.45 -1.23 5.06
N ASN A 45 -2.65 -1.50 5.51
CA ASN A 45 -3.43 -2.60 4.89
C ASN A 45 -3.46 -2.42 3.37
N ALA A 46 -3.27 -3.48 2.63
CA ALA A 46 -3.32 -3.36 1.16
C ALA A 46 -4.76 -3.04 0.74
N THR A 47 -5.67 -3.23 1.66
CA THR A 47 -7.10 -2.94 1.37
C THR A 47 -7.32 -1.43 1.37
N ASP A 48 -6.91 -0.77 2.42
CA ASP A 48 -7.07 0.69 2.49
C ASP A 48 -6.33 1.35 1.33
N ILE A 49 -5.10 0.94 1.09
CA ILE A 49 -4.34 1.53 -0.04
C ILE A 49 -5.04 1.22 -1.36
N VAL A 50 -5.70 0.11 -1.46
CA VAL A 50 -6.42 -0.20 -2.74
C VAL A 50 -7.46 0.89 -2.95
N LYS A 51 -8.09 1.33 -1.90
CA LYS A 51 -9.11 2.40 -2.01
C LYS A 51 -8.42 3.76 -1.91
N LEU A 52 -7.57 3.93 -0.94
CA LEU A 52 -6.84 5.22 -0.80
C LEU A 52 -5.98 5.45 -2.03
N ALA A 53 -5.41 4.39 -2.54
CA ALA A 53 -4.56 4.49 -3.75
C ALA A 53 -4.70 3.22 -4.58
N PRO A 54 -5.78 3.13 -5.31
CA PRO A 54 -6.04 1.93 -6.16
C PRO A 54 -5.03 1.88 -7.31
N GLU A 55 -4.90 2.95 -8.03
CA GLU A 55 -3.91 2.96 -9.16
C GLU A 55 -2.56 2.46 -8.67
N GLN A 56 -2.18 2.83 -7.48
CA GLN A 56 -0.87 2.38 -6.94
C GLN A 56 -0.94 0.87 -6.65
N VAL A 57 -1.80 0.46 -5.77
CA VAL A 57 -1.91 -1.00 -5.46
C VAL A 57 -2.03 -1.79 -6.77
N LYS A 58 -2.73 -1.25 -7.74
CA LYS A 58 -2.85 -1.96 -9.04
C LYS A 58 -1.49 -1.97 -9.73
N HIS A 59 -0.91 -0.82 -9.92
CA HIS A 59 0.45 -0.77 -10.56
C HIS A 59 1.40 -1.61 -9.71
N PHE A 60 1.31 -1.46 -8.42
CA PHE A 60 2.17 -2.25 -7.50
C PHE A 60 1.83 -3.72 -7.66
N GLN A 61 0.56 -4.03 -7.75
CA GLN A 61 0.13 -5.44 -7.93
C GLN A 61 0.83 -6.07 -9.13
N ASN A 62 0.82 -5.38 -10.25
CA ASN A 62 1.50 -5.94 -11.46
C ASN A 62 3.00 -5.63 -11.41
N ARG A 63 3.35 -4.47 -10.92
CA ARG A 63 4.80 -4.11 -10.85
C ARG A 63 5.55 -5.07 -9.93
N GLU A 64 4.90 -5.55 -8.90
CA GLU A 64 5.59 -6.49 -7.97
C GLU A 64 6.22 -7.65 -8.73
N ASN A 65 5.71 -7.95 -9.90
CA ASN A 65 6.29 -9.07 -10.70
C ASN A 65 6.23 -8.74 -12.19
N SER A 66 7.10 -7.87 -12.65
CA SER A 66 7.10 -7.51 -14.09
C SER A 66 8.38 -6.75 -14.45
N LYS A 67 9.32 -7.40 -15.06
CA LYS A 67 10.60 -6.71 -15.43
C LYS A 67 11.40 -6.36 -14.18
N ILE A 68 11.61 -7.31 -13.31
CA ILE A 68 12.38 -7.03 -12.07
C ILE A 68 13.59 -7.97 -11.99
N LEU A 69 14.75 -7.43 -11.70
CA LEU A 69 15.96 -8.28 -11.61
C LEU A 69 15.80 -9.33 -10.50
N ASP A 1 -19.99 15.37 -0.89
CA ASP A 1 -18.74 15.70 -1.62
C ASP A 1 -17.54 15.52 -0.70
N GLU A 2 -16.34 15.60 -1.24
CA GLU A 2 -15.13 15.43 -0.40
C GLU A 2 -13.90 16.00 -1.11
N PHE A 3 -12.81 16.16 -0.41
CA PHE A 3 -11.58 16.71 -1.05
C PHE A 3 -10.43 16.72 -0.03
N GLU A 4 -10.12 15.59 0.53
CA GLU A 4 -9.02 15.53 1.54
C GLU A 4 -7.80 16.32 1.03
N GLU A 5 -7.01 15.73 0.19
CA GLU A 5 -5.80 16.44 -0.32
C GLU A 5 -4.83 16.73 0.82
N PHE A 6 -4.43 15.73 1.54
CA PHE A 6 -3.49 15.95 2.68
C PHE A 6 -2.69 14.66 2.97
N HIS A 7 -3.36 13.63 3.40
CA HIS A 7 -2.64 12.35 3.69
C HIS A 7 -2.75 11.40 2.49
N VAL A 8 -1.75 11.34 1.67
CA VAL A 8 -1.82 10.43 0.49
C VAL A 8 -0.51 9.65 0.34
N PRO A 9 -0.63 8.42 -0.10
CA PRO A 9 0.55 7.55 -0.29
C PRO A 9 1.26 7.89 -1.61
N GLU A 10 2.55 7.83 -1.62
CA GLU A 10 3.30 8.14 -2.88
C GLU A 10 3.31 6.92 -3.80
N ARG A 11 3.46 5.75 -3.23
CA ARG A 11 3.49 4.51 -4.07
C ARG A 11 3.78 3.30 -3.18
N ILE A 12 3.63 2.11 -3.71
CA ILE A 12 3.91 0.90 -2.88
C ILE A 12 5.39 0.49 -3.03
N ILE A 13 5.99 0.00 -1.99
CA ILE A 13 7.41 -0.44 -2.09
C ILE A 13 7.51 -1.92 -1.76
N ASP A 14 6.61 -2.42 -0.95
CA ASP A 14 6.66 -3.86 -0.61
C ASP A 14 5.28 -4.32 -0.12
N SER A 15 5.10 -5.60 0.10
CA SER A 15 3.78 -6.10 0.57
C SER A 15 3.96 -7.09 1.71
N GLN A 16 3.00 -7.19 2.59
CA GLN A 16 3.11 -8.14 3.72
C GLN A 16 1.78 -8.85 3.97
N ARG A 17 1.56 -9.96 3.31
CA ARG A 17 0.28 -10.70 3.50
C ARG A 17 0.44 -11.76 4.59
N ALA A 18 0.03 -11.46 5.79
CA ALA A 18 0.17 -12.44 6.90
C ALA A 18 -1.12 -13.25 7.06
N SER A 19 -1.02 -14.43 7.61
CA SER A 19 -2.24 -15.27 7.81
C SER A 19 -2.68 -15.20 9.26
N LEU A 20 -3.96 -15.05 9.51
CA LEU A 20 -4.44 -14.99 10.91
C LEU A 20 -4.81 -16.38 11.40
N GLU A 21 -5.33 -17.20 10.52
CA GLU A 21 -5.73 -18.60 10.88
C GLU A 21 -7.07 -18.62 11.62
N ASP A 22 -7.49 -17.51 12.16
CA ASP A 22 -8.79 -17.48 12.87
C ASP A 22 -9.93 -17.44 11.84
N GLY A 23 -9.60 -17.46 10.57
CA GLY A 23 -10.65 -17.42 9.53
C GLY A 23 -10.29 -16.41 8.45
N THR A 24 -9.13 -15.81 8.53
CA THR A 24 -8.76 -14.80 7.49
C THR A 24 -7.26 -14.52 7.49
N SER A 25 -6.84 -13.50 6.79
CA SER A 25 -5.39 -13.15 6.73
C SER A 25 -5.23 -11.64 6.82
N GLN A 26 -4.07 -11.17 7.22
CA GLN A 26 -3.86 -9.70 7.33
C GLN A 26 -3.01 -9.19 6.16
N LEU A 27 -3.65 -8.72 5.12
CA LEU A 27 -2.89 -8.20 3.94
C LEU A 27 -2.45 -6.76 4.19
N GLN A 28 -1.20 -6.45 3.93
CA GLN A 28 -0.72 -5.06 4.16
C GLN A 28 0.28 -4.66 3.07
N TYR A 29 0.18 -3.45 2.58
CA TYR A 29 1.12 -2.98 1.52
C TYR A 29 2.02 -1.86 2.07
N LEU A 30 3.30 -1.99 1.90
CA LEU A 30 4.22 -0.92 2.39
C LEU A 30 4.09 0.32 1.50
N VAL A 31 3.76 1.45 2.07
CA VAL A 31 3.62 2.67 1.23
C VAL A 31 4.51 3.80 1.75
N LYS A 32 4.95 4.66 0.88
CA LYS A 32 5.82 5.79 1.31
C LYS A 32 5.02 7.10 1.29
N TRP A 33 4.38 7.43 2.38
CA TRP A 33 3.59 8.69 2.43
C TRP A 33 4.46 9.90 2.08
N ARG A 34 3.99 10.74 1.21
CA ARG A 34 4.80 11.95 0.83
C ARG A 34 4.46 13.13 1.75
N ARG A 35 4.62 12.95 3.04
CA ARG A 35 4.31 14.06 3.98
C ARG A 35 5.45 14.23 4.99
N LEU A 36 6.57 13.61 4.73
CA LEU A 36 7.72 13.74 5.68
C LEU A 36 7.28 13.38 7.10
N ASN A 37 6.52 12.32 7.24
CA ASN A 37 6.06 11.92 8.60
C ASN A 37 6.96 10.81 9.16
N TYR A 38 6.94 10.61 10.44
CA TYR A 38 7.79 9.54 11.06
C TYR A 38 9.21 9.61 10.48
N ASP A 39 9.95 8.54 10.55
CA ASP A 39 11.33 8.54 10.02
C ASP A 39 11.33 8.13 8.54
N GLU A 40 10.31 7.45 8.10
CA GLU A 40 10.25 7.02 6.68
C GLU A 40 8.88 6.41 6.36
N ALA A 41 8.81 5.61 5.32
CA ALA A 41 7.51 4.99 4.96
C ALA A 41 7.06 4.00 6.05
N THR A 42 5.89 3.45 5.91
CA THR A 42 5.40 2.48 6.93
C THR A 42 4.57 1.38 6.28
N TRP A 43 3.79 0.67 7.05
CA TRP A 43 2.95 -0.42 6.47
C TRP A 43 1.46 -0.13 6.64
N GLU A 44 0.68 -0.42 5.65
CA GLU A 44 -0.78 -0.18 5.75
C GLU A 44 -1.54 -1.31 5.03
N ASN A 45 -2.75 -1.56 5.43
CA ASN A 45 -3.52 -2.65 4.78
C ASN A 45 -3.52 -2.46 3.26
N ALA A 46 -3.29 -3.51 2.53
CA ALA A 46 -3.29 -3.36 1.05
C ALA A 46 -4.71 -3.05 0.60
N THR A 47 -5.66 -3.24 1.48
CA THR A 47 -7.07 -2.96 1.15
C THR A 47 -7.31 -1.45 1.19
N ASP A 48 -6.89 -0.81 2.24
CA ASP A 48 -7.07 0.66 2.34
C ASP A 48 -6.31 1.35 1.20
N ILE A 49 -5.06 1.01 1.01
CA ILE A 49 -4.28 1.64 -0.09
C ILE A 49 -4.95 1.34 -1.42
N VAL A 50 -5.61 0.23 -1.56
CA VAL A 50 -6.29 -0.06 -2.85
C VAL A 50 -7.34 1.02 -3.08
N LYS A 51 -8.11 1.33 -2.07
CA LYS A 51 -9.15 2.39 -2.21
C LYS A 51 -8.49 3.77 -2.06
N LEU A 52 -7.64 3.93 -1.09
CA LEU A 52 -6.95 5.24 -0.91
C LEU A 52 -6.07 5.50 -2.12
N ALA A 53 -5.31 4.53 -2.50
CA ALA A 53 -4.42 4.66 -3.68
C ALA A 53 -4.55 3.42 -4.57
N PRO A 54 -5.63 3.35 -5.29
CA PRO A 54 -5.88 2.18 -6.19
C PRO A 54 -4.88 2.19 -7.33
N GLU A 55 -4.66 3.32 -7.94
CA GLU A 55 -3.69 3.38 -9.07
C GLU A 55 -2.31 2.89 -8.59
N GLN A 56 -1.96 3.21 -7.38
CA GLN A 56 -0.64 2.77 -6.84
C GLN A 56 -0.67 1.27 -6.58
N VAL A 57 -1.59 0.80 -5.78
CA VAL A 57 -1.67 -0.66 -5.51
C VAL A 57 -1.78 -1.42 -6.82
N LYS A 58 -2.64 -0.99 -7.71
CA LYS A 58 -2.75 -1.71 -9.02
C LYS A 58 -1.40 -1.67 -9.72
N HIS A 59 -0.77 -0.52 -9.74
CA HIS A 59 0.57 -0.43 -10.39
C HIS A 59 1.55 -1.25 -9.57
N PHE A 60 1.37 -1.26 -8.28
CA PHE A 60 2.26 -2.06 -7.39
C PHE A 60 1.98 -3.54 -7.60
N GLN A 61 0.72 -3.88 -7.69
CA GLN A 61 0.33 -5.30 -7.93
C GLN A 61 0.79 -5.75 -9.31
N ASN A 62 0.63 -4.89 -10.29
CA ASN A 62 1.05 -5.26 -11.68
C ASN A 62 2.58 -5.41 -11.74
N ARG A 63 3.29 -4.51 -11.12
CA ARG A 63 4.78 -4.60 -11.14
C ARG A 63 5.23 -5.92 -10.53
N GLU A 64 4.53 -6.39 -9.53
CA GLU A 64 4.93 -7.67 -8.87
C GLU A 64 5.12 -8.76 -9.93
N ASN A 65 4.29 -8.79 -10.92
CA ASN A 65 4.43 -9.83 -11.98
C ASN A 65 3.48 -9.54 -13.15
N SER A 66 3.78 -8.53 -13.92
CA SER A 66 2.90 -8.20 -15.07
C SER A 66 3.66 -7.34 -16.08
N LYS A 67 4.95 -7.48 -16.15
CA LYS A 67 5.76 -6.67 -17.12
C LYS A 67 7.25 -7.02 -16.98
N ILE A 68 7.84 -7.53 -18.02
CA ILE A 68 9.29 -7.89 -17.95
C ILE A 68 10.07 -7.12 -19.01
N LEU A 69 11.36 -7.31 -19.07
CA LEU A 69 12.18 -6.58 -20.08
C LEU A 69 12.74 -7.58 -21.10
N ASP A 1 -15.62 14.52 4.44
CA ASP A 1 -15.92 15.64 3.51
C ASP A 1 -14.67 16.02 2.71
N GLU A 2 -14.85 16.62 1.57
CA GLU A 2 -13.66 17.02 0.75
C GLU A 2 -12.85 18.09 1.48
N PHE A 3 -12.09 17.70 2.48
CA PHE A 3 -11.28 18.68 3.24
C PHE A 3 -9.86 18.15 3.44
N GLU A 4 -8.93 19.00 3.77
CA GLU A 4 -7.52 18.55 3.99
C GLU A 4 -7.08 17.63 2.84
N GLU A 5 -7.27 16.35 3.00
CA GLU A 5 -6.86 15.41 1.91
C GLU A 5 -5.37 15.58 1.59
N PHE A 6 -4.64 16.20 2.48
CA PHE A 6 -3.18 16.40 2.22
C PHE A 6 -2.43 15.08 2.39
N HIS A 7 -3.08 14.08 2.92
CA HIS A 7 -2.39 12.76 3.11
C HIS A 7 -2.70 11.83 1.94
N VAL A 8 -1.70 11.48 1.17
CA VAL A 8 -1.93 10.57 0.00
C VAL A 8 -0.68 9.73 -0.25
N PRO A 9 -0.91 8.48 -0.56
CA PRO A 9 0.20 7.54 -0.83
C PRO A 9 0.85 7.85 -2.19
N GLU A 10 2.15 7.78 -2.28
CA GLU A 10 2.82 8.07 -3.57
C GLU A 10 2.89 6.79 -4.42
N ARG A 11 3.28 5.70 -3.82
CA ARG A 11 3.37 4.42 -4.58
C ARG A 11 3.67 3.27 -3.62
N ILE A 12 3.46 2.05 -4.04
CA ILE A 12 3.75 0.90 -3.13
C ILE A 12 5.23 0.51 -3.23
N ILE A 13 5.80 0.02 -2.17
CA ILE A 13 7.22 -0.40 -2.22
C ILE A 13 7.34 -1.88 -1.92
N ASP A 14 6.48 -2.40 -1.10
CA ASP A 14 6.54 -3.85 -0.77
C ASP A 14 5.17 -4.31 -0.25
N SER A 15 5.01 -5.59 -0.04
CA SER A 15 3.71 -6.10 0.47
C SER A 15 3.94 -7.08 1.62
N GLN A 16 2.93 -7.29 2.44
CA GLN A 16 3.10 -8.23 3.58
C GLN A 16 1.78 -8.94 3.90
N ARG A 17 1.56 -10.10 3.34
CA ARG A 17 0.30 -10.83 3.63
C ARG A 17 0.54 -11.87 4.74
N ALA A 18 0.08 -11.58 5.92
CA ALA A 18 0.28 -12.54 7.05
C ALA A 18 -1.00 -13.32 7.32
N SER A 19 -0.93 -14.63 7.26
CA SER A 19 -2.16 -15.44 7.52
C SER A 19 -2.55 -15.33 9.00
N LEU A 20 -3.82 -15.30 9.28
CA LEU A 20 -4.27 -15.19 10.70
C LEU A 20 -4.57 -16.58 11.25
N GLU A 21 -5.16 -17.43 10.45
CA GLU A 21 -5.50 -18.82 10.88
C GLU A 21 -6.80 -18.83 11.71
N ASP A 22 -7.18 -17.71 12.26
CA ASP A 22 -8.44 -17.68 13.06
C ASP A 22 -9.64 -17.67 12.11
N GLY A 23 -9.38 -17.70 10.82
CA GLY A 23 -10.51 -17.70 9.84
C GLY A 23 -10.25 -16.69 8.73
N THR A 24 -9.09 -16.07 8.71
CA THR A 24 -8.81 -15.08 7.64
C THR A 24 -7.30 -14.81 7.53
N SER A 25 -6.94 -13.73 6.90
CA SER A 25 -5.50 -13.38 6.74
C SER A 25 -5.29 -11.87 6.85
N GLN A 26 -4.11 -11.44 7.20
CA GLN A 26 -3.85 -9.98 7.33
C GLN A 26 -2.99 -9.50 6.16
N LEU A 27 -3.55 -8.70 5.29
CA LEU A 27 -2.77 -8.20 4.12
C LEU A 27 -2.37 -6.74 4.34
N GLN A 28 -1.16 -6.38 3.97
CA GLN A 28 -0.71 -4.97 4.16
C GLN A 28 0.28 -4.58 3.05
N TYR A 29 0.12 -3.41 2.50
CA TYR A 29 1.05 -2.95 1.42
C TYR A 29 1.92 -1.80 1.93
N LEU A 30 3.22 -1.89 1.77
CA LEU A 30 4.11 -0.79 2.22
C LEU A 30 3.97 0.41 1.26
N VAL A 31 3.62 1.55 1.77
CA VAL A 31 3.45 2.73 0.88
C VAL A 31 4.42 3.86 1.25
N LYS A 32 4.72 4.72 0.31
CA LYS A 32 5.65 5.84 0.59
C LYS A 32 4.88 7.16 0.61
N TRP A 33 4.38 7.55 1.74
CA TRP A 33 3.61 8.82 1.82
C TRP A 33 4.41 9.98 1.24
N ARG A 34 3.97 10.54 0.15
CA ARG A 34 4.72 11.68 -0.47
C ARG A 34 5.01 12.74 0.59
N ARG A 35 4.20 12.82 1.61
CA ARG A 35 4.44 13.84 2.67
C ARG A 35 5.13 13.20 3.88
N LEU A 36 6.41 12.96 3.78
CA LEU A 36 7.14 12.34 4.92
C LEU A 36 7.30 13.34 6.07
N ASN A 37 6.79 13.02 7.22
CA ASN A 37 6.92 13.97 8.37
C ASN A 37 7.18 13.20 9.67
N TYR A 38 6.28 12.33 10.04
CA TYR A 38 6.48 11.54 11.30
C TYR A 38 7.06 10.17 10.98
N ASP A 39 7.14 9.83 9.71
CA ASP A 39 7.70 8.50 9.34
C ASP A 39 7.77 8.37 7.81
N GLU A 40 8.92 8.08 7.27
CA GLU A 40 9.04 7.95 5.80
C GLU A 40 8.43 6.63 5.31
N ALA A 41 7.23 6.69 4.79
CA ALA A 41 6.57 5.44 4.29
C ALA A 41 6.38 4.45 5.44
N THR A 42 5.32 3.68 5.39
CA THR A 42 5.08 2.68 6.47
C THR A 42 4.28 1.49 5.92
N TRP A 43 3.63 0.76 6.76
CA TRP A 43 2.84 -0.42 6.28
C TRP A 43 1.34 -0.18 6.50
N GLU A 44 0.56 -0.36 5.47
CA GLU A 44 -0.91 -0.16 5.61
C GLU A 44 -1.65 -1.32 4.94
N ASN A 45 -2.85 -1.60 5.36
CA ASN A 45 -3.60 -2.73 4.74
C ASN A 45 -3.62 -2.55 3.22
N ALA A 46 -3.38 -3.60 2.49
CA ALA A 46 -3.40 -3.49 1.00
C ALA A 46 -4.83 -3.22 0.57
N THR A 47 -5.77 -3.44 1.46
CA THR A 47 -7.19 -3.20 1.13
C THR A 47 -7.48 -1.69 1.21
N ASP A 48 -6.99 -1.05 2.23
CA ASP A 48 -7.22 0.41 2.34
C ASP A 48 -6.49 1.12 1.21
N ILE A 49 -5.23 0.83 1.02
CA ILE A 49 -4.49 1.48 -0.09
C ILE A 49 -5.16 1.15 -1.41
N VAL A 50 -5.78 0.00 -1.51
CA VAL A 50 -6.47 -0.33 -2.78
C VAL A 50 -7.53 0.74 -3.04
N LYS A 51 -8.31 1.03 -2.04
CA LYS A 51 -9.36 2.09 -2.19
C LYS A 51 -8.69 3.46 -2.06
N LEU A 52 -7.90 3.65 -1.04
CA LEU A 52 -7.20 4.95 -0.86
C LEU A 52 -6.40 5.25 -2.13
N ALA A 53 -5.63 4.30 -2.56
CA ALA A 53 -4.81 4.47 -3.79
C ALA A 53 -4.87 3.18 -4.63
N PRO A 54 -5.95 3.03 -5.34
CA PRO A 54 -6.15 1.82 -6.19
C PRO A 54 -5.15 1.83 -7.34
N GLU A 55 -4.94 2.96 -7.95
CA GLU A 55 -3.98 3.02 -9.09
C GLU A 55 -2.59 2.56 -8.62
N GLN A 56 -2.25 2.86 -7.41
CA GLN A 56 -0.91 2.43 -6.89
C GLN A 56 -0.92 0.94 -6.61
N VAL A 57 -1.80 0.48 -5.76
CA VAL A 57 -1.86 -0.97 -5.45
C VAL A 57 -1.99 -1.76 -6.76
N LYS A 58 -2.66 -1.22 -7.74
CA LYS A 58 -2.78 -1.94 -9.04
C LYS A 58 -1.42 -1.90 -9.74
N HIS A 59 -0.88 -0.73 -9.94
CA HIS A 59 0.46 -0.65 -10.59
C HIS A 59 1.45 -1.45 -9.74
N PHE A 60 1.24 -1.43 -8.44
CA PHE A 60 2.12 -2.21 -7.53
C PHE A 60 1.81 -3.70 -7.68
N GLN A 61 0.55 -4.01 -7.83
CA GLN A 61 0.14 -5.43 -7.99
C GLN A 61 0.82 -6.04 -9.21
N ASN A 62 1.08 -5.25 -10.21
CA ASN A 62 1.73 -5.79 -11.44
C ASN A 62 3.25 -5.76 -11.28
N ARG A 63 3.77 -4.85 -10.51
CA ARG A 63 5.24 -4.77 -10.32
C ARG A 63 5.71 -5.87 -9.35
N GLU A 64 4.81 -6.43 -8.60
CA GLU A 64 5.21 -7.50 -7.64
C GLU A 64 5.07 -8.88 -8.29
N ASN A 65 4.46 -8.95 -9.43
CA ASN A 65 4.30 -10.27 -10.11
C ASN A 65 3.61 -10.09 -11.47
N SER A 66 4.38 -9.94 -12.52
CA SER A 66 3.78 -9.75 -13.87
C SER A 66 4.88 -9.51 -14.91
N LYS A 67 4.64 -9.94 -16.13
CA LYS A 67 5.68 -9.73 -17.19
C LYS A 67 5.06 -9.00 -18.39
N ILE A 68 5.81 -8.15 -19.03
CA ILE A 68 5.26 -7.41 -20.20
C ILE A 68 6.32 -7.31 -21.30
N LEU A 69 7.06 -8.36 -21.53
CA LEU A 69 8.09 -8.32 -22.60
C LEU A 69 7.45 -8.46 -23.97
N ASP A 1 -14.07 12.79 16.57
CA ASP A 1 -13.25 13.80 15.85
C ASP A 1 -12.16 13.11 15.00
N GLU A 2 -12.51 12.68 13.82
CA GLU A 2 -11.50 12.00 12.96
C GLU A 2 -11.75 12.31 11.47
N PHE A 3 -11.58 13.54 11.08
CA PHE A 3 -11.79 13.91 9.65
C PHE A 3 -10.49 14.42 9.04
N GLU A 4 -9.44 13.65 9.12
CA GLU A 4 -8.14 14.09 8.55
C GLU A 4 -8.24 14.21 7.02
N GLU A 5 -8.27 13.11 6.34
CA GLU A 5 -8.37 13.16 4.85
C GLU A 5 -7.31 14.12 4.28
N PHE A 6 -6.06 13.87 4.56
CA PHE A 6 -4.99 14.78 4.05
C PHE A 6 -3.77 13.97 3.60
N HIS A 7 -3.30 13.07 4.44
CA HIS A 7 -2.11 12.25 4.05
C HIS A 7 -2.40 11.44 2.79
N VAL A 8 -1.49 11.42 1.86
CA VAL A 8 -1.71 10.64 0.61
C VAL A 8 -0.49 9.80 0.27
N PRO A 9 -0.73 8.58 -0.10
CA PRO A 9 0.37 7.66 -0.47
C PRO A 9 0.91 7.99 -1.86
N GLU A 10 2.17 7.75 -2.10
CA GLU A 10 2.74 8.05 -3.44
C GLU A 10 2.76 6.78 -4.30
N ARG A 11 3.04 5.66 -3.70
CA ARG A 11 3.09 4.39 -4.47
C ARG A 11 3.42 3.23 -3.53
N ILE A 12 3.41 2.02 -4.03
CA ILE A 12 3.74 0.85 -3.14
C ILE A 12 5.21 0.45 -3.32
N ILE A 13 5.79 -0.12 -2.31
CA ILE A 13 7.21 -0.56 -2.41
C ILE A 13 7.28 -2.06 -2.15
N ASP A 14 6.44 -2.56 -1.30
CA ASP A 14 6.46 -4.01 -0.99
C ASP A 14 5.10 -4.44 -0.45
N SER A 15 4.87 -5.71 -0.28
CA SER A 15 3.56 -6.18 0.26
C SER A 15 3.78 -7.14 1.42
N GLN A 16 2.83 -7.23 2.32
CA GLN A 16 2.98 -8.16 3.48
C GLN A 16 1.66 -8.88 3.76
N ARG A 17 1.53 -10.09 3.27
CA ARG A 17 0.28 -10.85 3.51
C ARG A 17 0.52 -11.97 4.52
N ALA A 18 -0.01 -11.85 5.70
CA ALA A 18 0.21 -12.91 6.73
C ALA A 18 -1.13 -13.50 7.19
N SER A 19 -1.17 -14.78 7.40
CA SER A 19 -2.45 -15.42 7.85
C SER A 19 -2.72 -15.05 9.32
N LEU A 20 -3.96 -14.90 9.67
CA LEU A 20 -4.28 -14.52 11.08
C LEU A 20 -4.37 -15.77 11.95
N GLU A 21 -5.49 -16.43 11.98
CA GLU A 21 -5.61 -17.66 12.82
C GLU A 21 -7.06 -18.16 12.85
N ASP A 22 -8.00 -17.26 12.81
CA ASP A 22 -9.44 -17.68 12.84
C ASP A 22 -9.91 -17.96 11.42
N GLY A 23 -9.00 -18.25 10.53
CA GLY A 23 -9.40 -18.52 9.12
C GLY A 23 -9.30 -17.22 8.34
N THR A 24 -8.52 -16.29 8.82
CA THR A 24 -8.39 -15.00 8.12
C THR A 24 -6.93 -14.68 7.84
N SER A 25 -6.66 -13.55 7.24
CA SER A 25 -5.26 -13.17 6.92
C SER A 25 -5.12 -11.66 6.96
N GLN A 26 -4.04 -11.16 7.51
CA GLN A 26 -3.85 -9.69 7.58
C GLN A 26 -3.02 -9.20 6.38
N LEU A 27 -3.67 -8.67 5.38
CA LEU A 27 -2.94 -8.19 4.17
C LEU A 27 -2.51 -6.74 4.37
N GLN A 28 -1.31 -6.40 3.97
CA GLN A 28 -0.84 -4.99 4.15
C GLN A 28 0.15 -4.62 3.03
N TYR A 29 0.01 -3.44 2.48
CA TYR A 29 0.93 -3.00 1.39
C TYR A 29 1.83 -1.87 1.89
N LEU A 30 3.12 -1.99 1.71
CA LEU A 30 4.04 -0.92 2.16
C LEU A 30 3.90 0.30 1.24
N VAL A 31 3.50 1.42 1.77
CA VAL A 31 3.33 2.63 0.92
C VAL A 31 4.31 3.74 1.32
N LYS A 32 4.79 4.49 0.36
CA LYS A 32 5.73 5.59 0.68
C LYS A 32 4.98 6.93 0.71
N TRP A 33 4.65 7.40 1.88
CA TRP A 33 3.90 8.69 1.98
C TRP A 33 4.76 9.85 1.48
N ARG A 34 4.26 10.59 0.52
CA ARG A 34 5.05 11.74 -0.01
C ARG A 34 4.25 13.04 0.15
N ARG A 35 4.11 13.51 1.36
CA ARG A 35 3.34 14.77 1.59
C ARG A 35 4.14 15.73 2.47
N LEU A 36 4.83 15.22 3.44
CA LEU A 36 5.63 16.10 4.33
C LEU A 36 7.05 16.30 3.76
N ASN A 37 8.00 16.58 4.60
CA ASN A 37 9.39 16.79 4.10
C ASN A 37 10.27 15.60 4.51
N TYR A 38 9.85 14.84 5.47
CA TYR A 38 10.67 13.65 5.90
C TYR A 38 9.94 12.36 5.54
N ASP A 39 10.10 11.90 4.33
CA ASP A 39 9.42 10.63 3.92
C ASP A 39 9.71 9.52 4.94
N GLU A 40 9.23 8.34 4.69
CA GLU A 40 9.48 7.21 5.63
C GLU A 40 8.84 5.93 5.11
N ALA A 41 7.64 6.01 4.59
CA ALA A 41 6.97 4.79 4.06
C ALA A 41 6.76 3.77 5.17
N THR A 42 5.55 3.30 5.33
CA THR A 42 5.27 2.30 6.40
C THR A 42 4.39 1.17 5.85
N TRP A 43 3.75 0.44 6.71
CA TRP A 43 2.87 -0.68 6.23
C TRP A 43 1.40 -0.37 6.52
N GLU A 44 0.55 -0.55 5.54
CA GLU A 44 -0.90 -0.28 5.75
C GLU A 44 -1.72 -1.39 5.08
N ASN A 45 -2.95 -1.58 5.48
CA ASN A 45 -3.77 -2.63 4.84
C ASN A 45 -3.73 -2.49 3.33
N ALA A 46 -3.47 -3.55 2.62
CA ALA A 46 -3.43 -3.44 1.14
C ALA A 46 -4.85 -3.14 0.67
N THR A 47 -5.81 -3.33 1.53
CA THR A 47 -7.21 -3.06 1.16
C THR A 47 -7.48 -1.56 1.23
N ASP A 48 -7.05 -0.93 2.29
CA ASP A 48 -7.26 0.53 2.41
C ASP A 48 -6.47 1.25 1.32
N ILE A 49 -5.22 0.91 1.16
CA ILE A 49 -4.41 1.56 0.10
C ILE A 49 -5.04 1.30 -1.27
N VAL A 50 -5.68 0.18 -1.45
CA VAL A 50 -6.33 -0.08 -2.76
C VAL A 50 -7.35 1.03 -3.00
N LYS A 51 -8.18 1.30 -2.02
CA LYS A 51 -9.18 2.39 -2.16
C LYS A 51 -8.49 3.74 -1.98
N LEU A 52 -7.72 3.87 -0.93
CA LEU A 52 -7.00 5.15 -0.69
C LEU A 52 -6.12 5.47 -1.90
N ALA A 53 -5.49 4.47 -2.43
CA ALA A 53 -4.61 4.66 -3.62
C ALA A 53 -4.65 3.40 -4.50
N PRO A 54 -5.72 3.27 -5.24
CA PRO A 54 -5.89 2.10 -6.15
C PRO A 54 -4.90 2.16 -7.30
N GLU A 55 -4.93 3.23 -8.06
CA GLU A 55 -3.98 3.35 -9.21
C GLU A 55 -2.58 2.90 -8.77
N GLN A 56 -2.27 3.04 -7.51
CA GLN A 56 -0.93 2.63 -7.03
C GLN A 56 -0.93 1.13 -6.72
N VAL A 57 -1.79 0.70 -5.84
CA VAL A 57 -1.85 -0.75 -5.51
C VAL A 57 -2.01 -1.55 -6.80
N LYS A 58 -2.68 -1.01 -7.77
CA LYS A 58 -2.84 -1.74 -9.06
C LYS A 58 -1.47 -1.77 -9.76
N HIS A 59 -0.90 -0.62 -10.00
CA HIS A 59 0.45 -0.60 -10.63
C HIS A 59 1.39 -1.44 -9.77
N PHE A 60 1.19 -1.39 -8.48
CA PHE A 60 2.03 -2.21 -7.56
C PHE A 60 1.67 -3.68 -7.74
N GLN A 61 0.39 -3.96 -7.75
CA GLN A 61 -0.08 -5.37 -7.93
C GLN A 61 0.53 -5.95 -9.21
N ASN A 62 0.77 -5.13 -10.19
CA ASN A 62 1.36 -5.64 -11.46
C ASN A 62 2.89 -5.53 -11.39
N ARG A 63 3.39 -4.61 -10.62
CA ARG A 63 4.87 -4.44 -10.51
C ARG A 63 5.47 -5.63 -9.74
N GLU A 64 4.69 -6.29 -8.93
CA GLU A 64 5.22 -7.46 -8.17
C GLU A 64 5.65 -8.57 -9.13
N ASN A 65 5.14 -8.55 -10.33
CA ASN A 65 5.53 -9.60 -11.32
C ASN A 65 6.14 -8.95 -12.56
N SER A 66 6.97 -7.95 -12.37
CA SER A 66 7.61 -7.28 -13.53
C SER A 66 9.12 -7.55 -13.54
N LYS A 67 9.58 -8.33 -14.48
CA LYS A 67 11.04 -8.64 -14.55
C LYS A 67 11.52 -8.57 -16.00
N ILE A 68 11.24 -7.49 -16.67
CA ILE A 68 11.67 -7.37 -18.09
C ILE A 68 11.92 -5.90 -18.45
N LEU A 69 12.70 -5.21 -17.66
CA LEU A 69 12.97 -3.77 -17.94
C LEU A 69 14.06 -3.23 -17.01
N ASP A 1 -8.16 8.83 13.36
CA ASP A 1 -8.59 10.02 12.58
C ASP A 1 -8.06 11.31 13.23
N GLU A 2 -6.96 11.82 12.74
CA GLU A 2 -6.41 13.07 13.33
C GLU A 2 -6.18 14.12 12.24
N PHE A 3 -7.18 14.92 11.96
CA PHE A 3 -7.02 15.96 10.91
C PHE A 3 -6.35 15.38 9.67
N GLU A 4 -7.13 14.94 8.72
CA GLU A 4 -6.53 14.36 7.48
C GLU A 4 -6.92 15.20 6.26
N GLU A 5 -6.55 16.46 6.25
CA GLU A 5 -6.89 17.33 5.10
C GLU A 5 -5.72 17.41 4.12
N PHE A 6 -4.80 16.49 4.20
CA PHE A 6 -3.64 16.52 3.27
C PHE A 6 -2.79 15.25 3.44
N HIS A 7 -3.42 14.11 3.52
CA HIS A 7 -2.65 12.85 3.69
C HIS A 7 -2.93 11.89 2.53
N VAL A 8 -1.91 11.54 1.78
CA VAL A 8 -2.12 10.62 0.63
C VAL A 8 -0.86 9.80 0.37
N PRO A 9 -1.06 8.57 -0.01
CA PRO A 9 0.07 7.65 -0.30
C PRO A 9 0.72 8.00 -1.64
N GLU A 10 2.00 7.79 -1.77
CA GLU A 10 2.68 8.12 -3.06
C GLU A 10 2.70 6.88 -3.95
N ARG A 11 3.09 5.75 -3.42
CA ARG A 11 3.14 4.51 -4.24
C ARG A 11 3.48 3.31 -3.34
N ILE A 12 3.40 2.12 -3.87
CA ILE A 12 3.73 0.93 -3.03
C ILE A 12 5.18 0.50 -3.25
N ILE A 13 5.77 -0.11 -2.27
CA ILE A 13 7.19 -0.56 -2.42
C ILE A 13 7.26 -2.06 -2.17
N ASP A 14 6.43 -2.56 -1.29
CA ASP A 14 6.44 -4.02 -1.00
C ASP A 14 5.10 -4.42 -0.39
N SER A 15 4.82 -5.69 -0.29
CA SER A 15 3.53 -6.13 0.31
C SER A 15 3.78 -7.10 1.47
N GLN A 16 2.83 -7.25 2.35
CA GLN A 16 3.01 -8.17 3.50
C GLN A 16 1.71 -8.90 3.82
N ARG A 17 1.50 -10.05 3.23
CA ARG A 17 0.25 -10.81 3.49
C ARG A 17 0.49 -11.86 4.58
N ALA A 18 -0.07 -11.66 5.74
CA ALA A 18 0.14 -12.63 6.85
C ALA A 18 -1.17 -13.33 7.21
N SER A 19 -1.11 -14.60 7.49
CA SER A 19 -2.36 -15.34 7.86
C SER A 19 -2.69 -15.08 9.34
N LEU A 20 -3.95 -15.08 9.69
CA LEU A 20 -4.32 -14.82 11.11
C LEU A 20 -4.32 -16.12 11.91
N GLU A 21 -5.38 -16.89 11.84
CA GLU A 21 -5.41 -18.16 12.61
C GLU A 21 -6.78 -18.85 12.48
N ASP A 22 -7.82 -18.08 12.44
CA ASP A 22 -9.18 -18.69 12.32
C ASP A 22 -9.53 -18.87 10.83
N GLY A 23 -8.53 -19.05 10.01
CA GLY A 23 -8.80 -19.20 8.55
C GLY A 23 -8.87 -17.82 7.92
N THR A 24 -8.18 -16.88 8.51
CA THR A 24 -8.20 -15.49 7.97
C THR A 24 -6.79 -15.04 7.58
N SER A 25 -6.64 -13.79 7.22
CA SER A 25 -5.30 -13.28 6.83
C SER A 25 -5.31 -11.76 6.79
N GLN A 26 -4.28 -11.13 7.30
CA GLN A 26 -4.23 -9.64 7.29
C GLN A 26 -3.23 -9.16 6.24
N LEU A 27 -3.71 -8.74 5.11
CA LEU A 27 -2.79 -8.27 4.03
C LEU A 27 -2.38 -6.81 4.27
N GLN A 28 -1.19 -6.45 3.89
CA GLN A 28 -0.73 -5.04 4.10
C GLN A 28 0.22 -4.63 2.98
N TYR A 29 0.10 -3.42 2.50
CA TYR A 29 0.99 -2.94 1.40
C TYR A 29 1.92 -1.85 1.92
N LEU A 30 3.20 -1.97 1.70
CA LEU A 30 4.14 -0.91 2.17
C LEU A 30 4.01 0.31 1.26
N VAL A 31 3.59 1.43 1.79
CA VAL A 31 3.43 2.64 0.94
C VAL A 31 4.34 3.77 1.41
N LYS A 32 4.73 4.63 0.50
CA LYS A 32 5.61 5.77 0.89
C LYS A 32 4.77 7.04 1.02
N TRP A 33 4.31 7.34 2.20
CA TRP A 33 3.48 8.57 2.39
C TRP A 33 4.28 9.83 2.07
N ARG A 34 3.78 10.63 1.18
CA ARG A 34 4.51 11.89 0.81
C ARG A 34 4.96 12.61 2.07
N ARG A 35 4.05 13.26 2.76
CA ARG A 35 4.42 13.98 4.00
C ARG A 35 5.71 14.79 3.79
N LEU A 36 6.29 15.30 4.85
CA LEU A 36 7.54 16.08 4.71
C LEU A 36 8.74 15.20 5.08
N ASN A 37 8.75 14.66 6.27
CA ASN A 37 9.89 13.79 6.69
C ASN A 37 9.44 12.83 7.78
N TYR A 38 10.37 12.28 8.53
CA TYR A 38 9.97 11.33 9.61
C TYR A 38 9.11 10.20 9.05
N ASP A 39 7.82 10.36 9.06
CA ASP A 39 6.93 9.29 8.51
C ASP A 39 7.05 9.25 6.98
N GLU A 40 8.13 8.73 6.47
CA GLU A 40 8.30 8.65 5.00
C GLU A 40 7.46 7.50 4.43
N ALA A 41 7.76 6.29 4.82
CA ALA A 41 6.97 5.13 4.30
C ALA A 41 6.76 4.10 5.42
N THR A 42 5.63 3.43 5.41
CA THR A 42 5.37 2.43 6.47
C THR A 42 4.51 1.29 5.90
N TRP A 43 3.84 0.55 6.75
CA TRP A 43 3.00 -0.58 6.27
C TRP A 43 1.52 -0.28 6.53
N GLU A 44 0.67 -0.56 5.58
CA GLU A 44 -0.78 -0.31 5.76
C GLU A 44 -1.59 -1.42 5.09
N ASN A 45 -2.83 -1.59 5.45
CA ASN A 45 -3.64 -2.66 4.83
C ASN A 45 -3.66 -2.47 3.31
N ALA A 46 -3.41 -3.50 2.57
CA ALA A 46 -3.44 -3.36 1.08
C ALA A 46 -4.86 -3.04 0.66
N THR A 47 -5.79 -3.27 1.54
CA THR A 47 -7.22 -2.97 1.23
C THR A 47 -7.46 -1.47 1.35
N ASP A 48 -7.01 -0.87 2.42
CA ASP A 48 -7.18 0.60 2.57
C ASP A 48 -6.42 1.30 1.47
N ILE A 49 -5.19 0.93 1.25
CA ILE A 49 -4.40 1.58 0.17
C ILE A 49 -5.06 1.29 -1.18
N VAL A 50 -5.75 0.20 -1.31
CA VAL A 50 -6.44 -0.08 -2.60
C VAL A 50 -7.49 1.01 -2.82
N LYS A 51 -8.20 1.35 -1.78
CA LYS A 51 -9.22 2.42 -1.90
C LYS A 51 -8.54 3.80 -1.76
N LEU A 52 -7.67 3.93 -0.81
CA LEU A 52 -6.94 5.22 -0.62
C LEU A 52 -6.06 5.47 -1.83
N ALA A 53 -5.51 4.42 -2.37
CA ALA A 53 -4.64 4.55 -3.57
C ALA A 53 -4.77 3.29 -4.43
N PRO A 54 -5.85 3.21 -5.15
CA PRO A 54 -6.11 2.04 -6.02
C PRO A 54 -5.13 2.05 -7.21
N GLU A 55 -5.05 3.14 -7.91
CA GLU A 55 -4.11 3.22 -9.07
C GLU A 55 -2.72 2.76 -8.64
N GLN A 56 -2.26 3.21 -7.50
CA GLN A 56 -0.92 2.79 -7.03
C GLN A 56 -0.91 1.31 -6.70
N VAL A 57 -1.85 0.86 -5.90
CA VAL A 57 -1.91 -0.59 -5.55
C VAL A 57 -2.02 -1.41 -6.83
N LYS A 58 -2.90 -1.05 -7.72
CA LYS A 58 -3.01 -1.83 -8.99
C LYS A 58 -1.66 -1.78 -9.71
N HIS A 59 -1.07 -0.61 -9.81
CA HIS A 59 0.25 -0.51 -10.47
C HIS A 59 1.24 -1.33 -9.65
N PHE A 60 1.12 -1.27 -8.35
CA PHE A 60 2.01 -2.04 -7.46
C PHE A 60 1.73 -3.54 -7.65
N GLN A 61 0.48 -3.86 -7.87
CA GLN A 61 0.09 -5.28 -8.07
C GLN A 61 0.66 -5.82 -9.38
N ASN A 62 0.58 -5.05 -10.43
CA ASN A 62 1.12 -5.51 -11.74
C ASN A 62 2.65 -5.48 -11.71
N ARG A 63 3.22 -4.63 -10.90
CA ARG A 63 4.71 -4.55 -10.83
C ARG A 63 5.27 -5.78 -10.12
N GLU A 64 4.54 -6.31 -9.17
CA GLU A 64 5.04 -7.51 -8.44
C GLU A 64 4.45 -8.78 -9.07
N ASN A 65 3.22 -8.73 -9.49
CA ASN A 65 2.60 -9.93 -10.12
C ASN A 65 2.18 -9.63 -11.56
N SER A 66 2.62 -10.43 -12.50
CA SER A 66 2.25 -10.18 -13.92
C SER A 66 3.00 -11.15 -14.83
N LYS A 67 2.31 -11.86 -15.68
CA LYS A 67 2.99 -12.82 -16.59
C LYS A 67 2.39 -12.75 -18.00
N ILE A 68 2.73 -11.73 -18.75
CA ILE A 68 2.18 -11.60 -20.12
C ILE A 68 3.23 -11.01 -21.06
N LEU A 69 3.37 -11.55 -22.24
CA LEU A 69 4.39 -11.02 -23.19
C LEU A 69 3.70 -10.62 -24.51
N ASP A 1 -16.70 11.08 -3.30
CA ASP A 1 -16.04 12.41 -3.36
C ASP A 1 -14.70 12.38 -2.61
N GLU A 2 -13.69 13.01 -3.15
CA GLU A 2 -12.36 13.00 -2.48
C GLU A 2 -12.40 13.87 -1.21
N PHE A 3 -12.16 13.28 -0.07
CA PHE A 3 -12.19 14.06 1.19
C PHE A 3 -10.84 13.98 1.91
N GLU A 4 -10.70 14.68 3.00
CA GLU A 4 -9.40 14.64 3.74
C GLU A 4 -8.28 15.25 2.90
N GLU A 5 -7.89 14.59 1.85
CA GLU A 5 -6.81 15.13 0.98
C GLU A 5 -5.66 15.66 1.84
N PHE A 6 -5.39 15.04 2.96
CA PHE A 6 -4.28 15.51 3.83
C PHE A 6 -3.10 14.54 3.75
N HIS A 7 -3.36 13.27 3.91
CA HIS A 7 -2.24 12.28 3.84
C HIS A 7 -2.46 11.32 2.66
N VAL A 8 -1.70 11.45 1.61
CA VAL A 8 -1.86 10.56 0.44
C VAL A 8 -0.57 9.77 0.19
N PRO A 9 -0.73 8.52 -0.16
CA PRO A 9 0.44 7.65 -0.44
C PRO A 9 1.07 8.01 -1.79
N GLU A 10 2.35 7.81 -1.93
CA GLU A 10 3.03 8.14 -3.21
C GLU A 10 3.16 6.88 -4.08
N ARG A 11 3.28 5.74 -3.47
CA ARG A 11 3.43 4.48 -4.26
C ARG A 11 3.70 3.30 -3.33
N ILE A 12 3.58 2.10 -3.82
CA ILE A 12 3.86 0.92 -2.96
C ILE A 12 5.31 0.48 -3.14
N ILE A 13 5.93 0.01 -2.09
CA ILE A 13 7.34 -0.46 -2.22
C ILE A 13 7.42 -1.95 -1.90
N ASP A 14 6.52 -2.43 -1.11
CA ASP A 14 6.52 -3.87 -0.77
C ASP A 14 5.15 -4.31 -0.27
N SER A 15 4.92 -5.58 -0.15
CA SER A 15 3.60 -6.05 0.35
C SER A 15 3.79 -7.06 1.49
N GLN A 16 2.83 -7.17 2.36
CA GLN A 16 2.97 -8.13 3.50
C GLN A 16 1.67 -8.88 3.74
N ARG A 17 1.57 -10.09 3.28
CA ARG A 17 0.33 -10.88 3.49
C ARG A 17 0.57 -11.93 4.59
N ALA A 18 0.07 -11.70 5.77
CA ALA A 18 0.28 -12.68 6.87
C ALA A 18 -1.01 -13.44 7.18
N SER A 19 -0.90 -14.71 7.45
CA SER A 19 -2.12 -15.50 7.79
C SER A 19 -2.53 -15.22 9.24
N LEU A 20 -3.80 -15.25 9.52
CA LEU A 20 -4.24 -14.98 10.92
C LEU A 20 -4.25 -16.27 11.75
N GLU A 21 -5.29 -17.03 11.68
CA GLU A 21 -5.33 -18.29 12.47
C GLU A 21 -6.66 -19.02 12.30
N ASP A 22 -7.73 -18.29 12.20
CA ASP A 22 -9.06 -18.95 12.03
C ASP A 22 -9.35 -19.15 10.54
N GLY A 23 -8.33 -19.30 9.75
CA GLY A 23 -8.53 -19.50 8.29
C GLY A 23 -8.59 -18.12 7.64
N THR A 24 -7.97 -17.15 8.26
CA THR A 24 -8.00 -15.77 7.69
C THR A 24 -6.58 -15.26 7.44
N SER A 25 -6.46 -14.05 6.98
CA SER A 25 -5.12 -13.48 6.71
C SER A 25 -5.18 -11.95 6.68
N GLN A 26 -4.18 -11.29 7.19
CA GLN A 26 -4.19 -9.80 7.18
C GLN A 26 -3.18 -9.29 6.14
N LEU A 27 -3.66 -8.88 5.00
CA LEU A 27 -2.74 -8.37 3.94
C LEU A 27 -2.40 -6.89 4.18
N GLN A 28 -1.22 -6.48 3.86
CA GLN A 28 -0.83 -5.06 4.07
C GLN A 28 0.17 -4.62 2.99
N TYR A 29 0.03 -3.42 2.48
CA TYR A 29 0.97 -2.94 1.43
C TYR A 29 1.85 -1.82 1.97
N LEU A 30 3.14 -1.88 1.73
CA LEU A 30 4.05 -0.80 2.23
C LEU A 30 3.95 0.41 1.31
N VAL A 31 3.65 1.55 1.85
CA VAL A 31 3.54 2.77 0.98
C VAL A 31 4.49 3.87 1.44
N LYS A 32 4.80 4.78 0.57
CA LYS A 32 5.72 5.90 0.94
C LYS A 32 4.97 7.23 0.87
N TRP A 33 4.39 7.64 1.96
CA TRP A 33 3.64 8.93 1.96
C TRP A 33 4.53 10.05 1.44
N ARG A 34 4.08 10.75 0.42
CA ARG A 34 4.92 11.85 -0.15
C ARG A 34 6.34 11.35 -0.40
N ARG A 35 7.24 12.23 -0.76
CA ARG A 35 8.64 11.79 -1.02
C ARG A 35 9.59 12.98 -1.00
N LEU A 36 9.24 14.03 -0.30
CA LEU A 36 10.12 15.21 -0.23
C LEU A 36 11.29 14.96 0.73
N ASN A 37 11.03 14.32 1.83
CA ASN A 37 12.11 14.03 2.82
C ASN A 37 13.04 12.93 2.29
N TYR A 38 13.85 12.36 3.14
CA TYR A 38 14.77 11.29 2.69
C TYR A 38 14.00 9.97 2.50
N ASP A 39 13.42 9.46 3.55
CA ASP A 39 12.66 8.18 3.43
C ASP A 39 11.65 8.06 4.57
N GLU A 40 10.39 8.30 4.30
CA GLU A 40 9.35 8.20 5.36
C GLU A 40 8.19 7.33 4.88
N ALA A 41 8.36 6.03 4.92
CA ALA A 41 7.27 5.12 4.46
C ALA A 41 6.94 4.11 5.56
N THR A 42 5.74 3.58 5.57
CA THR A 42 5.37 2.57 6.60
C THR A 42 4.52 1.46 5.99
N TRP A 43 3.83 0.72 6.80
CA TRP A 43 2.99 -0.39 6.27
C TRP A 43 1.50 -0.11 6.49
N GLU A 44 0.68 -0.49 5.55
CA GLU A 44 -0.79 -0.27 5.69
C GLU A 44 -1.53 -1.46 5.09
N ASN A 45 -2.83 -1.49 5.20
CA ASN A 45 -3.59 -2.62 4.61
C ASN A 45 -3.62 -2.48 3.09
N ALA A 46 -3.47 -3.56 2.38
CA ALA A 46 -3.51 -3.47 0.89
C ALA A 46 -4.92 -3.12 0.47
N THR A 47 -5.86 -3.34 1.35
CA THR A 47 -7.28 -3.00 1.03
C THR A 47 -7.47 -1.50 1.17
N ASP A 48 -6.94 -0.93 2.21
CA ASP A 48 -7.08 0.54 2.41
C ASP A 48 -6.35 1.26 1.29
N ILE A 49 -5.10 0.94 1.08
CA ILE A 49 -4.33 1.60 -0.01
C ILE A 49 -5.03 1.35 -1.35
N VAL A 50 -5.71 0.24 -1.48
CA VAL A 50 -6.43 -0.02 -2.76
C VAL A 50 -7.46 1.09 -2.95
N LYS A 51 -8.23 1.33 -1.94
CA LYS A 51 -9.26 2.41 -2.01
C LYS A 51 -8.57 3.77 -1.86
N LEU A 52 -7.72 3.91 -0.88
CA LEU A 52 -6.99 5.19 -0.69
C LEU A 52 -6.18 5.51 -1.93
N ALA A 53 -5.42 4.54 -2.38
CA ALA A 53 -4.57 4.72 -3.59
C ALA A 53 -4.71 3.49 -4.49
N PRO A 54 -5.81 3.42 -5.18
CA PRO A 54 -6.07 2.27 -6.08
C PRO A 54 -5.10 2.29 -7.27
N GLU A 55 -4.87 3.45 -7.83
CA GLU A 55 -3.94 3.55 -8.99
C GLU A 55 -2.55 3.05 -8.59
N GLN A 56 -2.18 3.24 -7.35
CA GLN A 56 -0.84 2.79 -6.89
C GLN A 56 -0.86 1.29 -6.62
N VAL A 57 -1.78 0.83 -5.81
CA VAL A 57 -1.84 -0.64 -5.52
C VAL A 57 -1.93 -1.41 -6.83
N LYS A 58 -2.65 -0.91 -7.80
CA LYS A 58 -2.74 -1.62 -9.10
C LYS A 58 -1.36 -1.58 -9.77
N HIS A 59 -0.81 -0.40 -9.94
CA HIS A 59 0.55 -0.30 -10.54
C HIS A 59 1.51 -1.14 -9.70
N PHE A 60 1.30 -1.15 -8.41
CA PHE A 60 2.15 -1.96 -7.50
C PHE A 60 1.85 -3.43 -7.72
N GLN A 61 0.59 -3.77 -7.79
CA GLN A 61 0.18 -5.18 -8.00
C GLN A 61 0.82 -5.70 -9.29
N ASN A 62 0.89 -4.89 -10.31
CA ASN A 62 1.50 -5.34 -11.58
C ASN A 62 3.03 -5.30 -11.48
N ARG A 63 3.54 -4.49 -10.59
CA ARG A 63 5.02 -4.39 -10.43
C ARG A 63 5.52 -5.46 -9.45
N GLU A 64 4.76 -5.75 -8.43
CA GLU A 64 5.19 -6.78 -7.45
C GLU A 64 5.33 -8.14 -8.14
N ASN A 65 4.63 -8.34 -9.22
CA ASN A 65 4.72 -9.65 -9.94
C ASN A 65 5.49 -9.47 -11.26
N SER A 66 6.52 -8.67 -11.25
CA SER A 66 7.30 -8.45 -12.50
C SER A 66 8.76 -8.13 -12.15
N LYS A 67 9.37 -8.93 -11.32
CA LYS A 67 10.80 -8.67 -10.94
C LYS A 67 11.73 -9.12 -12.06
N ILE A 68 12.26 -8.19 -12.82
CA ILE A 68 13.18 -8.56 -13.93
C ILE A 68 14.22 -7.47 -14.15
N LEU A 69 13.79 -6.23 -14.17
CA LEU A 69 14.76 -5.12 -14.38
C LEU A 69 14.74 -4.15 -13.19
N ASP A 1 -6.32 16.72 -10.77
CA ASP A 1 -7.57 17.48 -10.48
C ASP A 1 -7.46 18.14 -9.10
N GLU A 2 -6.49 19.01 -8.92
CA GLU A 2 -6.34 19.69 -7.60
C GLU A 2 -6.39 18.67 -6.46
N PHE A 3 -5.34 17.90 -6.30
CA PHE A 3 -5.33 16.88 -5.20
C PHE A 3 -4.66 17.46 -3.96
N GLU A 4 -5.42 18.01 -3.05
CA GLU A 4 -4.82 18.59 -1.82
C GLU A 4 -5.50 18.03 -0.57
N GLU A 5 -5.69 16.74 -0.52
CA GLU A 5 -6.35 16.14 0.68
C GLU A 5 -5.49 16.34 1.93
N PHE A 6 -4.61 15.43 2.21
CA PHE A 6 -3.73 15.57 3.40
C PHE A 6 -2.76 14.39 3.51
N HIS A 7 -3.28 13.22 3.76
CA HIS A 7 -2.39 12.03 3.88
C HIS A 7 -2.63 11.08 2.70
N VAL A 8 -1.81 11.16 1.68
CA VAL A 8 -1.99 10.26 0.51
C VAL A 8 -0.71 9.47 0.24
N PRO A 9 -0.89 8.23 -0.13
CA PRO A 9 0.27 7.34 -0.41
C PRO A 9 0.88 7.72 -1.77
N GLU A 10 2.18 7.64 -1.88
CA GLU A 10 2.83 8.00 -3.19
C GLU A 10 3.01 6.76 -4.06
N ARG A 11 3.14 5.61 -3.46
CA ARG A 11 3.32 4.36 -4.26
C ARG A 11 3.65 3.18 -3.35
N ILE A 12 3.52 1.98 -3.85
CA ILE A 12 3.83 0.79 -3.01
C ILE A 12 5.30 0.40 -3.20
N ILE A 13 5.94 -0.03 -2.15
CA ILE A 13 7.38 -0.45 -2.27
C ILE A 13 7.49 -1.93 -1.98
N ASP A 14 6.63 -2.44 -1.15
CA ASP A 14 6.68 -3.89 -0.82
C ASP A 14 5.34 -4.34 -0.26
N SER A 15 5.16 -5.61 -0.06
CA SER A 15 3.86 -6.11 0.49
C SER A 15 4.12 -7.09 1.64
N GLN A 16 3.16 -7.26 2.49
CA GLN A 16 3.35 -8.20 3.64
C GLN A 16 2.03 -8.90 3.98
N ARG A 17 1.72 -9.96 3.28
CA ARG A 17 0.46 -10.70 3.56
C ARG A 17 0.69 -11.72 4.68
N ALA A 18 0.17 -11.46 5.84
CA ALA A 18 0.38 -12.42 6.97
C ALA A 18 -0.92 -13.17 7.27
N SER A 19 -0.82 -14.44 7.57
CA SER A 19 -2.04 -15.24 7.88
C SER A 19 -2.53 -14.91 9.29
N LEU A 20 -3.81 -14.88 9.50
CA LEU A 20 -4.35 -14.57 10.85
C LEU A 20 -4.70 -15.86 11.58
N GLU A 21 -5.23 -16.83 10.87
CA GLU A 21 -5.60 -18.14 11.48
C GLU A 21 -6.93 -18.03 12.25
N ASP A 22 -7.34 -16.84 12.57
CA ASP A 22 -8.64 -16.68 13.30
C ASP A 22 -9.79 -16.81 12.31
N GLY A 23 -9.49 -17.04 11.06
CA GLY A 23 -10.58 -17.19 10.04
C GLY A 23 -10.25 -16.33 8.83
N THR A 24 -9.11 -15.69 8.80
CA THR A 24 -8.77 -14.84 7.63
C THR A 24 -7.25 -14.56 7.58
N SER A 25 -6.87 -13.48 6.96
CA SER A 25 -5.42 -13.13 6.87
C SER A 25 -5.24 -11.61 6.95
N GLN A 26 -4.04 -11.17 7.17
CA GLN A 26 -3.80 -9.70 7.28
C GLN A 26 -2.91 -9.23 6.12
N LEU A 27 -3.51 -8.77 5.05
CA LEU A 27 -2.71 -8.29 3.89
C LEU A 27 -2.29 -6.83 4.10
N GLN A 28 -1.01 -6.55 4.01
CA GLN A 28 -0.55 -5.15 4.21
C GLN A 28 0.41 -4.73 3.09
N TYR A 29 0.25 -3.53 2.59
CA TYR A 29 1.15 -3.04 1.50
C TYR A 29 2.05 -1.91 2.01
N LEU A 30 3.33 -2.00 1.80
CA LEU A 30 4.23 -0.91 2.27
C LEU A 30 4.07 0.30 1.35
N VAL A 31 3.71 1.43 1.89
CA VAL A 31 3.51 2.64 1.03
C VAL A 31 4.46 3.76 1.45
N LYS A 32 4.80 4.63 0.54
CA LYS A 32 5.70 5.76 0.88
C LYS A 32 4.90 7.07 0.88
N TRP A 33 4.35 7.43 2.01
CA TRP A 33 3.56 8.68 2.07
C TRP A 33 4.39 9.87 1.55
N ARG A 34 3.96 10.48 0.48
CA ARG A 34 4.72 11.63 -0.08
C ARG A 34 6.06 11.16 -0.64
N ARG A 35 6.95 12.08 -0.93
CA ARG A 35 8.27 11.68 -1.48
C ARG A 35 9.27 12.84 -1.34
N LEU A 36 9.35 13.43 -0.17
CA LEU A 36 10.30 14.55 0.03
C LEU A 36 10.39 14.91 1.51
N ASN A 37 11.58 15.07 2.02
CA ASN A 37 11.73 15.43 3.46
C ASN A 37 11.26 14.26 4.34
N TYR A 38 9.99 13.93 4.28
CA TYR A 38 9.48 12.81 5.12
C TYR A 38 10.34 11.57 4.93
N ASP A 39 10.31 11.00 3.75
CA ASP A 39 11.13 9.77 3.49
C ASP A 39 10.97 8.77 4.64
N GLU A 40 9.76 8.49 5.03
CA GLU A 40 9.54 7.52 6.13
C GLU A 40 8.76 6.30 5.62
N ALA A 41 7.59 6.53 5.09
CA ALA A 41 6.78 5.39 4.58
C ALA A 41 6.51 4.38 5.69
N THR A 42 5.45 3.62 5.59
CA THR A 42 5.15 2.61 6.64
C THR A 42 4.38 1.44 6.05
N TRP A 43 3.72 0.67 6.89
CA TRP A 43 2.95 -0.49 6.37
C TRP A 43 1.45 -0.27 6.59
N GLU A 44 0.65 -0.48 5.58
CA GLU A 44 -0.82 -0.30 5.74
C GLU A 44 -1.55 -1.45 5.04
N ASN A 45 -2.76 -1.71 5.43
CA ASN A 45 -3.52 -2.82 4.78
C ASN A 45 -3.53 -2.61 3.27
N ALA A 46 -3.21 -3.63 2.51
CA ALA A 46 -3.23 -3.48 1.03
C ALA A 46 -4.67 -3.20 0.60
N THR A 47 -5.60 -3.45 1.47
CA THR A 47 -7.02 -3.20 1.14
C THR A 47 -7.29 -1.70 1.23
N ASP A 48 -6.86 -1.08 2.30
CA ASP A 48 -7.07 0.38 2.44
C ASP A 48 -6.32 1.10 1.33
N ILE A 49 -5.07 0.78 1.14
CA ILE A 49 -4.29 1.44 0.05
C ILE A 49 -4.94 1.14 -1.30
N VAL A 50 -5.59 0.02 -1.42
CA VAL A 50 -6.28 -0.29 -2.70
C VAL A 50 -7.36 0.76 -2.92
N LYS A 51 -8.13 1.03 -1.90
CA LYS A 51 -9.20 2.05 -2.00
C LYS A 51 -8.59 3.45 -1.89
N LEU A 52 -7.71 3.64 -0.93
CA LEU A 52 -7.06 4.97 -0.77
C LEU A 52 -6.22 5.27 -2.01
N ALA A 53 -5.48 4.28 -2.44
CA ALA A 53 -4.62 4.45 -3.65
C ALA A 53 -4.72 3.20 -4.52
N PRO A 54 -5.83 3.10 -5.22
CA PRO A 54 -6.07 1.93 -6.10
C PRO A 54 -5.10 1.96 -7.29
N GLU A 55 -5.03 3.07 -7.97
CA GLU A 55 -4.11 3.16 -9.13
C GLU A 55 -2.69 2.75 -8.72
N GLN A 56 -2.32 3.02 -7.50
CA GLN A 56 -0.97 2.63 -7.03
C GLN A 56 -0.92 1.13 -6.75
N VAL A 57 -1.77 0.65 -5.89
CA VAL A 57 -1.78 -0.80 -5.58
C VAL A 57 -1.89 -1.60 -6.88
N LYS A 58 -2.80 -1.25 -7.74
CA LYS A 58 -2.91 -1.99 -9.03
C LYS A 58 -1.56 -1.92 -9.75
N HIS A 59 -0.96 -0.77 -9.79
CA HIS A 59 0.37 -0.65 -10.44
C HIS A 59 1.39 -1.44 -9.62
N PHE A 60 1.22 -1.45 -8.33
CA PHE A 60 2.14 -2.22 -7.45
C PHE A 60 1.87 -3.71 -7.62
N GLN A 61 0.63 -4.07 -7.77
CA GLN A 61 0.25 -5.50 -7.96
C GLN A 61 0.84 -6.02 -9.27
N ASN A 62 0.75 -5.24 -10.32
CA ASN A 62 1.29 -5.69 -11.63
C ASN A 62 2.81 -5.61 -11.63
N ARG A 63 3.37 -4.66 -10.92
CA ARG A 63 4.85 -4.53 -10.89
C ARG A 63 5.47 -5.62 -9.99
N GLU A 64 4.67 -6.21 -9.15
CA GLU A 64 5.21 -7.28 -8.25
C GLU A 64 5.89 -8.37 -9.06
N ASN A 65 5.41 -8.63 -10.25
CA ASN A 65 6.03 -9.69 -11.09
C ASN A 65 5.27 -9.82 -12.42
N SER A 66 5.25 -8.78 -13.20
CA SER A 66 4.53 -8.84 -14.51
C SER A 66 4.92 -7.65 -15.37
N LYS A 67 5.30 -7.90 -16.60
CA LYS A 67 5.69 -6.77 -17.50
C LYS A 67 4.53 -6.42 -18.43
N ILE A 68 4.19 -5.16 -18.52
CA ILE A 68 3.07 -4.75 -19.41
C ILE A 68 3.58 -4.57 -20.86
N LEU A 69 2.75 -4.84 -21.82
CA LEU A 69 3.18 -4.69 -23.24
C LEU A 69 2.79 -3.31 -23.77
N ASP A 1 -15.07 12.29 8.84
CA ASP A 1 -13.72 12.06 8.26
C ASP A 1 -13.83 11.70 6.77
N GLU A 2 -14.50 12.52 6.01
CA GLU A 2 -14.64 12.23 4.55
C GLU A 2 -13.97 13.33 3.72
N PHE A 3 -12.67 13.42 3.77
CA PHE A 3 -11.96 14.47 2.98
C PHE A 3 -10.47 14.17 2.94
N GLU A 4 -10.10 12.94 2.72
CA GLU A 4 -8.65 12.58 2.67
C GLU A 4 -7.98 13.26 1.48
N GLU A 5 -7.58 14.49 1.63
CA GLU A 5 -6.92 15.21 0.49
C GLU A 5 -5.50 15.63 0.89
N PHE A 6 -5.17 15.55 2.15
CA PHE A 6 -3.81 15.95 2.59
C PHE A 6 -2.91 14.72 2.73
N HIS A 7 -3.41 13.67 3.32
CA HIS A 7 -2.59 12.44 3.48
C HIS A 7 -2.79 11.49 2.29
N VAL A 8 -1.91 11.51 1.34
CA VAL A 8 -2.06 10.60 0.16
C VAL A 8 -0.78 9.80 -0.05
N PRO A 9 -0.95 8.55 -0.35
CA PRO A 9 0.20 7.64 -0.58
C PRO A 9 0.84 7.91 -1.95
N GLU A 10 2.14 7.80 -2.03
CA GLU A 10 2.83 8.05 -3.33
C GLU A 10 2.77 6.78 -4.20
N ARG A 11 3.22 5.68 -3.67
CA ARG A 11 3.19 4.40 -4.44
C ARG A 11 3.51 3.22 -3.51
N ILE A 12 3.35 2.02 -3.99
CA ILE A 12 3.66 0.84 -3.12
C ILE A 12 5.15 0.49 -3.24
N ILE A 13 5.71 -0.01 -2.17
CA ILE A 13 7.16 -0.39 -2.21
C ILE A 13 7.30 -1.88 -1.91
N ASP A 14 6.43 -2.41 -1.10
CA ASP A 14 6.49 -3.86 -0.77
C ASP A 14 5.13 -4.34 -0.26
N SER A 15 4.95 -5.63 -0.15
CA SER A 15 3.65 -6.16 0.35
C SER A 15 3.89 -7.15 1.49
N GLN A 16 2.95 -7.26 2.40
CA GLN A 16 3.12 -8.21 3.53
C GLN A 16 1.82 -8.96 3.82
N ARG A 17 1.63 -10.10 3.22
CA ARG A 17 0.38 -10.88 3.46
C ARG A 17 0.62 -11.88 4.61
N ALA A 18 -0.04 -11.71 5.71
CA ALA A 18 0.16 -12.65 6.85
C ALA A 18 -1.14 -13.39 7.18
N SER A 19 -1.08 -14.69 7.30
CA SER A 19 -2.29 -15.46 7.64
C SER A 19 -2.64 -15.25 9.11
N LEU A 20 -3.90 -15.25 9.46
CA LEU A 20 -4.28 -15.04 10.88
C LEU A 20 -4.28 -16.37 11.62
N GLU A 21 -5.36 -17.10 11.56
CA GLU A 21 -5.40 -18.41 12.29
C GLU A 21 -6.76 -19.09 12.10
N ASP A 22 -7.82 -18.33 12.08
CA ASP A 22 -9.17 -18.95 11.91
C ASP A 22 -9.52 -19.03 10.43
N GLY A 23 -8.53 -19.17 9.60
CA GLY A 23 -8.78 -19.25 8.14
C GLY A 23 -8.79 -17.83 7.57
N THR A 24 -8.06 -16.94 8.18
CA THR A 24 -8.02 -15.54 7.70
C THR A 24 -6.58 -15.09 7.46
N SER A 25 -6.40 -13.87 7.05
CA SER A 25 -5.03 -13.35 6.80
C SER A 25 -5.06 -11.83 6.70
N GLN A 26 -4.14 -11.16 7.34
CA GLN A 26 -4.14 -9.67 7.28
C GLN A 26 -3.14 -9.20 6.21
N LEU A 27 -3.62 -8.87 5.05
CA LEU A 27 -2.73 -8.40 3.96
C LEU A 27 -2.42 -6.92 4.13
N GLN A 28 -1.19 -6.53 3.91
CA GLN A 28 -0.83 -5.09 4.06
C GLN A 28 0.18 -4.67 2.98
N TYR A 29 0.05 -3.48 2.47
CA TYR A 29 1.02 -3.00 1.42
C TYR A 29 1.89 -1.89 1.98
N LEU A 30 3.16 -1.90 1.67
CA LEU A 30 4.05 -0.81 2.18
C LEU A 30 3.94 0.40 1.26
N VAL A 31 3.55 1.54 1.78
CA VAL A 31 3.40 2.74 0.90
C VAL A 31 4.33 3.87 1.35
N LYS A 32 4.68 4.74 0.45
CA LYS A 32 5.58 5.88 0.82
C LYS A 32 4.79 7.19 0.80
N TRP A 33 4.23 7.56 1.92
CA TRP A 33 3.43 8.82 1.98
C TRP A 33 4.26 10.00 1.47
N ARG A 34 3.66 10.86 0.70
CA ARG A 34 4.40 12.04 0.17
C ARG A 34 4.10 13.28 1.02
N ARG A 35 5.11 13.92 1.53
CA ARG A 35 4.88 15.13 2.37
C ARG A 35 6.15 15.98 2.41
N LEU A 36 6.09 17.13 3.03
CA LEU A 36 7.30 18.00 3.11
C LEU A 36 8.49 17.22 3.67
N ASN A 37 8.61 17.17 4.97
CA ASN A 37 9.76 16.43 5.58
C ASN A 37 9.87 15.03 4.96
N TYR A 38 11.05 14.64 4.56
CA TYR A 38 11.23 13.29 3.96
C TYR A 38 10.66 12.22 4.89
N ASP A 39 10.05 11.20 4.34
CA ASP A 39 9.48 10.13 5.20
C ASP A 39 10.12 8.77 4.87
N GLU A 40 9.87 7.77 5.67
CA GLU A 40 10.47 6.43 5.38
C GLU A 40 9.38 5.44 4.95
N ALA A 41 8.16 5.90 4.79
CA ALA A 41 7.06 4.99 4.37
C ALA A 41 6.73 4.01 5.49
N THR A 42 5.53 3.47 5.48
CA THR A 42 5.15 2.50 6.54
C THR A 42 4.32 1.36 5.93
N TRP A 43 3.62 0.63 6.76
CA TRP A 43 2.79 -0.50 6.22
C TRP A 43 1.30 -0.23 6.45
N GLU A 44 0.50 -0.50 5.46
CA GLU A 44 -0.97 -0.29 5.58
C GLU A 44 -1.72 -1.45 4.93
N ASN A 45 -2.92 -1.72 5.34
CA ASN A 45 -3.67 -2.85 4.71
C ASN A 45 -3.71 -2.66 3.20
N ALA A 46 -3.43 -3.70 2.46
CA ALA A 46 -3.47 -3.57 0.98
C ALA A 46 -4.89 -3.24 0.56
N THR A 47 -5.82 -3.45 1.43
CA THR A 47 -7.24 -3.14 1.12
C THR A 47 -7.47 -1.63 1.24
N ASP A 48 -6.98 -1.03 2.30
CA ASP A 48 -7.15 0.44 2.46
C ASP A 48 -6.42 1.15 1.33
N ILE A 49 -5.18 0.83 1.12
CA ILE A 49 -4.41 1.48 0.03
C ILE A 49 -5.09 1.20 -1.31
N VAL A 50 -5.73 0.06 -1.44
CA VAL A 50 -6.44 -0.23 -2.72
C VAL A 50 -7.51 0.85 -2.92
N LYS A 51 -8.21 1.17 -1.87
CA LYS A 51 -9.26 2.22 -1.97
C LYS A 51 -8.61 3.60 -1.85
N LEU A 52 -7.75 3.77 -0.88
CA LEU A 52 -7.05 5.08 -0.71
C LEU A 52 -6.26 5.37 -1.98
N ALA A 53 -5.49 4.40 -2.42
CA ALA A 53 -4.68 4.57 -3.65
C ALA A 53 -4.79 3.30 -4.50
N PRO A 54 -5.86 3.21 -5.23
CA PRO A 54 -6.10 2.02 -6.08
C PRO A 54 -5.10 1.96 -7.24
N GLU A 55 -5.08 2.97 -8.07
CA GLU A 55 -4.12 2.96 -9.21
C GLU A 55 -2.73 2.52 -8.73
N GLN A 56 -2.32 3.00 -7.59
CA GLN A 56 -0.97 2.60 -7.07
C GLN A 56 -0.97 1.10 -6.76
N VAL A 57 -1.84 0.65 -5.90
CA VAL A 57 -1.88 -0.80 -5.57
C VAL A 57 -2.04 -1.59 -6.87
N LYS A 58 -2.89 -1.15 -7.76
CA LYS A 58 -3.05 -1.90 -9.04
C LYS A 58 -1.71 -1.91 -9.77
N HIS A 59 -1.09 -0.76 -9.90
CA HIS A 59 0.25 -0.72 -10.57
C HIS A 59 1.22 -1.56 -9.75
N PHE A 60 1.18 -1.42 -8.46
CA PHE A 60 2.07 -2.22 -7.58
C PHE A 60 1.74 -3.70 -7.77
N GLN A 61 0.48 -4.00 -7.83
CA GLN A 61 0.02 -5.41 -8.02
C GLN A 61 0.59 -5.97 -9.33
N ASN A 62 0.49 -5.20 -10.39
CA ASN A 62 1.03 -5.68 -11.69
C ASN A 62 2.56 -5.62 -11.68
N ARG A 63 3.11 -4.75 -10.86
CA ARG A 63 4.59 -4.64 -10.79
C ARG A 63 5.20 -5.98 -10.40
N GLU A 64 4.76 -6.55 -9.31
CA GLU A 64 5.32 -7.86 -8.88
C GLU A 64 4.78 -8.98 -9.79
N ASN A 65 3.78 -8.70 -10.56
CA ASN A 65 3.22 -9.73 -11.47
C ASN A 65 3.60 -9.43 -12.92
N SER A 66 4.87 -9.36 -13.21
CA SER A 66 5.30 -9.06 -14.61
C SER A 66 6.66 -9.71 -14.89
N LYS A 67 6.98 -9.88 -16.14
CA LYS A 67 8.30 -10.50 -16.49
C LYS A 67 8.46 -11.83 -15.75
N ILE A 68 7.46 -12.66 -15.76
CA ILE A 68 7.56 -13.97 -15.06
C ILE A 68 8.39 -14.94 -15.89
N LEU A 69 9.69 -14.87 -15.78
CA LEU A 69 10.56 -15.79 -16.56
C LEU A 69 11.79 -16.19 -15.74
N ASP A 1 -13.65 7.42 14.63
CA ASP A 1 -14.42 8.41 13.81
C ASP A 1 -13.53 9.60 13.45
N GLU A 2 -14.05 10.53 12.70
CA GLU A 2 -13.23 11.71 12.31
C GLU A 2 -11.97 11.27 11.55
N PHE A 3 -12.00 11.33 10.25
CA PHE A 3 -10.81 10.90 9.46
C PHE A 3 -10.82 11.57 8.09
N GLU A 4 -10.04 11.07 7.17
CA GLU A 4 -10.00 11.67 5.80
C GLU A 4 -9.44 13.09 5.87
N GLU A 5 -8.28 13.25 6.47
CA GLU A 5 -7.67 14.61 6.58
C GLU A 5 -7.13 15.06 5.21
N PHE A 6 -5.89 14.77 4.93
CA PHE A 6 -5.30 15.19 3.63
C PHE A 6 -4.05 14.38 3.32
N HIS A 7 -3.94 13.20 3.87
CA HIS A 7 -2.73 12.36 3.61
C HIS A 7 -2.93 11.50 2.36
N VAL A 8 -1.94 11.40 1.54
CA VAL A 8 -2.07 10.57 0.30
C VAL A 8 -0.80 9.74 0.08
N PRO A 9 -0.99 8.52 -0.33
CA PRO A 9 0.16 7.61 -0.57
C PRO A 9 0.84 7.96 -1.90
N GLU A 10 2.12 7.77 -1.98
CA GLU A 10 2.85 8.08 -3.25
C GLU A 10 2.86 6.85 -4.15
N ARG A 11 3.13 5.70 -3.59
CA ARG A 11 3.17 4.45 -4.40
C ARG A 11 3.46 3.25 -3.50
N ILE A 12 3.26 2.05 -3.99
CA ILE A 12 3.54 0.85 -3.15
C ILE A 12 5.01 0.45 -3.29
N ILE A 13 5.57 -0.13 -2.27
CA ILE A 13 7.00 -0.55 -2.34
C ILE A 13 7.10 -2.05 -2.10
N ASP A 14 6.25 -2.59 -1.27
CA ASP A 14 6.28 -4.04 -0.99
C ASP A 14 4.95 -4.50 -0.41
N SER A 15 4.73 -5.78 -0.29
CA SER A 15 3.44 -6.27 0.28
C SER A 15 3.70 -7.22 1.45
N GLN A 16 2.79 -7.31 2.37
CA GLN A 16 2.99 -8.21 3.54
C GLN A 16 1.70 -8.95 3.90
N ARG A 17 1.56 -10.17 3.47
CA ARG A 17 0.34 -10.95 3.79
C ARG A 17 0.62 -11.86 4.99
N ALA A 18 -0.02 -11.61 6.10
CA ALA A 18 0.24 -12.47 7.30
C ALA A 18 -1.04 -13.21 7.72
N SER A 19 -0.95 -14.50 7.89
CA SER A 19 -2.15 -15.27 8.32
C SER A 19 -2.47 -14.94 9.78
N LEU A 20 -3.73 -14.92 10.13
CA LEU A 20 -4.10 -14.59 11.54
C LEU A 20 -4.05 -15.86 12.40
N GLU A 21 -5.10 -16.66 12.37
CA GLU A 21 -5.08 -17.90 13.20
C GLU A 21 -6.43 -18.62 13.12
N ASP A 22 -7.50 -17.88 13.07
CA ASP A 22 -8.85 -18.52 12.98
C ASP A 22 -9.22 -18.77 11.52
N GLY A 23 -8.24 -18.95 10.68
CA GLY A 23 -8.53 -19.18 9.23
C GLY A 23 -8.59 -17.83 8.54
N THR A 24 -7.92 -16.85 9.09
CA THR A 24 -7.95 -15.49 8.48
C THR A 24 -6.53 -15.03 8.12
N SER A 25 -6.41 -13.83 7.64
CA SER A 25 -5.06 -13.31 7.28
C SER A 25 -5.14 -11.80 7.07
N GLN A 26 -4.22 -11.06 7.62
CA GLN A 26 -4.25 -9.58 7.45
C GLN A 26 -3.23 -9.16 6.39
N LEU A 27 -3.69 -8.87 5.20
CA LEU A 27 -2.76 -8.44 4.12
C LEU A 27 -2.47 -6.94 4.23
N GLN A 28 -1.26 -6.54 3.99
CA GLN A 28 -0.92 -5.09 4.08
C GLN A 28 0.09 -4.69 3.01
N TYR A 29 -0.09 -3.55 2.39
CA TYR A 29 0.85 -3.09 1.34
C TYR A 29 1.77 -1.99 1.90
N LEU A 30 3.05 -2.05 1.62
CA LEU A 30 3.97 -0.99 2.12
C LEU A 30 3.87 0.24 1.21
N VAL A 31 3.50 1.36 1.75
CA VAL A 31 3.38 2.57 0.90
C VAL A 31 4.25 3.72 1.41
N LYS A 32 4.65 4.60 0.54
CA LYS A 32 5.51 5.75 0.98
C LYS A 32 4.69 7.05 0.91
N TRP A 33 4.09 7.43 2.00
CA TRP A 33 3.27 8.68 2.01
C TRP A 33 4.11 9.88 1.56
N ARG A 34 3.50 10.80 0.85
CA ARG A 34 4.27 11.99 0.37
C ARG A 34 4.03 13.17 1.33
N ARG A 35 4.10 12.94 2.61
CA ARG A 35 3.89 14.05 3.58
C ARG A 35 5.21 14.77 3.85
N LEU A 36 5.96 14.31 4.82
CA LEU A 36 7.26 14.98 5.14
C LEU A 36 8.42 14.11 4.67
N ASN A 37 9.42 14.70 4.07
CA ASN A 37 10.58 13.90 3.59
C ASN A 37 10.12 12.87 2.56
N TYR A 38 10.94 11.90 2.24
CA TYR A 38 10.55 10.88 1.25
C TYR A 38 11.39 9.61 1.43
N ASP A 39 11.56 9.18 2.65
CA ASP A 39 12.38 7.95 2.91
C ASP A 39 11.79 7.16 4.08
N GLU A 40 10.59 7.48 4.48
CA GLU A 40 9.97 6.75 5.62
C GLU A 40 9.07 5.62 5.10
N ALA A 41 7.86 5.94 4.74
CA ALA A 41 6.93 4.90 4.23
C ALA A 41 6.70 3.83 5.31
N THR A 42 5.49 3.34 5.43
CA THR A 42 5.20 2.30 6.45
C THR A 42 4.35 1.18 5.86
N TRP A 43 3.68 0.43 6.69
CA TRP A 43 2.84 -0.68 6.18
C TRP A 43 1.35 -0.39 6.40
N GLU A 44 0.53 -0.75 5.46
CA GLU A 44 -0.94 -0.50 5.61
C GLU A 44 -1.71 -1.67 5.00
N ASN A 45 -3.01 -1.70 5.13
CA ASN A 45 -3.78 -2.83 4.55
C ASN A 45 -3.80 -2.71 3.02
N ALA A 46 -3.60 -3.79 2.33
CA ALA A 46 -3.62 -3.73 0.84
C ALA A 46 -5.03 -3.39 0.39
N THR A 47 -5.99 -3.59 1.26
CA THR A 47 -7.40 -3.28 0.90
C THR A 47 -7.63 -1.77 1.04
N ASP A 48 -7.11 -1.20 2.09
CA ASP A 48 -7.26 0.27 2.28
C ASP A 48 -6.52 1.00 1.17
N ILE A 49 -5.27 0.68 0.98
CA ILE A 49 -4.49 1.35 -0.10
C ILE A 49 -5.19 1.10 -1.44
N VAL A 50 -5.83 -0.03 -1.60
CA VAL A 50 -6.54 -0.29 -2.88
C VAL A 50 -7.55 0.84 -3.09
N LYS A 51 -8.36 1.11 -2.10
CA LYS A 51 -9.36 2.21 -2.22
C LYS A 51 -8.66 3.55 -2.01
N LEU A 52 -7.86 3.66 -0.99
CA LEU A 52 -7.13 4.94 -0.74
C LEU A 52 -6.31 5.28 -1.98
N ALA A 53 -5.57 4.32 -2.47
CA ALA A 53 -4.75 4.52 -3.69
C ALA A 53 -4.83 3.28 -4.57
N PRO A 54 -5.91 3.18 -5.30
CA PRO A 54 -6.13 2.01 -6.19
C PRO A 54 -5.13 2.04 -7.35
N GLU A 55 -5.06 3.15 -8.06
CA GLU A 55 -4.11 3.24 -9.19
C GLU A 55 -2.72 2.76 -8.77
N GLN A 56 -2.29 3.13 -7.59
CA GLN A 56 -0.95 2.69 -7.12
C GLN A 56 -0.97 1.19 -6.83
N VAL A 57 -1.92 0.73 -6.07
CA VAL A 57 -1.99 -0.72 -5.77
C VAL A 57 -2.09 -1.51 -7.07
N LYS A 58 -2.90 -1.09 -8.00
CA LYS A 58 -2.99 -1.83 -9.29
C LYS A 58 -1.63 -1.77 -9.97
N HIS A 59 -1.05 -0.61 -10.06
CA HIS A 59 0.30 -0.50 -10.68
C HIS A 59 1.28 -1.32 -9.84
N PHE A 60 1.08 -1.33 -8.55
CA PHE A 60 1.95 -2.12 -7.65
C PHE A 60 1.68 -3.60 -7.89
N GLN A 61 0.42 -3.97 -7.96
CA GLN A 61 0.04 -5.38 -8.21
C GLN A 61 0.71 -5.87 -9.50
N ASN A 62 0.74 -5.05 -10.51
CA ASN A 62 1.36 -5.46 -11.79
C ASN A 62 2.88 -5.31 -11.70
N ARG A 63 3.35 -4.37 -10.94
CA ARG A 63 4.82 -4.16 -10.80
C ARG A 63 5.48 -5.41 -10.22
N GLU A 64 4.76 -6.16 -9.43
CA GLU A 64 5.34 -7.39 -8.82
C GLU A 64 5.52 -8.47 -9.89
N ASN A 65 4.87 -8.33 -11.01
CA ASN A 65 5.01 -9.36 -12.08
C ASN A 65 5.09 -8.68 -13.46
N SER A 66 5.86 -7.63 -13.57
CA SER A 66 5.98 -6.92 -14.88
C SER A 66 7.13 -7.53 -15.70
N LYS A 67 7.14 -7.28 -16.98
CA LYS A 67 8.24 -7.85 -17.84
C LYS A 67 9.22 -6.75 -18.23
N ILE A 68 10.44 -7.12 -18.52
CA ILE A 68 11.46 -6.10 -18.91
C ILE A 68 12.21 -6.56 -20.16
N LEU A 69 12.73 -7.75 -20.15
CA LEU A 69 13.48 -8.26 -21.34
C LEU A 69 12.69 -9.39 -22.02
N ASP A 1 -16.57 19.45 1.70
CA ASP A 1 -15.26 19.94 2.22
C ASP A 1 -14.16 18.91 1.96
N GLU A 2 -13.53 18.98 0.82
CA GLU A 2 -12.46 18.01 0.50
C GLU A 2 -11.19 18.32 1.31
N PHE A 3 -10.74 17.39 2.11
CA PHE A 3 -9.52 17.66 2.92
C PHE A 3 -8.75 16.34 3.14
N GLU A 4 -8.58 15.57 2.11
CA GLU A 4 -7.85 14.28 2.25
C GLU A 4 -6.61 14.28 1.34
N GLU A 5 -6.12 15.43 0.98
CA GLU A 5 -4.92 15.49 0.11
C GLU A 5 -3.65 15.65 0.93
N PHE A 6 -3.79 15.76 2.23
CA PHE A 6 -2.60 15.92 3.10
C PHE A 6 -1.80 14.61 3.17
N HIS A 7 -2.32 13.62 3.84
CA HIS A 7 -1.59 12.33 3.95
C HIS A 7 -2.02 11.38 2.82
N VAL A 8 -1.39 11.50 1.68
CA VAL A 8 -1.75 10.60 0.53
C VAL A 8 -0.55 9.74 0.15
N PRO A 9 -0.82 8.49 -0.12
CA PRO A 9 0.25 7.53 -0.51
C PRO A 9 0.75 7.82 -1.93
N GLU A 10 2.02 7.69 -2.15
CA GLU A 10 2.57 7.93 -3.53
C GLU A 10 2.58 6.64 -4.33
N ARG A 11 3.01 5.56 -3.72
CA ARG A 11 3.04 4.25 -4.45
C ARG A 11 3.42 3.14 -3.47
N ILE A 12 3.43 1.91 -3.93
CA ILE A 12 3.78 0.79 -3.02
C ILE A 12 5.27 0.43 -3.15
N ILE A 13 5.85 -0.07 -2.10
CA ILE A 13 7.28 -0.48 -2.15
C ILE A 13 7.39 -1.97 -1.83
N ASP A 14 6.55 -2.44 -0.96
CA ASP A 14 6.58 -3.89 -0.61
C ASP A 14 5.21 -4.32 -0.08
N SER A 15 4.99 -5.60 0.04
CA SER A 15 3.66 -6.07 0.56
C SER A 15 3.86 -7.03 1.73
N GLN A 16 2.89 -7.12 2.60
CA GLN A 16 3.02 -8.05 3.77
C GLN A 16 1.70 -8.79 4.01
N ARG A 17 1.54 -9.93 3.41
CA ARG A 17 0.28 -10.71 3.61
C ARG A 17 0.52 -11.84 4.62
N ALA A 18 0.12 -11.63 5.85
CA ALA A 18 0.33 -12.69 6.88
C ALA A 18 -0.93 -13.54 7.04
N SER A 19 -0.77 -14.80 7.36
CA SER A 19 -1.97 -15.68 7.52
C SER A 19 -2.41 -15.71 8.98
N LEU A 20 -3.69 -15.71 9.23
CA LEU A 20 -4.18 -15.74 10.63
C LEU A 20 -4.54 -17.16 11.04
N GLU A 21 -5.07 -17.93 10.13
CA GLU A 21 -5.43 -19.35 10.42
C GLU A 21 -6.77 -19.43 11.18
N ASP A 22 -7.17 -18.37 11.82
CA ASP A 22 -8.47 -18.41 12.56
C ASP A 22 -9.63 -18.33 11.56
N GLY A 23 -9.32 -18.26 10.29
CA GLY A 23 -10.42 -18.19 9.27
C GLY A 23 -10.08 -17.10 8.24
N THR A 24 -8.94 -16.48 8.34
CA THR A 24 -8.59 -15.41 7.35
C THR A 24 -7.08 -15.11 7.39
N SER A 25 -6.70 -13.98 6.86
CA SER A 25 -5.26 -13.59 6.85
C SER A 25 -5.14 -12.06 6.94
N GLN A 26 -3.99 -11.57 7.31
CA GLN A 26 -3.83 -10.09 7.42
C GLN A 26 -3.00 -9.57 6.23
N LEU A 27 -3.61 -8.81 5.36
CA LEU A 27 -2.86 -8.27 4.19
C LEU A 27 -2.47 -6.81 4.44
N GLN A 28 -1.26 -6.45 4.09
CA GLN A 28 -0.82 -5.03 4.30
C GLN A 28 0.19 -4.64 3.22
N TYR A 29 0.03 -3.45 2.67
CA TYR A 29 0.98 -3.00 1.60
C TYR A 29 1.82 -1.83 2.10
N LEU A 30 3.12 -1.91 1.94
CA LEU A 30 3.99 -0.79 2.39
C LEU A 30 3.81 0.40 1.43
N VAL A 31 3.57 1.57 1.95
CA VAL A 31 3.38 2.75 1.05
C VAL A 31 4.37 3.87 1.38
N LYS A 32 4.66 4.70 0.42
CA LYS A 32 5.60 5.83 0.65
C LYS A 32 4.82 7.16 0.62
N TRP A 33 4.30 7.57 1.74
CA TRP A 33 3.52 8.85 1.76
C TRP A 33 4.30 9.95 1.04
N ARG A 34 3.67 10.66 0.15
CA ARG A 34 4.36 11.75 -0.60
C ARG A 34 5.29 12.53 0.34
N ARG A 35 6.33 13.11 -0.19
CA ARG A 35 7.27 13.89 0.66
C ARG A 35 7.75 13.03 1.83
N LEU A 36 8.18 11.83 1.55
CA LEU A 36 8.67 10.93 2.63
C LEU A 36 9.76 11.63 3.44
N ASN A 37 9.37 12.41 4.41
CA ASN A 37 10.38 13.13 5.25
C ASN A 37 11.39 12.14 5.81
N TYR A 38 12.58 12.10 5.26
CA TYR A 38 13.61 11.16 5.76
C TYR A 38 13.09 9.73 5.72
N ASP A 39 12.70 9.25 4.57
CA ASP A 39 12.18 7.86 4.46
C ASP A 39 11.21 7.58 5.61
N GLU A 40 10.00 8.04 5.52
CA GLU A 40 9.01 7.81 6.61
C GLU A 40 7.94 6.82 6.14
N ALA A 41 8.10 6.24 4.99
CA ALA A 41 7.08 5.26 4.50
C ALA A 41 6.74 4.26 5.60
N THR A 42 5.59 3.66 5.55
CA THR A 42 5.22 2.67 6.60
C THR A 42 4.36 1.56 6.01
N TRP A 43 3.74 0.76 6.85
CA TRP A 43 2.89 -0.34 6.34
C TRP A 43 1.41 -0.03 6.54
N GLU A 44 0.59 -0.39 5.60
CA GLU A 44 -0.87 -0.12 5.73
C GLU A 44 -1.66 -1.29 5.12
N ASN A 45 -2.94 -1.37 5.39
CA ASN A 45 -3.74 -2.50 4.82
C ASN A 45 -3.77 -2.37 3.30
N ALA A 46 -3.48 -3.44 2.61
CA ALA A 46 -3.51 -3.37 1.13
C ALA A 46 -4.92 -3.04 0.68
N THR A 47 -5.86 -3.24 1.56
CA THR A 47 -7.28 -2.93 1.23
C THR A 47 -7.47 -1.41 1.26
N ASP A 48 -6.99 -0.78 2.30
CA ASP A 48 -7.13 0.69 2.39
C ASP A 48 -6.40 1.35 1.22
N ILE A 49 -5.14 1.03 1.05
CA ILE A 49 -4.38 1.64 -0.07
C ILE A 49 -5.07 1.29 -1.40
N VAL A 50 -5.71 0.16 -1.47
CA VAL A 50 -6.42 -0.20 -2.74
C VAL A 50 -7.47 0.88 -3.00
N LYS A 51 -8.23 1.20 -2.01
CA LYS A 51 -9.28 2.25 -2.17
C LYS A 51 -8.61 3.63 -2.08
N LEU A 52 -7.80 3.82 -1.08
CA LEU A 52 -7.09 5.13 -0.93
C LEU A 52 -6.27 5.39 -2.19
N ALA A 53 -5.47 4.43 -2.56
CA ALA A 53 -4.64 4.56 -3.79
C ALA A 53 -4.71 3.26 -4.59
N PRO A 54 -5.77 3.12 -5.34
CA PRO A 54 -5.97 1.90 -6.16
C PRO A 54 -4.95 1.85 -7.29
N GLU A 55 -4.90 2.87 -8.11
CA GLU A 55 -3.92 2.87 -9.24
C GLU A 55 -2.55 2.42 -8.75
N GLN A 56 -2.18 2.81 -7.56
CA GLN A 56 -0.84 2.40 -7.02
C GLN A 56 -0.86 0.91 -6.69
N VAL A 57 -1.73 0.49 -5.81
CA VAL A 57 -1.78 -0.95 -5.45
C VAL A 57 -1.91 -1.78 -6.73
N LYS A 58 -2.69 -1.34 -7.68
CA LYS A 58 -2.80 -2.11 -8.94
C LYS A 58 -1.44 -2.13 -9.62
N HIS A 59 -0.85 -0.98 -9.83
CA HIS A 59 0.50 -0.94 -10.46
C HIS A 59 1.45 -1.76 -9.58
N PHE A 60 1.34 -1.62 -8.29
CA PHE A 60 2.20 -2.40 -7.37
C PHE A 60 1.86 -3.88 -7.51
N GLN A 61 0.61 -4.19 -7.63
CA GLN A 61 0.18 -5.60 -7.78
C GLN A 61 0.74 -6.19 -9.08
N ASN A 62 0.87 -5.39 -10.09
CA ASN A 62 1.40 -5.90 -11.39
C ASN A 62 2.93 -5.92 -11.36
N ARG A 63 3.54 -4.89 -10.84
CA ARG A 63 5.03 -4.84 -10.79
C ARG A 63 5.57 -6.06 -10.04
N GLU A 64 4.95 -6.43 -8.95
CA GLU A 64 5.45 -7.62 -8.19
C GLU A 64 5.80 -8.75 -9.15
N ASN A 65 5.06 -8.90 -10.21
CA ASN A 65 5.35 -9.99 -11.18
C ASN A 65 6.38 -9.52 -12.22
N SER A 66 7.57 -9.20 -11.79
CA SER A 66 8.62 -8.74 -12.74
C SER A 66 9.99 -8.78 -12.08
N LYS A 67 10.56 -9.95 -11.95
CA LYS A 67 11.91 -10.04 -11.32
C LYS A 67 13.00 -9.71 -12.35
N ILE A 68 13.94 -8.90 -11.98
CA ILE A 68 15.03 -8.53 -12.92
C ILE A 68 16.32 -9.28 -12.57
N LEU A 69 16.20 -10.50 -12.12
CA LEU A 69 17.42 -11.28 -11.75
C LEU A 69 17.33 -12.70 -12.33
N ASP A 1 -19.27 13.34 10.52
CA ASP A 1 -18.11 14.04 11.15
C ASP A 1 -16.87 13.12 11.13
N GLU A 2 -16.47 12.68 9.97
CA GLU A 2 -15.27 11.79 9.89
C GLU A 2 -14.32 12.29 8.80
N PHE A 3 -13.77 13.45 8.97
CA PHE A 3 -12.83 13.99 7.93
C PHE A 3 -11.43 13.42 8.14
N GLU A 4 -10.96 12.60 7.23
CA GLU A 4 -9.60 12.01 7.38
C GLU A 4 -8.91 11.93 6.01
N GLU A 5 -8.91 13.00 5.26
CA GLU A 5 -8.26 12.98 3.93
C GLU A 5 -7.23 14.11 3.83
N PHE A 6 -6.21 14.06 4.64
CA PHE A 6 -5.17 15.13 4.58
C PHE A 6 -3.86 14.59 3.99
N HIS A 7 -3.59 13.33 4.20
CA HIS A 7 -2.32 12.75 3.66
C HIS A 7 -2.63 11.82 2.49
N VAL A 8 -1.75 11.77 1.51
CA VAL A 8 -1.98 10.88 0.34
C VAL A 8 -0.72 10.06 0.05
N PRO A 9 -0.93 8.81 -0.26
CA PRO A 9 0.19 7.90 -0.57
C PRO A 9 0.79 8.21 -1.95
N GLU A 10 2.01 7.83 -2.18
CA GLU A 10 2.64 8.09 -3.50
C GLU A 10 2.71 6.79 -4.31
N ARG A 11 3.08 5.71 -3.68
CA ARG A 11 3.16 4.41 -4.40
C ARG A 11 3.51 3.29 -3.40
N ILE A 12 3.51 2.06 -3.86
CA ILE A 12 3.84 0.94 -2.93
C ILE A 12 5.30 0.53 -3.08
N ILE A 13 5.89 0.02 -2.03
CA ILE A 13 7.31 -0.43 -2.12
C ILE A 13 7.39 -1.93 -1.88
N ASP A 14 6.57 -2.42 -1.01
CA ASP A 14 6.58 -3.88 -0.73
C ASP A 14 5.23 -4.33 -0.16
N SER A 15 5.00 -5.61 -0.05
CA SER A 15 3.71 -6.09 0.49
C SER A 15 3.96 -7.09 1.62
N GLN A 16 2.98 -7.33 2.46
CA GLN A 16 3.16 -8.29 3.57
C GLN A 16 1.83 -8.99 3.89
N ARG A 17 1.57 -10.10 3.24
CA ARG A 17 0.29 -10.82 3.51
C ARG A 17 0.52 -11.88 4.61
N ALA A 18 -0.06 -11.68 5.76
CA ALA A 18 0.13 -12.67 6.85
C ALA A 18 -1.19 -13.38 7.18
N SER A 19 -1.17 -14.68 7.29
CA SER A 19 -2.42 -15.42 7.61
C SER A 19 -2.78 -15.20 9.08
N LEU A 20 -4.05 -15.16 9.40
CA LEU A 20 -4.45 -14.94 10.82
C LEU A 20 -4.49 -16.27 11.56
N GLU A 21 -5.58 -16.99 11.48
CA GLU A 21 -5.65 -18.30 12.20
C GLU A 21 -7.02 -18.95 12.02
N ASP A 22 -8.05 -18.17 11.98
CA ASP A 22 -9.41 -18.75 11.81
C ASP A 22 -9.75 -18.85 10.32
N GLY A 23 -8.76 -19.01 9.49
CA GLY A 23 -9.01 -19.10 8.03
C GLY A 23 -9.02 -17.69 7.47
N THR A 24 -8.42 -16.76 8.17
CA THR A 24 -8.40 -15.36 7.70
C THR A 24 -6.98 -14.95 7.29
N SER A 25 -6.77 -13.69 7.01
CA SER A 25 -5.41 -13.23 6.61
C SER A 25 -5.36 -11.69 6.61
N GLN A 26 -4.31 -11.14 7.16
CA GLN A 26 -4.20 -9.66 7.19
C GLN A 26 -3.22 -9.19 6.10
N LEU A 27 -3.74 -8.74 4.99
CA LEU A 27 -2.86 -8.27 3.89
C LEU A 27 -2.45 -6.81 4.13
N GLN A 28 -1.18 -6.51 4.02
CA GLN A 28 -0.72 -5.11 4.25
C GLN A 28 0.25 -4.68 3.14
N TYR A 29 0.12 -3.46 2.67
CA TYR A 29 1.03 -2.98 1.58
C TYR A 29 1.92 -1.85 2.11
N LEU A 30 3.21 -1.95 1.93
CA LEU A 30 4.09 -0.86 2.41
C LEU A 30 3.95 0.36 1.48
N VAL A 31 3.53 1.47 2.00
CA VAL A 31 3.35 2.68 1.13
C VAL A 31 4.27 3.82 1.56
N LYS A 32 4.57 4.71 0.66
CA LYS A 32 5.44 5.86 1.00
C LYS A 32 4.64 7.17 0.93
N TRP A 33 4.36 7.76 2.05
CA TRP A 33 3.56 9.03 2.05
C TRP A 33 4.42 10.20 1.56
N ARG A 34 3.87 11.02 0.69
CA ARG A 34 4.65 12.18 0.16
C ARG A 34 5.93 11.69 -0.52
N ARG A 35 6.43 12.43 -1.47
CA ARG A 35 7.69 12.00 -2.15
C ARG A 35 8.83 12.97 -1.83
N LEU A 36 8.99 13.30 -0.57
CA LEU A 36 10.09 14.23 -0.19
C LEU A 36 10.94 13.62 0.92
N ASN A 37 10.66 12.41 1.31
CA ASN A 37 11.45 11.76 2.39
C ASN A 37 12.52 10.85 1.78
N TYR A 38 13.32 10.22 2.60
CA TYR A 38 14.39 9.33 2.08
C TYR A 38 14.08 7.87 2.42
N ASP A 39 13.26 7.66 3.41
CA ASP A 39 12.92 6.27 3.81
C ASP A 39 12.02 6.28 5.05
N GLU A 40 10.97 7.04 5.02
CA GLU A 40 10.06 7.11 6.21
C GLU A 40 8.72 6.44 5.88
N ALA A 41 8.68 5.61 4.87
CA ALA A 41 7.40 4.93 4.52
C ALA A 41 7.00 3.96 5.64
N THR A 42 5.78 3.50 5.63
CA THR A 42 5.34 2.54 6.69
C THR A 42 4.47 1.44 6.09
N TRP A 43 3.82 0.67 6.92
CA TRP A 43 2.97 -0.44 6.38
C TRP A 43 1.48 -0.13 6.62
N GLU A 44 0.66 -0.46 5.66
CA GLU A 44 -0.80 -0.21 5.81
C GLU A 44 -1.58 -1.36 5.14
N ASN A 45 -2.85 -1.48 5.42
CA ASN A 45 -3.63 -2.58 4.79
C ASN A 45 -3.63 -2.40 3.28
N ALA A 46 -3.33 -3.43 2.54
CA ALA A 46 -3.34 -3.29 1.06
C ALA A 46 -4.77 -3.03 0.61
N THR A 47 -5.72 -3.29 1.48
CA THR A 47 -7.13 -3.04 1.12
C THR A 47 -7.42 -1.54 1.22
N ASP A 48 -6.94 -0.91 2.26
CA ASP A 48 -7.16 0.55 2.40
C ASP A 48 -6.40 1.27 1.29
N ILE A 49 -5.13 0.98 1.15
CA ILE A 49 -4.35 1.64 0.07
C ILE A 49 -4.98 1.33 -1.29
N VAL A 50 -5.68 0.22 -1.40
CA VAL A 50 -6.34 -0.09 -2.70
C VAL A 50 -7.38 0.99 -2.94
N LYS A 51 -8.23 1.23 -1.98
CA LYS A 51 -9.27 2.29 -2.12
C LYS A 51 -8.59 3.66 -1.98
N LEU A 52 -7.77 3.82 -0.97
CA LEU A 52 -7.06 5.10 -0.77
C LEU A 52 -6.22 5.40 -2.01
N ALA A 53 -5.45 4.44 -2.42
CA ALA A 53 -4.59 4.60 -3.62
C ALA A 53 -4.68 3.36 -4.50
N PRO A 54 -5.78 3.24 -5.20
CA PRO A 54 -6.01 2.07 -6.09
C PRO A 54 -5.04 2.12 -7.27
N GLU A 55 -4.85 3.27 -7.86
CA GLU A 55 -3.91 3.37 -9.01
C GLU A 55 -2.52 2.92 -8.58
N GLN A 56 -2.18 3.12 -7.34
CA GLN A 56 -0.83 2.70 -6.84
C GLN A 56 -0.84 1.20 -6.55
N VAL A 57 -1.72 0.74 -5.71
CA VAL A 57 -1.78 -0.71 -5.40
C VAL A 57 -1.87 -1.50 -6.70
N LYS A 58 -2.63 -1.04 -7.65
CA LYS A 58 -2.73 -1.78 -8.94
C LYS A 58 -1.35 -1.78 -9.61
N HIS A 59 -0.75 -0.63 -9.78
CA HIS A 59 0.60 -0.59 -10.40
C HIS A 59 1.56 -1.39 -9.51
N PHE A 60 1.31 -1.38 -8.22
CA PHE A 60 2.17 -2.15 -7.30
C PHE A 60 1.85 -3.64 -7.45
N GLN A 61 0.61 -3.95 -7.64
CA GLN A 61 0.18 -5.36 -7.81
C GLN A 61 0.72 -5.90 -9.14
N ASN A 62 0.54 -5.15 -10.20
CA ASN A 62 1.04 -5.61 -11.52
C ASN A 62 2.57 -5.68 -11.52
N ARG A 63 3.20 -4.72 -10.89
CA ARG A 63 4.69 -4.72 -10.84
C ARG A 63 5.18 -5.89 -9.99
N GLU A 64 4.46 -6.23 -8.95
CA GLU A 64 4.89 -7.37 -8.10
C GLU A 64 4.60 -8.70 -8.80
N ASN A 65 3.55 -8.74 -9.58
CA ASN A 65 3.20 -10.01 -10.30
C ASN A 65 2.56 -9.69 -11.65
N SER A 66 3.29 -9.83 -12.72
CA SER A 66 2.71 -9.54 -14.06
C SER A 66 2.92 -10.73 -14.99
N LYS A 67 1.87 -11.18 -15.64
CA LYS A 67 1.99 -12.33 -16.56
C LYS A 67 0.83 -12.36 -17.55
N ILE A 68 0.74 -11.38 -18.41
CA ILE A 68 -0.37 -11.35 -19.40
C ILE A 68 -0.48 -12.70 -20.12
N LEU A 69 -1.63 -13.00 -20.67
CA LEU A 69 -1.79 -14.28 -21.39
C LEU A 69 -1.27 -15.44 -20.53
N ASP A 1 -5.12 21.80 15.93
CA ASP A 1 -5.72 21.97 14.57
C ASP A 1 -6.55 20.73 14.19
N GLU A 2 -7.73 20.92 13.66
CA GLU A 2 -8.57 19.76 13.29
C GLU A 2 -8.37 19.41 11.81
N PHE A 3 -9.13 18.47 11.30
CA PHE A 3 -8.98 18.09 9.87
C PHE A 3 -7.60 17.48 9.61
N GLU A 4 -7.55 16.21 9.30
CA GLU A 4 -6.24 15.56 9.04
C GLU A 4 -6.41 14.37 8.07
N GLU A 5 -7.28 14.51 7.10
CA GLU A 5 -7.49 13.41 6.13
C GLU A 5 -6.89 13.78 4.77
N PHE A 6 -5.97 14.71 4.75
CA PHE A 6 -5.36 15.13 3.45
C PHE A 6 -4.13 14.27 3.15
N HIS A 7 -3.83 13.31 3.99
CA HIS A 7 -2.64 12.45 3.74
C HIS A 7 -2.88 11.55 2.52
N VAL A 8 -1.92 11.45 1.65
CA VAL A 8 -2.09 10.59 0.44
C VAL A 8 -0.79 9.84 0.14
N PRO A 9 -0.94 8.59 -0.20
CA PRO A 9 0.22 7.73 -0.52
C PRO A 9 0.78 8.08 -1.91
N GLU A 10 2.03 7.79 -2.14
CA GLU A 10 2.63 8.10 -3.47
C GLU A 10 2.68 6.83 -4.33
N ARG A 11 3.06 5.72 -3.75
CA ARG A 11 3.13 4.46 -4.52
C ARG A 11 3.50 3.30 -3.59
N ILE A 12 3.31 2.08 -4.02
CA ILE A 12 3.66 0.92 -3.15
C ILE A 12 5.12 0.53 -3.34
N ILE A 13 5.72 -0.04 -2.33
CA ILE A 13 7.14 -0.47 -2.46
C ILE A 13 7.25 -1.97 -2.18
N ASP A 14 6.48 -2.44 -1.23
CA ASP A 14 6.52 -3.88 -0.89
C ASP A 14 5.16 -4.33 -0.33
N SER A 15 4.97 -5.61 -0.16
CA SER A 15 3.66 -6.09 0.38
C SER A 15 3.89 -7.09 1.52
N GLN A 16 2.92 -7.27 2.37
CA GLN A 16 3.10 -8.22 3.50
C GLN A 16 1.78 -8.98 3.78
N ARG A 17 1.64 -10.15 3.24
CA ARG A 17 0.40 -10.94 3.49
C ARG A 17 0.62 -11.94 4.63
N ALA A 18 -0.08 -11.78 5.72
CA ALA A 18 0.11 -12.71 6.86
C ALA A 18 -1.22 -13.39 7.23
N SER A 19 -1.18 -14.67 7.50
CA SER A 19 -2.44 -15.38 7.86
C SER A 19 -2.86 -14.97 9.28
N LEU A 20 -4.15 -14.89 9.52
CA LEU A 20 -4.62 -14.49 10.88
C LEU A 20 -4.70 -15.72 11.80
N GLU A 21 -5.78 -16.44 11.77
CA GLU A 21 -5.90 -17.65 12.65
C GLU A 21 -7.28 -18.28 12.54
N ASP A 22 -8.28 -17.48 12.34
CA ASP A 22 -9.66 -18.04 12.22
C ASP A 22 -9.95 -18.40 10.77
N GLY A 23 -8.91 -18.65 10.00
CA GLY A 23 -9.11 -19.00 8.57
C GLY A 23 -9.04 -17.72 7.77
N THR A 24 -8.41 -16.71 8.31
CA THR A 24 -8.32 -15.42 7.58
C THR A 24 -6.86 -15.01 7.39
N SER A 25 -6.63 -13.88 6.77
CA SER A 25 -5.24 -13.41 6.54
C SER A 25 -5.23 -11.88 6.48
N GLN A 26 -4.29 -11.25 7.14
CA GLN A 26 -4.25 -9.77 7.12
C GLN A 26 -3.23 -9.29 6.08
N LEU A 27 -3.69 -8.94 4.92
CA LEU A 27 -2.75 -8.46 3.85
C LEU A 27 -2.36 -7.00 4.11
N GLN A 28 -1.13 -6.66 3.86
CA GLN A 28 -0.69 -5.25 4.10
C GLN A 28 0.25 -4.79 2.98
N TYR A 29 0.09 -3.59 2.51
CA TYR A 29 0.97 -3.08 1.43
C TYR A 29 1.83 -1.93 1.95
N LEU A 30 3.12 -2.00 1.76
CA LEU A 30 3.99 -0.89 2.23
C LEU A 30 3.80 0.32 1.32
N VAL A 31 3.55 1.47 1.89
CA VAL A 31 3.32 2.67 1.04
C VAL A 31 4.31 3.78 1.38
N LYS A 32 4.62 4.62 0.42
CA LYS A 32 5.58 5.73 0.66
C LYS A 32 4.83 7.08 0.60
N TRP A 33 4.40 7.58 1.72
CA TRP A 33 3.66 8.88 1.72
C TRP A 33 4.52 9.99 1.11
N ARG A 34 3.94 10.80 0.27
CA ARG A 34 4.71 11.90 -0.37
C ARG A 34 4.63 13.16 0.50
N ARG A 35 5.55 14.08 0.33
CA ARG A 35 5.52 15.33 1.15
C ARG A 35 5.77 15.00 2.62
N LEU A 36 6.41 15.89 3.33
CA LEU A 36 6.68 15.63 4.78
C LEU A 36 7.53 14.36 4.94
N ASN A 37 8.42 14.34 5.90
CA ASN A 37 9.27 13.14 6.10
C ASN A 37 10.10 12.86 4.84
N TYR A 38 10.91 11.84 4.88
CA TYR A 38 11.74 11.51 3.68
C TYR A 38 12.23 10.06 3.77
N ASP A 39 12.10 9.31 2.70
CA ASP A 39 12.55 7.90 2.72
C ASP A 39 11.96 7.18 3.93
N GLU A 40 10.74 7.48 4.27
CA GLU A 40 10.11 6.81 5.44
C GLU A 40 9.18 5.68 4.97
N ALA A 41 7.98 6.01 4.60
CA ALA A 41 7.03 4.96 4.12
C ALA A 41 6.76 3.96 5.24
N THR A 42 5.53 3.54 5.39
CA THR A 42 5.21 2.56 6.47
C THR A 42 4.39 1.40 5.90
N TRP A 43 3.71 0.66 6.73
CA TRP A 43 2.90 -0.48 6.23
C TRP A 43 1.41 -0.22 6.47
N GLU A 44 0.60 -0.51 5.49
CA GLU A 44 -0.88 -0.30 5.64
C GLU A 44 -1.63 -1.45 5.00
N ASN A 45 -2.87 -1.65 5.34
CA ASN A 45 -3.65 -2.77 4.73
C ASN A 45 -3.68 -2.57 3.21
N ALA A 46 -3.41 -3.61 2.47
CA ALA A 46 -3.45 -3.46 0.99
C ALA A 46 -4.88 -3.17 0.58
N THR A 47 -5.81 -3.43 1.45
CA THR A 47 -7.23 -3.17 1.14
C THR A 47 -7.50 -1.66 1.23
N ASP A 48 -7.03 -1.04 2.27
CA ASP A 48 -7.24 0.43 2.42
C ASP A 48 -6.49 1.15 1.30
N ILE A 49 -5.23 0.88 1.14
CA ILE A 49 -4.46 1.54 0.06
C ILE A 49 -5.12 1.24 -1.29
N VAL A 50 -5.80 0.12 -1.40
CA VAL A 50 -6.48 -0.21 -2.69
C VAL A 50 -7.58 0.83 -2.90
N LYS A 51 -8.37 1.08 -1.89
CA LYS A 51 -9.45 2.10 -2.02
C LYS A 51 -8.86 3.50 -1.86
N LEU A 52 -7.91 3.65 -0.98
CA LEU A 52 -7.26 4.98 -0.80
C LEU A 52 -6.44 5.30 -2.05
N ALA A 53 -5.60 4.39 -2.43
CA ALA A 53 -4.77 4.59 -3.65
C ALA A 53 -4.83 3.31 -4.49
N PRO A 54 -5.90 3.18 -5.23
CA PRO A 54 -6.10 1.98 -6.08
C PRO A 54 -5.09 1.95 -7.23
N GLU A 55 -5.08 2.96 -8.05
CA GLU A 55 -4.11 2.99 -9.18
C GLU A 55 -2.72 2.58 -8.67
N GLN A 56 -2.36 3.02 -7.50
CA GLN A 56 -1.02 2.65 -6.95
C GLN A 56 -0.99 1.15 -6.64
N VAL A 57 -1.87 0.70 -5.80
CA VAL A 57 -1.90 -0.76 -5.46
C VAL A 57 -2.02 -1.56 -6.75
N LYS A 58 -2.76 -1.06 -7.71
CA LYS A 58 -2.89 -1.79 -9.00
C LYS A 58 -1.55 -1.78 -9.70
N HIS A 59 -0.98 -0.61 -9.90
CA HIS A 59 0.36 -0.54 -10.55
C HIS A 59 1.33 -1.36 -9.70
N PHE A 60 1.13 -1.33 -8.41
CA PHE A 60 2.00 -2.12 -7.50
C PHE A 60 1.71 -3.60 -7.70
N GLN A 61 0.45 -3.95 -7.74
CA GLN A 61 0.06 -5.36 -7.95
C GLN A 61 0.61 -5.88 -9.27
N ASN A 62 0.49 -5.10 -10.32
CA ASN A 62 1.01 -5.55 -11.64
C ASN A 62 2.53 -5.35 -11.71
N ARG A 63 3.00 -4.20 -11.33
CA ARG A 63 4.47 -3.94 -11.38
C ARG A 63 5.23 -5.03 -10.62
N GLU A 64 4.59 -5.68 -9.68
CA GLU A 64 5.28 -6.75 -8.91
C GLU A 64 5.03 -8.11 -9.54
N ASN A 65 4.03 -8.23 -10.37
CA ASN A 65 3.73 -9.55 -11.01
C ASN A 65 3.26 -9.34 -12.45
N SER A 66 2.55 -10.29 -12.98
CA SER A 66 2.04 -10.15 -14.39
C SER A 66 3.23 -10.15 -15.36
N LYS A 67 3.98 -9.08 -15.38
CA LYS A 67 5.15 -9.02 -16.32
C LYS A 67 6.10 -10.19 -16.06
N ILE A 68 6.83 -10.60 -17.05
CA ILE A 68 7.78 -11.73 -16.87
C ILE A 68 7.07 -12.93 -16.21
N LEU A 69 7.10 -13.02 -14.91
CA LEU A 69 6.43 -14.16 -14.21
C LEU A 69 5.30 -13.64 -13.33
N ASP A 1 -1.89 25.64 8.22
CA ASP A 1 -3.13 25.73 9.05
C ASP A 1 -4.05 24.54 8.74
N GLU A 2 -4.74 24.04 9.73
CA GLU A 2 -5.65 22.88 9.48
C GLU A 2 -4.97 21.84 8.60
N PHE A 3 -3.89 21.27 9.06
CA PHE A 3 -3.18 20.24 8.25
C PHE A 3 -3.86 18.88 8.40
N GLU A 4 -3.22 17.82 7.98
CA GLU A 4 -3.84 16.48 8.11
C GLU A 4 -5.14 16.42 7.29
N GLU A 5 -5.22 17.20 6.24
CA GLU A 5 -6.46 17.19 5.40
C GLU A 5 -6.09 17.10 3.91
N PHE A 6 -4.95 16.56 3.60
CA PHE A 6 -4.54 16.45 2.18
C PHE A 6 -3.36 15.49 2.01
N HIS A 7 -3.31 14.45 2.82
CA HIS A 7 -2.19 13.48 2.71
C HIS A 7 -2.51 12.43 1.63
N VAL A 8 -1.51 11.97 0.93
CA VAL A 8 -1.75 10.95 -0.13
C VAL A 8 -0.52 10.04 -0.29
N PRO A 9 -0.78 8.80 -0.55
CA PRO A 9 0.30 7.80 -0.73
C PRO A 9 1.03 8.03 -2.06
N GLU A 10 2.32 7.85 -2.09
CA GLU A 10 3.08 8.04 -3.36
C GLU A 10 3.00 6.78 -4.22
N ARG A 11 3.24 5.65 -3.63
CA ARG A 11 3.17 4.37 -4.41
C ARG A 11 3.51 3.19 -3.49
N ILE A 12 3.46 1.99 -4.00
CA ILE A 12 3.78 0.81 -3.14
C ILE A 12 5.23 0.38 -3.35
N ILE A 13 5.85 -0.14 -2.33
CA ILE A 13 7.26 -0.62 -2.46
C ILE A 13 7.32 -2.11 -2.15
N ASP A 14 6.46 -2.57 -1.29
CA ASP A 14 6.47 -4.02 -0.94
C ASP A 14 5.10 -4.43 -0.38
N SER A 15 4.90 -5.70 -0.15
CA SER A 15 3.59 -6.15 0.41
C SER A 15 3.83 -7.10 1.59
N GLN A 16 2.87 -7.21 2.47
CA GLN A 16 3.05 -8.13 3.64
C GLN A 16 1.76 -8.90 3.92
N ARG A 17 1.67 -10.11 3.42
CA ARG A 17 0.46 -10.92 3.67
C ARG A 17 0.73 -11.94 4.79
N ALA A 18 0.17 -11.73 5.95
CA ALA A 18 0.43 -12.67 7.08
C ALA A 18 -0.84 -13.44 7.43
N SER A 19 -0.74 -14.72 7.60
CA SER A 19 -1.93 -15.53 7.96
C SER A 19 -2.37 -15.18 9.39
N LEU A 20 -3.66 -15.13 9.64
CA LEU A 20 -4.13 -14.79 11.01
C LEU A 20 -4.16 -16.04 11.88
N GLU A 21 -5.20 -16.82 11.80
CA GLU A 21 -5.26 -18.06 12.64
C GLU A 21 -6.58 -18.81 12.43
N ASP A 22 -7.66 -18.10 12.26
CA ASP A 22 -8.96 -18.78 12.05
C ASP A 22 -9.19 -18.99 10.55
N GLY A 23 -8.14 -19.13 9.80
CA GLY A 23 -8.29 -19.32 8.33
C GLY A 23 -8.35 -17.94 7.68
N THR A 24 -7.86 -16.95 8.36
CA THR A 24 -7.89 -15.57 7.79
C THR A 24 -6.47 -15.10 7.46
N SER A 25 -6.32 -13.87 7.04
CA SER A 25 -4.98 -13.35 6.71
C SER A 25 -5.00 -11.82 6.67
N GLN A 26 -4.05 -11.18 7.31
CA GLN A 26 -4.02 -9.69 7.31
C GLN A 26 -3.09 -9.19 6.20
N LEU A 27 -3.64 -8.76 5.10
CA LEU A 27 -2.78 -8.26 3.99
C LEU A 27 -2.40 -6.80 4.21
N GLN A 28 -1.19 -6.43 3.88
CA GLN A 28 -0.75 -5.02 4.08
C GLN A 28 0.23 -4.61 2.98
N TYR A 29 0.09 -3.43 2.43
CA TYR A 29 1.01 -2.98 1.35
C TYR A 29 1.92 -1.86 1.87
N LEU A 30 3.21 -1.97 1.65
CA LEU A 30 4.12 -0.89 2.11
C LEU A 30 3.98 0.33 1.20
N VAL A 31 3.66 1.47 1.75
CA VAL A 31 3.50 2.68 0.88
C VAL A 31 4.45 3.80 1.34
N LYS A 32 4.81 4.67 0.44
CA LYS A 32 5.71 5.80 0.81
C LYS A 32 4.90 7.09 0.91
N TRP A 33 4.44 7.42 2.09
CA TRP A 33 3.63 8.66 2.25
C TRP A 33 4.46 9.89 1.86
N ARG A 34 4.13 10.51 0.77
CA ARG A 34 4.89 11.73 0.33
C ARG A 34 6.39 11.52 0.53
N ARG A 35 6.85 10.30 0.48
CA ARG A 35 8.31 10.05 0.66
C ARG A 35 8.85 10.89 1.83
N LEU A 36 8.17 10.87 2.93
CA LEU A 36 8.64 11.68 4.10
C LEU A 36 7.82 11.35 5.34
N ASN A 37 7.63 12.30 6.22
CA ASN A 37 6.83 12.05 7.45
C ASN A 37 7.55 11.03 8.35
N TYR A 38 7.17 10.97 9.59
CA TYR A 38 7.83 10.00 10.52
C TYR A 38 8.01 8.64 9.83
N ASP A 39 9.18 8.06 9.95
CA ASP A 39 9.43 6.74 9.30
C ASP A 39 9.22 6.84 7.78
N GLU A 40 10.28 6.89 7.04
CA GLU A 40 10.15 6.99 5.56
C GLU A 40 9.27 5.85 5.03
N ALA A 41 8.05 6.15 4.69
CA ALA A 41 7.14 5.08 4.18
C ALA A 41 6.89 4.04 5.28
N THR A 42 5.68 3.55 5.38
CA THR A 42 5.39 2.54 6.45
C THR A 42 4.54 1.40 5.87
N TRP A 43 3.85 0.68 6.71
CA TRP A 43 3.00 -0.45 6.22
C TRP A 43 1.52 -0.14 6.44
N GLU A 44 0.70 -0.47 5.49
CA GLU A 44 -0.77 -0.22 5.64
C GLU A 44 -1.56 -1.36 5.00
N ASN A 45 -2.80 -1.50 5.35
CA ASN A 45 -3.62 -2.60 4.76
C ASN A 45 -3.68 -2.42 3.24
N ALA A 46 -3.45 -3.46 2.50
CA ALA A 46 -3.51 -3.33 1.02
C ALA A 46 -4.93 -2.94 0.64
N THR A 47 -5.86 -3.15 1.54
CA THR A 47 -7.27 -2.78 1.28
C THR A 47 -7.42 -1.27 1.37
N ASP A 48 -6.97 -0.69 2.43
CA ASP A 48 -7.08 0.79 2.57
C ASP A 48 -6.37 1.46 1.39
N ILE A 49 -5.15 1.06 1.12
CA ILE A 49 -4.42 1.66 -0.04
C ILE A 49 -5.16 1.35 -1.34
N VAL A 50 -5.84 0.24 -1.41
CA VAL A 50 -6.60 -0.07 -2.66
C VAL A 50 -7.67 1.01 -2.84
N LYS A 51 -8.26 1.42 -1.75
CA LYS A 51 -9.30 2.49 -1.82
C LYS A 51 -8.60 3.86 -1.76
N LEU A 52 -7.68 4.02 -0.85
CA LEU A 52 -6.94 5.30 -0.74
C LEU A 52 -6.15 5.53 -2.03
N ALA A 53 -5.48 4.51 -2.49
CA ALA A 53 -4.69 4.63 -3.74
C ALA A 53 -4.81 3.33 -4.54
N PRO A 54 -5.89 3.22 -5.27
CA PRO A 54 -6.15 2.01 -6.09
C PRO A 54 -5.14 1.96 -7.25
N GLU A 55 -5.08 2.99 -8.04
CA GLU A 55 -4.12 2.99 -9.18
C GLU A 55 -2.75 2.53 -8.70
N GLN A 56 -2.36 2.93 -7.52
CA GLN A 56 -1.03 2.50 -6.99
C GLN A 56 -1.06 1.00 -6.68
N VAL A 57 -1.93 0.58 -5.79
CA VAL A 57 -2.00 -0.86 -5.47
C VAL A 57 -2.19 -1.66 -6.77
N LYS A 58 -2.98 -1.16 -7.68
CA LYS A 58 -3.15 -1.89 -8.97
C LYS A 58 -1.82 -1.93 -9.71
N HIS A 59 -1.19 -0.80 -9.88
CA HIS A 59 0.14 -0.79 -10.55
C HIS A 59 1.09 -1.66 -9.73
N PHE A 60 1.16 -1.40 -8.45
CA PHE A 60 2.02 -2.22 -7.56
C PHE A 60 1.64 -3.69 -7.73
N GLN A 61 0.37 -3.95 -7.85
CA GLN A 61 -0.12 -5.34 -8.03
C GLN A 61 0.49 -5.96 -9.29
N ASN A 62 0.41 -5.28 -10.39
CA ASN A 62 0.99 -5.82 -11.66
C ASN A 62 2.50 -6.01 -11.49
N ARG A 63 3.11 -5.20 -10.67
CA ARG A 63 4.59 -5.32 -10.46
C ARG A 63 4.92 -6.65 -9.76
N GLU A 64 4.07 -7.08 -8.88
CA GLU A 64 4.33 -8.37 -8.17
C GLU A 64 3.63 -9.53 -8.88
N ASN A 65 2.55 -9.26 -9.57
CA ASN A 65 1.83 -10.34 -10.29
C ASN A 65 1.84 -10.07 -11.79
N SER A 66 0.84 -10.55 -12.49
CA SER A 66 0.79 -10.33 -13.97
C SER A 66 1.92 -11.08 -14.66
N LYS A 67 2.31 -10.64 -15.82
CA LYS A 67 3.41 -11.34 -16.55
C LYS A 67 4.68 -10.49 -16.53
N ILE A 68 5.32 -10.39 -15.39
CA ILE A 68 6.56 -9.57 -15.29
C ILE A 68 6.33 -8.18 -15.88
N LEU A 69 5.47 -7.41 -15.28
CA LEU A 69 5.20 -6.04 -15.80
C LEU A 69 5.34 -5.00 -14.68
N ASP A 1 -10.09 7.64 1.62
CA ASP A 1 -11.04 8.54 2.34
C ASP A 1 -11.20 9.85 1.59
N GLU A 2 -12.14 10.66 1.98
CA GLU A 2 -12.36 11.96 1.29
C GLU A 2 -12.11 13.13 2.24
N PHE A 3 -11.95 14.31 1.72
CA PHE A 3 -11.70 15.49 2.60
C PHE A 3 -10.46 15.27 3.45
N GLU A 4 -9.79 16.33 3.85
CA GLU A 4 -8.56 16.17 4.68
C GLU A 4 -7.56 15.26 3.97
N GLU A 5 -7.25 15.55 2.74
CA GLU A 5 -6.27 14.71 1.99
C GLU A 5 -4.84 15.19 2.27
N PHE A 6 -4.47 15.32 3.51
CA PHE A 6 -3.09 15.80 3.83
C PHE A 6 -2.10 14.63 3.76
N HIS A 7 -2.50 13.47 4.20
CA HIS A 7 -1.58 12.29 4.15
C HIS A 7 -1.93 11.40 2.96
N VAL A 8 -1.16 11.48 1.91
CA VAL A 8 -1.45 10.63 0.71
C VAL A 8 -0.23 9.78 0.36
N PRO A 9 -0.50 8.54 0.02
CA PRO A 9 0.59 7.60 -0.34
C PRO A 9 1.14 7.93 -1.74
N GLU A 10 2.38 7.62 -1.99
CA GLU A 10 2.95 7.92 -3.34
C GLU A 10 3.00 6.65 -4.19
N ARG A 11 3.21 5.52 -3.59
CA ARG A 11 3.26 4.24 -4.37
C ARG A 11 3.61 3.08 -3.44
N ILE A 12 3.48 1.87 -3.90
CA ILE A 12 3.81 0.70 -3.02
C ILE A 12 5.25 0.27 -3.23
N ILE A 13 5.88 -0.24 -2.20
CA ILE A 13 7.28 -0.71 -2.33
C ILE A 13 7.37 -2.20 -1.97
N ASP A 14 6.51 -2.65 -1.11
CA ASP A 14 6.55 -4.08 -0.72
C ASP A 14 5.18 -4.50 -0.18
N SER A 15 4.99 -5.76 0.10
CA SER A 15 3.67 -6.21 0.63
C SER A 15 3.88 -7.16 1.81
N GLN A 16 2.97 -7.16 2.76
CA GLN A 16 3.12 -8.05 3.94
C GLN A 16 1.82 -8.83 4.17
N ARG A 17 1.63 -9.91 3.46
CA ARG A 17 0.37 -10.70 3.64
C ARG A 17 0.57 -11.71 4.78
N ALA A 18 -0.01 -11.44 5.92
CA ALA A 18 0.15 -12.38 7.06
C ALA A 18 -1.09 -13.28 7.18
N SER A 19 -0.89 -14.55 7.40
CA SER A 19 -2.05 -15.47 7.52
C SER A 19 -2.59 -15.46 8.96
N LEU A 20 -3.89 -15.44 9.11
CA LEU A 20 -4.48 -15.43 10.48
C LEU A 20 -4.82 -16.86 10.92
N GLU A 21 -5.23 -17.68 9.98
CA GLU A 21 -5.59 -19.11 10.30
C GLU A 21 -6.98 -19.21 10.93
N ASP A 22 -7.46 -18.17 11.56
CA ASP A 22 -8.82 -18.24 12.18
C ASP A 22 -9.89 -18.24 11.07
N GLY A 23 -9.48 -18.13 9.84
CA GLY A 23 -10.47 -18.12 8.72
C GLY A 23 -10.07 -17.08 7.68
N THR A 24 -9.03 -16.33 7.93
CA THR A 24 -8.63 -15.29 6.93
C THR A 24 -7.14 -14.94 7.09
N SER A 25 -6.77 -13.75 6.72
CA SER A 25 -5.34 -13.33 6.84
C SER A 25 -5.26 -11.80 6.90
N GLN A 26 -4.16 -11.26 7.35
CA GLN A 26 -4.03 -9.79 7.43
C GLN A 26 -3.09 -9.28 6.33
N LEU A 27 -3.64 -8.77 5.26
CA LEU A 27 -2.77 -8.27 4.15
C LEU A 27 -2.38 -6.82 4.38
N GLN A 28 -1.14 -6.49 4.11
CA GLN A 28 -0.69 -5.08 4.31
C GLN A 28 0.29 -4.68 3.20
N TYR A 29 0.13 -3.51 2.65
CA TYR A 29 1.05 -3.07 1.55
C TYR A 29 1.96 -1.93 2.03
N LEU A 30 3.25 -2.06 1.84
CA LEU A 30 4.17 -0.97 2.27
C LEU A 30 4.02 0.22 1.33
N VAL A 31 3.71 1.39 1.85
CA VAL A 31 3.53 2.57 0.96
C VAL A 31 4.58 3.63 1.25
N LYS A 32 4.85 4.48 0.30
CA LYS A 32 5.86 5.55 0.50
C LYS A 32 5.15 6.92 0.53
N TRP A 33 4.64 7.29 1.66
CA TRP A 33 3.93 8.60 1.77
C TRP A 33 4.70 9.70 1.03
N ARG A 34 4.00 10.68 0.53
CA ARG A 34 4.69 11.79 -0.20
C ARG A 34 5.80 12.39 0.66
N ARG A 35 6.84 12.89 0.05
CA ARG A 35 7.95 13.49 0.83
C ARG A 35 7.40 14.46 1.87
N LEU A 36 7.42 14.08 3.12
CA LEU A 36 6.88 14.99 4.18
C LEU A 36 7.52 14.66 5.53
N ASN A 37 7.89 15.66 6.28
CA ASN A 37 8.52 15.41 7.62
C ASN A 37 9.64 14.37 7.50
N TYR A 38 10.03 13.80 8.60
CA TYR A 38 11.12 12.78 8.56
C TYR A 38 10.54 11.38 8.35
N ASP A 39 9.27 11.29 8.05
CA ASP A 39 8.65 9.94 7.83
C ASP A 39 9.33 9.22 6.67
N GLU A 40 9.45 7.93 6.75
CA GLU A 40 10.12 7.18 5.64
C GLU A 40 9.23 6.01 5.19
N ALA A 41 8.02 6.28 4.80
CA ALA A 41 7.12 5.18 4.34
C ALA A 41 6.82 4.22 5.50
N THR A 42 5.74 3.50 5.42
CA THR A 42 5.40 2.54 6.52
C THR A 42 4.56 1.39 5.97
N TRP A 43 3.83 0.71 6.83
CA TRP A 43 3.00 -0.43 6.35
C TRP A 43 1.51 -0.13 6.56
N GLU A 44 0.70 -0.40 5.58
CA GLU A 44 -0.77 -0.15 5.71
C GLU A 44 -1.54 -1.32 5.10
N ASN A 45 -2.80 -1.44 5.41
CA ASN A 45 -3.59 -2.56 4.84
C ASN A 45 -3.64 -2.41 3.31
N ALA A 46 -3.38 -3.47 2.60
CA ALA A 46 -3.43 -3.37 1.11
C ALA A 46 -4.85 -3.02 0.70
N THR A 47 -5.77 -3.21 1.57
CA THR A 47 -7.20 -2.89 1.26
C THR A 47 -7.39 -1.38 1.35
N ASP A 48 -6.88 -0.76 2.37
CA ASP A 48 -7.03 0.70 2.50
C ASP A 48 -6.28 1.39 1.35
N ILE A 49 -5.04 1.05 1.16
CA ILE A 49 -4.27 1.66 0.06
C ILE A 49 -4.95 1.35 -1.28
N VAL A 50 -5.65 0.25 -1.36
CA VAL A 50 -6.35 -0.06 -2.63
C VAL A 50 -7.39 1.03 -2.88
N LYS A 51 -8.19 1.30 -1.89
CA LYS A 51 -9.22 2.37 -2.02
C LYS A 51 -8.53 3.74 -1.92
N LEU A 52 -7.67 3.91 -0.95
CA LEU A 52 -6.95 5.21 -0.81
C LEU A 52 -6.13 5.46 -2.06
N ALA A 53 -5.33 4.49 -2.44
CA ALA A 53 -4.49 4.62 -3.66
C ALA A 53 -4.58 3.34 -4.48
N PRO A 54 -5.66 3.21 -5.20
CA PRO A 54 -5.88 2.00 -6.05
C PRO A 54 -4.87 1.97 -7.19
N GLU A 55 -4.75 3.04 -7.92
CA GLU A 55 -3.78 3.06 -9.05
C GLU A 55 -2.41 2.58 -8.57
N GLN A 56 -2.02 2.97 -7.38
CA GLN A 56 -0.70 2.53 -6.85
C GLN A 56 -0.75 1.02 -6.53
N VAL A 57 -1.67 0.60 -5.72
CA VAL A 57 -1.76 -0.85 -5.40
C VAL A 57 -1.92 -1.64 -6.69
N LYS A 58 -2.75 -1.19 -7.59
CA LYS A 58 -2.91 -1.93 -8.88
C LYS A 58 -1.56 -1.92 -9.60
N HIS A 59 -0.94 -0.77 -9.70
CA HIS A 59 0.39 -0.71 -10.36
C HIS A 59 1.37 -1.57 -9.55
N PHE A 60 1.20 -1.56 -8.25
CA PHE A 60 2.09 -2.38 -7.38
C PHE A 60 1.75 -3.86 -7.59
N GLN A 61 0.49 -4.16 -7.65
CA GLN A 61 0.05 -5.56 -7.87
C GLN A 61 0.51 -6.06 -9.23
N ASN A 62 0.30 -5.28 -10.25
CA ASN A 62 0.73 -5.71 -11.62
C ASN A 62 2.24 -5.57 -11.76
N ARG A 63 2.84 -4.65 -11.06
CA ARG A 63 4.32 -4.48 -11.15
C ARG A 63 5.04 -5.59 -10.36
N GLU A 64 4.53 -5.92 -9.21
CA GLU A 64 5.19 -6.98 -8.40
C GLU A 64 5.41 -8.24 -9.24
N ASN A 65 4.43 -8.64 -9.99
CA ASN A 65 4.59 -9.86 -10.84
C ASN A 65 5.16 -9.47 -12.21
N SER A 66 6.19 -8.66 -12.22
CA SER A 66 6.79 -8.24 -13.53
C SER A 66 8.19 -7.66 -13.29
N LYS A 67 9.21 -8.43 -13.56
CA LYS A 67 10.60 -7.92 -13.36
C LYS A 67 11.19 -7.44 -14.69
N ILE A 68 12.48 -7.25 -14.74
CA ILE A 68 13.11 -6.79 -16.02
C ILE A 68 12.76 -7.75 -17.16
N LEU A 69 12.57 -9.01 -16.87
CA LEU A 69 12.22 -9.97 -17.94
C LEU A 69 11.08 -10.89 -17.47
N ASP A 1 -16.38 19.51 0.09
CA ASP A 1 -15.99 20.94 0.03
C ASP A 1 -14.60 21.14 0.66
N GLU A 2 -14.09 22.33 0.63
CA GLU A 2 -12.74 22.59 1.22
C GLU A 2 -11.73 21.57 0.70
N PHE A 3 -10.95 21.93 -0.27
CA PHE A 3 -9.94 20.98 -0.82
C PHE A 3 -8.89 20.64 0.25
N GLU A 4 -9.21 19.77 1.16
CA GLU A 4 -8.24 19.40 2.23
C GLU A 4 -7.03 18.69 1.62
N GLU A 5 -7.12 17.40 1.44
CA GLU A 5 -5.96 16.65 0.86
C GLU A 5 -4.68 16.99 1.64
N PHE A 6 -4.41 16.26 2.69
CA PHE A 6 -3.19 16.54 3.49
C PHE A 6 -2.15 15.43 3.32
N HIS A 7 -2.54 14.20 3.54
CA HIS A 7 -1.57 13.08 3.37
C HIS A 7 -2.09 12.05 2.36
N VAL A 8 -1.36 11.83 1.30
CA VAL A 8 -1.80 10.84 0.28
C VAL A 8 -0.61 9.96 -0.14
N PRO A 9 -0.92 8.72 -0.37
CA PRO A 9 0.12 7.74 -0.78
C PRO A 9 0.58 8.03 -2.21
N GLU A 10 1.83 7.75 -2.52
CA GLU A 10 2.32 8.00 -3.90
C GLU A 10 2.47 6.68 -4.66
N ARG A 11 2.84 5.63 -3.97
CA ARG A 11 2.99 4.31 -4.65
C ARG A 11 3.33 3.23 -3.63
N ILE A 12 3.36 1.99 -4.05
CA ILE A 12 3.68 0.89 -3.09
C ILE A 12 5.14 0.45 -3.28
N ILE A 13 5.75 -0.07 -2.26
CA ILE A 13 7.16 -0.54 -2.39
C ILE A 13 7.22 -2.04 -2.16
N ASP A 14 6.39 -2.54 -1.30
CA ASP A 14 6.40 -4.00 -1.02
C ASP A 14 5.07 -4.44 -0.42
N SER A 15 4.85 -5.72 -0.29
CA SER A 15 3.56 -6.20 0.29
C SER A 15 3.84 -7.19 1.43
N GLN A 16 2.97 -7.26 2.39
CA GLN A 16 3.18 -8.21 3.53
C GLN A 16 1.88 -8.93 3.85
N ARG A 17 1.64 -10.05 3.23
CA ARG A 17 0.38 -10.81 3.50
C ARG A 17 0.64 -11.83 4.61
N ALA A 18 0.01 -11.66 5.74
CA ALA A 18 0.22 -12.61 6.86
C ALA A 18 -1.08 -13.35 7.21
N SER A 19 -0.97 -14.62 7.51
CA SER A 19 -2.20 -15.39 7.88
C SER A 19 -2.64 -14.97 9.29
N LEU A 20 -3.92 -15.01 9.55
CA LEU A 20 -4.40 -14.60 10.91
C LEU A 20 -4.49 -15.81 11.84
N GLU A 21 -5.61 -16.48 11.85
CA GLU A 21 -5.74 -17.67 12.76
C GLU A 21 -6.99 -18.48 12.42
N ASP A 22 -8.08 -17.83 12.13
CA ASP A 22 -9.32 -18.57 11.79
C ASP A 22 -9.38 -18.82 10.29
N GLY A 23 -8.25 -18.92 9.66
CA GLY A 23 -8.23 -19.13 8.19
C GLY A 23 -8.27 -17.78 7.50
N THR A 24 -7.97 -16.74 8.23
CA THR A 24 -7.99 -15.38 7.62
C THR A 24 -6.57 -14.90 7.36
N SER A 25 -6.43 -13.71 6.85
CA SER A 25 -5.05 -13.19 6.55
C SER A 25 -5.09 -11.66 6.48
N GLN A 26 -4.19 -11.01 7.17
CA GLN A 26 -4.15 -9.53 7.13
C GLN A 26 -3.22 -9.05 6.01
N LEU A 27 -3.79 -8.64 4.90
CA LEU A 27 -2.95 -8.17 3.76
C LEU A 27 -2.48 -6.74 4.00
N GLN A 28 -1.20 -6.50 3.92
CA GLN A 28 -0.69 -5.11 4.15
C GLN A 28 0.26 -4.69 3.01
N TYR A 29 0.14 -3.49 2.55
CA TYR A 29 1.03 -3.01 1.44
C TYR A 29 1.94 -1.88 1.94
N LEU A 30 3.22 -2.00 1.74
CA LEU A 30 4.14 -0.91 2.17
C LEU A 30 3.97 0.28 1.23
N VAL A 31 3.60 1.42 1.75
CA VAL A 31 3.41 2.60 0.85
C VAL A 31 4.37 3.74 1.21
N LYS A 32 4.70 4.55 0.25
CA LYS A 32 5.60 5.70 0.52
C LYS A 32 4.80 7.00 0.51
N TRP A 33 4.64 7.62 1.65
CA TRP A 33 3.84 8.87 1.71
C TRP A 33 4.64 10.05 1.14
N ARG A 34 4.24 10.55 0.00
CA ARG A 34 4.96 11.70 -0.62
C ARG A 34 6.47 11.50 -0.55
N ARG A 35 6.94 10.28 -0.70
CA ARG A 35 8.41 10.03 -0.65
C ARG A 35 9.04 10.84 0.49
N LEU A 36 8.80 10.46 1.71
CA LEU A 36 9.38 11.21 2.86
C LEU A 36 10.90 11.00 2.92
N ASN A 37 11.64 12.04 3.21
CA ASN A 37 13.11 11.90 3.29
C ASN A 37 13.52 11.43 4.69
N TYR A 38 12.94 12.00 5.72
CA TYR A 38 13.28 11.58 7.10
C TYR A 38 12.55 10.29 7.46
N ASP A 39 12.60 9.30 6.61
CA ASP A 39 11.90 8.02 6.90
C ASP A 39 12.03 7.07 5.71
N GLU A 40 11.27 6.01 5.68
CA GLU A 40 11.36 5.05 4.55
C GLU A 40 10.00 4.39 4.31
N ALA A 41 8.97 5.18 4.19
CA ALA A 41 7.61 4.60 3.95
C ALA A 41 7.23 3.65 5.10
N THR A 42 5.97 3.33 5.22
CA THR A 42 5.55 2.41 6.31
C THR A 42 4.67 1.29 5.77
N TRP A 43 3.99 0.58 6.63
CA TRP A 43 3.13 -0.52 6.15
C TRP A 43 1.65 -0.22 6.44
N GLU A 44 0.81 -0.38 5.46
CA GLU A 44 -0.64 -0.12 5.65
C GLU A 44 -1.45 -1.24 5.00
N ASN A 45 -2.66 -1.46 5.43
CA ASN A 45 -3.47 -2.55 4.81
C ASN A 45 -3.52 -2.34 3.29
N ALA A 46 -3.30 -3.37 2.53
CA ALA A 46 -3.35 -3.23 1.06
C ALA A 46 -4.79 -2.97 0.65
N THR A 47 -5.70 -3.20 1.55
CA THR A 47 -7.14 -2.97 1.23
C THR A 47 -7.43 -1.48 1.28
N ASP A 48 -7.02 -0.82 2.34
CA ASP A 48 -7.26 0.64 2.43
C ASP A 48 -6.50 1.35 1.32
N ILE A 49 -5.25 1.04 1.16
CA ILE A 49 -4.45 1.68 0.07
C ILE A 49 -5.11 1.40 -1.27
N VAL A 50 -5.75 0.27 -1.43
CA VAL A 50 -6.42 0.00 -2.73
C VAL A 50 -7.47 1.09 -2.96
N LYS A 51 -8.33 1.29 -2.00
CA LYS A 51 -9.36 2.36 -2.13
C LYS A 51 -8.70 3.72 -1.97
N LEU A 52 -7.87 3.88 -0.97
CA LEU A 52 -7.17 5.18 -0.77
C LEU A 52 -6.35 5.50 -2.02
N ALA A 53 -5.54 4.57 -2.43
CA ALA A 53 -4.70 4.78 -3.64
C ALA A 53 -4.74 3.52 -4.52
N PRO A 54 -5.82 3.35 -5.22
CA PRO A 54 -5.98 2.16 -6.11
C PRO A 54 -5.00 2.25 -7.28
N GLU A 55 -4.93 3.38 -7.93
CA GLU A 55 -3.98 3.53 -9.07
C GLU A 55 -2.59 3.06 -8.64
N GLN A 56 -2.26 3.21 -7.39
CA GLN A 56 -0.93 2.77 -6.91
C GLN A 56 -0.95 1.27 -6.64
N VAL A 57 -1.85 0.82 -5.81
CA VAL A 57 -1.91 -0.64 -5.51
C VAL A 57 -2.05 -1.42 -6.82
N LYS A 58 -2.88 -0.98 -7.71
CA LYS A 58 -3.01 -1.70 -9.01
C LYS A 58 -1.66 -1.68 -9.72
N HIS A 59 -1.05 -0.52 -9.81
CA HIS A 59 0.29 -0.45 -10.45
C HIS A 59 1.26 -1.30 -9.63
N PHE A 60 1.08 -1.31 -8.34
CA PHE A 60 1.95 -2.13 -7.46
C PHE A 60 1.61 -3.61 -7.66
N GLN A 61 0.36 -3.89 -7.88
CA GLN A 61 -0.08 -5.29 -8.10
C GLN A 61 0.57 -5.85 -9.36
N ASN A 62 0.80 -5.02 -10.33
CA ASN A 62 1.44 -5.49 -11.59
C ASN A 62 2.95 -5.67 -11.37
N ARG A 63 3.58 -4.71 -10.74
CA ARG A 63 5.04 -4.83 -10.49
C ARG A 63 5.33 -6.04 -9.60
N GLU A 64 4.52 -6.26 -8.61
CA GLU A 64 4.74 -7.44 -7.71
C GLU A 64 4.56 -8.74 -8.49
N ASN A 65 4.05 -8.65 -9.70
CA ASN A 65 3.84 -9.87 -10.52
C ASN A 65 3.64 -9.49 -11.99
N SER A 66 4.68 -9.54 -12.77
CA SER A 66 4.54 -9.18 -14.21
C SER A 66 5.56 -9.94 -15.06
N LYS A 67 5.13 -10.97 -15.73
CA LYS A 67 6.08 -11.75 -16.58
C LYS A 67 6.02 -11.25 -18.02
N ILE A 68 6.90 -11.72 -18.86
CA ILE A 68 6.90 -11.27 -20.28
C ILE A 68 5.81 -12.01 -21.07
N LEU A 69 5.30 -13.08 -20.52
CA LEU A 69 4.24 -13.84 -21.23
C LEU A 69 2.99 -13.98 -20.34
N ASP A 1 1.06 23.38 13.37
CA ASP A 1 0.05 22.38 12.92
C ASP A 1 -1.28 23.09 12.61
N GLU A 2 -1.71 23.06 11.38
CA GLU A 2 -3.00 23.73 11.03
C GLU A 2 -3.71 22.96 9.91
N PHE A 3 -4.45 21.95 10.26
CA PHE A 3 -5.18 21.16 9.22
C PHE A 3 -4.26 20.82 8.06
N GLU A 4 -3.33 19.92 8.26
CA GLU A 4 -2.41 19.54 7.15
C GLU A 4 -3.11 18.56 6.21
N GLU A 5 -3.73 17.56 6.77
CA GLU A 5 -4.45 16.55 5.92
C GLU A 5 -3.65 16.22 4.67
N PHE A 6 -2.35 16.19 4.77
CA PHE A 6 -1.52 15.87 3.58
C PHE A 6 -0.95 14.45 3.70
N HIS A 7 -1.78 13.50 4.09
CA HIS A 7 -1.30 12.10 4.24
C HIS A 7 -1.80 11.26 3.06
N VAL A 8 -1.08 11.26 1.97
CA VAL A 8 -1.52 10.45 0.80
C VAL A 8 -0.40 9.50 0.36
N PRO A 9 -0.80 8.30 0.03
CA PRO A 9 0.17 7.27 -0.42
C PRO A 9 0.70 7.59 -1.82
N GLU A 10 1.99 7.75 -1.97
CA GLU A 10 2.55 8.05 -3.31
C GLU A 10 2.57 6.78 -4.17
N ARG A 11 2.89 5.67 -3.57
CA ARG A 11 2.93 4.39 -4.34
C ARG A 11 3.32 3.24 -3.40
N ILE A 12 3.33 2.03 -3.89
CA ILE A 12 3.70 0.88 -3.01
C ILE A 12 5.16 0.49 -3.22
N ILE A 13 5.78 -0.09 -2.22
CA ILE A 13 7.20 -0.53 -2.36
C ILE A 13 7.28 -2.03 -2.11
N ASP A 14 6.53 -2.50 -1.16
CA ASP A 14 6.54 -3.95 -0.85
C ASP A 14 5.19 -4.37 -0.25
N SER A 15 4.96 -5.64 -0.10
CA SER A 15 3.66 -6.09 0.49
C SER A 15 3.90 -7.05 1.65
N GLN A 16 2.91 -7.25 2.48
CA GLN A 16 3.08 -8.17 3.64
C GLN A 16 1.77 -8.92 3.92
N ARG A 17 1.62 -10.09 3.38
CA ARG A 17 0.37 -10.88 3.64
C ARG A 17 0.61 -11.89 4.76
N ALA A 18 0.13 -11.62 5.94
CA ALA A 18 0.34 -12.58 7.06
C ALA A 18 -0.95 -13.34 7.36
N SER A 19 -0.87 -14.64 7.49
CA SER A 19 -2.09 -15.42 7.78
C SER A 19 -2.54 -15.18 9.22
N LEU A 20 -3.82 -15.17 9.46
CA LEU A 20 -4.31 -14.95 10.85
C LEU A 20 -4.59 -16.28 11.53
N GLU A 21 -5.06 -17.25 10.77
CA GLU A 21 -5.36 -18.60 11.33
C GLU A 21 -6.67 -18.60 12.12
N ASP A 22 -7.23 -17.43 12.34
CA ASP A 22 -8.52 -17.37 13.08
C ASP A 22 -9.68 -17.43 12.09
N GLY A 23 -9.37 -17.58 10.83
CA GLY A 23 -10.44 -17.65 9.80
C GLY A 23 -10.09 -16.75 8.61
N THR A 24 -8.96 -16.10 8.66
CA THR A 24 -8.58 -15.21 7.52
C THR A 24 -7.09 -14.87 7.56
N SER A 25 -6.72 -13.74 7.00
CA SER A 25 -5.29 -13.34 7.00
C SER A 25 -5.18 -11.81 7.06
N GLN A 26 -4.04 -11.29 7.45
CA GLN A 26 -3.88 -9.81 7.53
C GLN A 26 -3.00 -9.32 6.39
N LEU A 27 -3.60 -8.88 5.31
CA LEU A 27 -2.79 -8.38 4.15
C LEU A 27 -2.40 -6.91 4.37
N GLN A 28 -1.18 -6.56 4.08
CA GLN A 28 -0.74 -5.14 4.27
C GLN A 28 0.24 -4.73 3.16
N TYR A 29 0.04 -3.55 2.61
CA TYR A 29 0.96 -3.07 1.53
C TYR A 29 1.82 -1.92 2.04
N LEU A 30 3.11 -2.00 1.84
CA LEU A 30 4.00 -0.88 2.30
C LEU A 30 3.85 0.30 1.36
N VAL A 31 3.52 1.45 1.86
CA VAL A 31 3.35 2.63 0.97
C VAL A 31 4.32 3.76 1.34
N LYS A 32 4.62 4.63 0.41
CA LYS A 32 5.54 5.76 0.72
C LYS A 32 4.75 7.07 0.77
N TRP A 33 4.34 7.47 1.95
CA TRP A 33 3.55 8.73 2.08
C TRP A 33 4.30 9.92 1.48
N ARG A 34 4.01 10.24 0.24
CA ARG A 34 4.67 11.39 -0.43
C ARG A 34 6.14 11.50 0.00
N ARG A 35 6.66 12.70 0.05
CA ARG A 35 8.09 12.88 0.45
C ARG A 35 9.01 12.22 -0.55
N LEU A 36 9.53 12.95 -1.50
CA LEU A 36 10.44 12.35 -2.50
C LEU A 36 11.82 12.10 -1.89
N ASN A 37 12.43 13.11 -1.34
CA ASN A 37 13.78 12.94 -0.73
C ASN A 37 13.63 12.66 0.77
N TYR A 38 12.87 11.67 1.13
CA TYR A 38 12.69 11.35 2.57
C TYR A 38 12.65 9.83 2.76
N ASP A 39 12.12 9.38 3.87
CA ASP A 39 12.05 7.91 4.12
C ASP A 39 11.16 7.61 5.33
N GLU A 40 9.92 8.02 5.27
CA GLU A 40 8.99 7.76 6.41
C GLU A 40 7.92 6.75 6.00
N ALA A 41 8.07 6.14 4.86
CA ALA A 41 7.05 5.15 4.41
C ALA A 41 6.73 4.17 5.54
N THR A 42 5.58 3.55 5.50
CA THR A 42 5.22 2.58 6.58
C THR A 42 4.40 1.43 6.00
N TRP A 43 3.70 0.71 6.84
CA TRP A 43 2.89 -0.43 6.34
C TRP A 43 1.39 -0.16 6.54
N GLU A 44 0.59 -0.56 5.60
CA GLU A 44 -0.88 -0.36 5.72
C GLU A 44 -1.61 -1.56 5.13
N ASN A 45 -2.90 -1.63 5.31
CA ASN A 45 -3.65 -2.78 4.73
C ASN A 45 -3.70 -2.64 3.21
N ALA A 46 -3.48 -3.71 2.49
CA ALA A 46 -3.53 -3.60 1.01
C ALA A 46 -4.93 -3.20 0.58
N THR A 47 -5.88 -3.40 1.46
CA THR A 47 -7.28 -3.02 1.15
C THR A 47 -7.44 -1.50 1.28
N ASP A 48 -6.93 -0.93 2.33
CA ASP A 48 -7.04 0.54 2.51
C ASP A 48 -6.29 1.23 1.38
N ILE A 49 -5.06 0.85 1.15
CA ILE A 49 -4.29 1.48 0.05
C ILE A 49 -5.00 1.24 -1.29
N VAL A 50 -5.70 0.14 -1.41
CA VAL A 50 -6.43 -0.12 -2.68
C VAL A 50 -7.47 0.98 -2.85
N LYS A 51 -8.20 1.26 -1.81
CA LYS A 51 -9.23 2.34 -1.87
C LYS A 51 -8.54 3.70 -1.77
N LEU A 52 -7.63 3.85 -0.84
CA LEU A 52 -6.91 5.14 -0.69
C LEU A 52 -6.09 5.41 -1.96
N ALA A 53 -5.32 4.44 -2.36
CA ALA A 53 -4.49 4.59 -3.58
C ALA A 53 -4.61 3.31 -4.44
N PRO A 54 -5.68 3.23 -5.17
CA PRO A 54 -5.93 2.04 -6.04
C PRO A 54 -4.93 2.02 -7.19
N GLU A 55 -4.87 3.06 -7.97
CA GLU A 55 -3.91 3.08 -9.12
C GLU A 55 -2.54 2.64 -8.63
N GLN A 56 -2.21 2.91 -7.39
CA GLN A 56 -0.89 2.51 -6.86
C GLN A 56 -0.89 1.02 -6.54
N VAL A 57 -1.86 0.55 -5.79
CA VAL A 57 -1.92 -0.90 -5.46
C VAL A 57 -2.01 -1.70 -6.76
N LYS A 58 -2.72 -1.22 -7.74
CA LYS A 58 -2.81 -1.95 -9.02
C LYS A 58 -1.44 -1.89 -9.70
N HIS A 59 -0.89 -0.72 -9.83
CA HIS A 59 0.46 -0.60 -10.46
C HIS A 59 1.44 -1.39 -9.60
N PHE A 60 1.21 -1.40 -8.31
CA PHE A 60 2.09 -2.16 -7.39
C PHE A 60 1.83 -3.66 -7.60
N GLN A 61 0.58 -4.01 -7.73
CA GLN A 61 0.21 -5.44 -7.95
C GLN A 61 0.87 -5.96 -9.23
N ASN A 62 0.78 -5.21 -10.30
CA ASN A 62 1.40 -5.66 -11.57
C ASN A 62 2.92 -5.52 -11.49
N ARG A 63 3.40 -4.62 -10.68
CA ARG A 63 4.88 -4.43 -10.56
C ARG A 63 5.49 -5.58 -9.75
N GLU A 64 4.70 -6.22 -8.92
CA GLU A 64 5.23 -7.36 -8.11
C GLU A 64 5.68 -8.50 -9.04
N ASN A 65 4.83 -8.90 -9.94
CA ASN A 65 5.20 -10.00 -10.87
C ASN A 65 5.81 -9.43 -12.15
N SER A 66 6.93 -8.78 -12.05
CA SER A 66 7.57 -8.19 -13.26
C SER A 66 8.81 -9.00 -13.66
N LYS A 67 8.62 -10.18 -14.18
CA LYS A 67 9.79 -11.01 -14.59
C LYS A 67 9.85 -11.13 -16.12
N ILE A 68 11.02 -11.26 -16.66
CA ILE A 68 11.15 -11.37 -18.14
C ILE A 68 12.11 -12.52 -18.50
N LEU A 69 11.61 -13.72 -18.51
CA LEU A 69 12.49 -14.89 -18.85
C LEU A 69 11.64 -16.10 -19.24
N ASP A 1 -12.93 25.07 0.25
CA ASP A 1 -12.46 24.34 1.47
C ASP A 1 -13.29 23.08 1.70
N GLU A 2 -13.09 22.08 0.89
CA GLU A 2 -13.87 20.82 1.06
C GLU A 2 -12.99 19.60 0.75
N PHE A 3 -13.05 18.58 1.57
CA PHE A 3 -12.22 17.37 1.32
C PHE A 3 -10.75 17.77 1.09
N GLU A 4 -10.09 18.21 2.12
CA GLU A 4 -8.66 18.61 1.96
C GLU A 4 -7.80 17.40 1.62
N GLU A 5 -7.80 16.42 2.47
CA GLU A 5 -6.99 15.20 2.21
C GLU A 5 -5.50 15.55 2.17
N PHE A 6 -4.84 15.51 3.30
CA PHE A 6 -3.39 15.84 3.33
C PHE A 6 -2.56 14.57 3.50
N HIS A 7 -3.21 13.45 3.63
CA HIS A 7 -2.45 12.18 3.81
C HIS A 7 -2.72 11.23 2.63
N VAL A 8 -1.85 11.23 1.65
CA VAL A 8 -2.06 10.33 0.48
C VAL A 8 -0.78 9.57 0.16
N PRO A 9 -0.95 8.33 -0.22
CA PRO A 9 0.20 7.47 -0.57
C PRO A 9 0.77 7.85 -1.94
N GLU A 10 2.03 7.64 -2.15
CA GLU A 10 2.64 7.98 -3.47
C GLU A 10 2.76 6.73 -4.33
N ARG A 11 3.09 5.62 -3.73
CA ARG A 11 3.22 4.35 -4.51
C ARG A 11 3.56 3.20 -3.56
N ILE A 12 3.45 1.98 -4.02
CA ILE A 12 3.77 0.84 -3.13
C ILE A 12 5.22 0.40 -3.32
N ILE A 13 5.81 -0.17 -2.30
CA ILE A 13 7.22 -0.64 -2.42
C ILE A 13 7.28 -2.13 -2.10
N ASP A 14 6.42 -2.59 -1.24
CA ASP A 14 6.42 -4.03 -0.89
C ASP A 14 5.07 -4.44 -0.31
N SER A 15 4.83 -5.71 -0.14
CA SER A 15 3.54 -6.16 0.43
C SER A 15 3.78 -7.17 1.57
N GLN A 16 2.83 -7.34 2.44
CA GLN A 16 3.01 -8.30 3.56
C GLN A 16 1.71 -9.04 3.87
N ARG A 17 1.51 -10.18 3.27
CA ARG A 17 0.27 -10.96 3.53
C ARG A 17 0.54 -12.01 4.61
N ALA A 18 0.00 -11.81 5.79
CA ALA A 18 0.26 -12.80 6.89
C ALA A 18 -1.04 -13.53 7.26
N SER A 19 -0.97 -14.82 7.43
CA SER A 19 -2.17 -15.59 7.81
C SER A 19 -2.54 -15.29 9.26
N LEU A 20 -3.81 -15.22 9.57
CA LEU A 20 -4.20 -14.91 10.97
C LEU A 20 -4.23 -16.19 11.82
N GLU A 21 -5.31 -16.92 11.77
CA GLU A 21 -5.39 -18.17 12.59
C GLU A 21 -6.69 -18.90 12.33
N ASP A 22 -7.76 -18.18 12.12
CA ASP A 22 -9.06 -18.83 11.85
C ASP A 22 -9.23 -19.07 10.36
N GLY A 23 -8.14 -19.28 9.66
CA GLY A 23 -8.21 -19.49 8.20
C GLY A 23 -8.25 -18.13 7.52
N THR A 24 -7.78 -17.12 8.21
CA THR A 24 -7.78 -15.75 7.64
C THR A 24 -6.36 -15.24 7.44
N SER A 25 -6.21 -14.02 6.99
CA SER A 25 -4.85 -13.45 6.77
C SER A 25 -4.93 -11.93 6.68
N GLN A 26 -4.06 -11.24 7.37
CA GLN A 26 -4.09 -9.75 7.31
C GLN A 26 -3.11 -9.25 6.24
N LEU A 27 -3.62 -8.85 5.12
CA LEU A 27 -2.73 -8.35 4.03
C LEU A 27 -2.40 -6.87 4.22
N GLN A 28 -1.18 -6.49 3.96
CA GLN A 28 -0.79 -5.06 4.13
C GLN A 28 0.17 -4.66 3.00
N TYR A 29 0.06 -3.45 2.53
CA TYR A 29 0.98 -3.00 1.43
C TYR A 29 1.90 -1.88 1.93
N LEU A 30 3.18 -2.02 1.73
CA LEU A 30 4.12 -0.96 2.18
C LEU A 30 3.96 0.24 1.25
N VAL A 31 3.61 1.39 1.77
CA VAL A 31 3.43 2.57 0.88
C VAL A 31 4.37 3.71 1.29
N LYS A 32 4.70 4.56 0.36
CA LYS A 32 5.62 5.69 0.66
C LYS A 32 4.83 7.00 0.61
N TRP A 33 4.38 7.49 1.74
CA TRP A 33 3.60 8.76 1.75
C TRP A 33 4.41 9.90 1.13
N ARG A 34 3.82 10.64 0.23
CA ARG A 34 4.56 11.77 -0.40
C ARG A 34 4.85 12.88 0.61
N ARG A 35 4.13 12.90 1.70
CA ARG A 35 4.37 13.96 2.73
C ARG A 35 4.71 13.34 4.08
N LEU A 36 4.77 14.13 5.11
CA LEU A 36 5.10 13.59 6.46
C LEU A 36 6.46 12.88 6.43
N ASN A 37 7.46 13.45 7.04
CA ASN A 37 8.80 12.81 7.05
C ASN A 37 9.18 12.39 8.47
N TYR A 38 8.21 12.32 9.35
CA TYR A 38 8.50 11.92 10.75
C TYR A 38 8.52 10.39 10.88
N ASP A 39 7.78 9.72 10.04
CA ASP A 39 7.75 8.23 10.11
C ASP A 39 8.11 7.62 8.75
N GLU A 40 8.55 8.43 7.84
CA GLU A 40 8.92 7.90 6.49
C GLU A 40 7.85 6.92 6.01
N ALA A 41 8.13 6.21 4.95
CA ALA A 41 7.11 5.23 4.44
C ALA A 41 6.78 4.21 5.54
N THR A 42 5.63 3.59 5.46
CA THR A 42 5.26 2.59 6.51
C THR A 42 4.42 1.47 5.91
N TRP A 43 3.77 0.70 6.73
CA TRP A 43 2.93 -0.42 6.22
C TRP A 43 1.44 -0.12 6.43
N GLU A 44 0.64 -0.46 5.47
CA GLU A 44 -0.84 -0.22 5.59
C GLU A 44 -1.60 -1.40 5.01
N ASN A 45 -2.89 -1.43 5.18
CA ASN A 45 -3.68 -2.57 4.63
C ASN A 45 -3.72 -2.48 3.10
N ALA A 46 -3.34 -3.51 2.43
CA ALA A 46 -3.37 -3.47 0.94
C ALA A 46 -4.79 -3.12 0.50
N THR A 47 -5.73 -3.38 1.37
CA THR A 47 -7.15 -3.06 1.05
C THR A 47 -7.35 -1.55 1.13
N ASP A 48 -6.93 -0.94 2.20
CA ASP A 48 -7.09 0.53 2.33
C ASP A 48 -6.40 1.23 1.16
N ILE A 49 -5.13 0.96 0.98
CA ILE A 49 -4.40 1.59 -0.14
C ILE A 49 -5.08 1.25 -1.47
N VAL A 50 -5.71 0.10 -1.57
CA VAL A 50 -6.41 -0.23 -2.84
C VAL A 50 -7.53 0.77 -3.05
N LYS A 51 -8.25 1.08 -2.00
CA LYS A 51 -9.36 2.08 -2.11
C LYS A 51 -8.77 3.48 -2.05
N LEU A 52 -7.88 3.73 -1.14
CA LEU A 52 -7.24 5.07 -1.04
C LEU A 52 -6.41 5.32 -2.29
N ALA A 53 -5.57 4.38 -2.62
CA ALA A 53 -4.72 4.52 -3.84
C ALA A 53 -4.85 3.26 -4.69
N PRO A 54 -5.96 3.17 -5.37
CA PRO A 54 -6.23 1.99 -6.24
C PRO A 54 -5.25 2.00 -7.43
N GLU A 55 -4.94 3.15 -7.94
CA GLU A 55 -3.99 3.22 -9.08
C GLU A 55 -2.61 2.74 -8.64
N GLN A 56 -2.21 3.09 -7.44
CA GLN A 56 -0.88 2.65 -6.95
C GLN A 56 -0.91 1.15 -6.69
N VAL A 57 -1.82 0.68 -5.89
CA VAL A 57 -1.90 -0.78 -5.62
C VAL A 57 -2.00 -1.53 -6.95
N LYS A 58 -2.83 -1.09 -7.85
CA LYS A 58 -2.92 -1.79 -9.16
C LYS A 58 -1.57 -1.74 -9.85
N HIS A 59 -0.97 -0.56 -9.94
CA HIS A 59 0.37 -0.47 -10.57
C HIS A 59 1.35 -1.29 -9.73
N PHE A 60 1.15 -1.33 -8.45
CA PHE A 60 2.02 -2.12 -7.55
C PHE A 60 1.75 -3.61 -7.78
N GLN A 61 0.51 -3.93 -8.00
CA GLN A 61 0.12 -5.35 -8.24
C GLN A 61 0.52 -5.78 -9.65
N ASN A 62 0.50 -4.86 -10.58
CA ASN A 62 0.87 -5.21 -11.98
C ASN A 62 2.39 -5.43 -12.08
N ARG A 63 3.15 -4.69 -11.33
CA ARG A 63 4.63 -4.86 -11.39
C ARG A 63 5.06 -6.06 -10.54
N GLU A 64 4.41 -6.27 -9.43
CA GLU A 64 4.78 -7.43 -8.56
C GLU A 64 4.68 -8.74 -9.35
N ASN A 65 3.90 -8.75 -10.40
CA ASN A 65 3.78 -9.99 -11.21
C ASN A 65 4.24 -9.73 -12.65
N SER A 66 5.52 -9.58 -12.85
CA SER A 66 6.03 -9.32 -14.23
C SER A 66 7.25 -10.21 -14.51
N LYS A 67 7.47 -11.21 -13.69
CA LYS A 67 8.64 -12.11 -13.91
C LYS A 67 8.20 -13.38 -14.63
N ILE A 68 8.51 -13.49 -15.89
CA ILE A 68 8.11 -14.71 -16.66
C ILE A 68 6.60 -14.93 -16.51
N LEU A 69 5.81 -14.24 -17.29
CA LEU A 69 4.33 -14.41 -17.19
C LEU A 69 3.83 -13.94 -15.83
N ASP A 1 -12.52 7.29 8.58
CA ASP A 1 -11.90 8.53 8.03
C ASP A 1 -12.17 8.64 6.53
N GLU A 2 -12.79 9.72 6.10
CA GLU A 2 -13.08 9.88 4.65
C GLU A 2 -12.68 11.27 4.17
N PHE A 3 -12.98 11.60 2.95
CA PHE A 3 -12.61 12.96 2.43
C PHE A 3 -11.13 13.24 2.71
N GLU A 4 -10.27 12.31 2.44
CA GLU A 4 -8.82 12.53 2.68
C GLU A 4 -8.23 13.43 1.58
N GLU A 5 -8.38 14.72 1.71
CA GLU A 5 -7.82 15.64 0.68
C GLU A 5 -6.57 16.33 1.20
N PHE A 6 -5.89 15.72 2.14
CA PHE A 6 -4.65 16.34 2.69
C PHE A 6 -3.49 15.34 2.63
N HIS A 7 -3.73 14.11 2.98
CA HIS A 7 -2.63 13.10 2.94
C HIS A 7 -2.86 12.09 1.81
N VAL A 8 -1.85 11.80 1.04
CA VAL A 8 -2.03 10.83 -0.07
C VAL A 8 -0.76 9.97 -0.23
N PRO A 9 -0.96 8.70 -0.44
CA PRO A 9 0.17 7.76 -0.61
C PRO A 9 0.83 7.98 -1.98
N GLU A 10 2.13 7.98 -2.02
CA GLU A 10 2.83 8.17 -3.33
C GLU A 10 2.77 6.89 -4.15
N ARG A 11 3.08 5.77 -3.55
CA ARG A 11 3.03 4.48 -4.30
C ARG A 11 3.39 3.33 -3.35
N ILE A 12 3.33 2.11 -3.84
CA ILE A 12 3.65 0.95 -2.97
C ILE A 12 5.13 0.60 -3.09
N ILE A 13 5.70 0.04 -2.06
CA ILE A 13 7.14 -0.35 -2.11
C ILE A 13 7.26 -1.85 -1.88
N ASP A 14 6.42 -2.39 -1.05
CA ASP A 14 6.46 -3.86 -0.77
C ASP A 14 5.13 -4.32 -0.19
N SER A 15 4.90 -5.61 -0.13
CA SER A 15 3.61 -6.10 0.42
C SER A 15 3.86 -7.06 1.59
N GLN A 16 2.93 -7.12 2.51
CA GLN A 16 3.11 -8.03 3.68
C GLN A 16 1.81 -8.81 3.94
N ARG A 17 1.65 -9.94 3.31
CA ARG A 17 0.41 -10.74 3.52
C ARG A 17 0.63 -11.77 4.63
N ALA A 18 -0.10 -11.67 5.71
CA ALA A 18 0.08 -12.64 6.82
C ALA A 18 -1.23 -13.39 7.08
N SER A 19 -1.13 -14.63 7.47
CA SER A 19 -2.37 -15.43 7.76
C SER A 19 -2.87 -15.12 9.18
N LEU A 20 -4.16 -15.15 9.38
CA LEU A 20 -4.70 -14.86 10.73
C LEU A 20 -4.85 -16.14 11.55
N GLU A 21 -5.95 -16.83 11.42
CA GLU A 21 -6.12 -18.09 12.21
C GLU A 21 -7.47 -18.75 11.89
N ASP A 22 -8.48 -17.96 11.68
CA ASP A 22 -9.82 -18.55 11.38
C ASP A 22 -9.97 -18.73 9.87
N GLY A 23 -8.87 -18.96 9.19
CA GLY A 23 -8.94 -19.13 7.71
C GLY A 23 -8.89 -17.74 7.08
N THR A 24 -8.38 -16.78 7.81
CA THR A 24 -8.31 -15.40 7.29
C THR A 24 -6.85 -14.98 7.08
N SER A 25 -6.64 -13.75 6.66
CA SER A 25 -5.26 -13.26 6.45
C SER A 25 -5.26 -11.74 6.39
N GLN A 26 -4.34 -11.11 7.09
CA GLN A 26 -4.29 -9.62 7.07
C GLN A 26 -3.28 -9.14 6.04
N LEU A 27 -3.73 -8.79 4.87
CA LEU A 27 -2.79 -8.31 3.82
C LEU A 27 -2.41 -6.84 4.08
N GLN A 28 -1.17 -6.50 3.87
CA GLN A 28 -0.75 -5.09 4.10
C GLN A 28 0.24 -4.65 3.02
N TYR A 29 0.10 -3.45 2.54
CA TYR A 29 1.02 -2.95 1.48
C TYR A 29 1.89 -1.81 2.03
N LEU A 30 3.17 -1.86 1.79
CA LEU A 30 4.06 -0.77 2.29
C LEU A 30 3.94 0.44 1.36
N VAL A 31 3.62 1.59 1.90
CA VAL A 31 3.47 2.79 1.02
C VAL A 31 4.41 3.93 1.48
N LYS A 32 4.74 4.82 0.58
CA LYS A 32 5.62 5.95 0.95
C LYS A 32 4.80 7.25 0.95
N TRP A 33 4.38 7.70 2.10
CA TRP A 33 3.56 8.95 2.17
C TRP A 33 4.37 10.16 1.70
N ARG A 34 3.94 10.80 0.65
CA ARG A 34 4.67 11.99 0.13
C ARG A 34 6.17 11.70 0.03
N ARG A 35 6.98 12.72 0.10
CA ARG A 35 8.45 12.53 0.00
C ARG A 35 9.15 13.14 1.20
N LEU A 36 8.62 12.93 2.38
CA LEU A 36 9.25 13.51 3.60
C LEU A 36 10.53 12.73 3.96
N ASN A 37 11.54 13.42 4.40
CA ASN A 37 12.81 12.73 4.77
C ASN A 37 13.26 11.80 3.66
N TYR A 38 14.38 11.16 3.82
CA TYR A 38 14.88 10.23 2.76
C TYR A 38 14.60 8.78 3.17
N ASP A 39 14.14 7.97 2.25
CA ASP A 39 13.86 6.55 2.59
C ASP A 39 12.86 6.47 3.74
N GLU A 40 11.75 7.15 3.64
CA GLU A 40 10.74 7.12 4.74
C GLU A 40 9.46 6.43 4.25
N ALA A 41 8.83 5.65 5.09
CA ALA A 41 7.59 4.96 4.67
C ALA A 41 7.11 4.01 5.78
N THR A 42 5.97 3.40 5.60
CA THR A 42 5.47 2.46 6.64
C THR A 42 4.59 1.38 6.01
N TRP A 43 3.88 0.64 6.82
CA TRP A 43 3.01 -0.44 6.27
C TRP A 43 1.53 -0.12 6.50
N GLU A 44 0.71 -0.42 5.54
CA GLU A 44 -0.76 -0.17 5.70
C GLU A 44 -1.55 -1.28 5.03
N ASN A 45 -2.76 -1.51 5.44
CA ASN A 45 -3.56 -2.60 4.80
C ASN A 45 -3.59 -2.39 3.29
N ALA A 46 -3.33 -3.42 2.54
CA ALA A 46 -3.36 -3.27 1.06
C ALA A 46 -4.79 -2.94 0.64
N THR A 47 -5.71 -3.17 1.53
CA THR A 47 -7.13 -2.87 1.23
C THR A 47 -7.36 -1.36 1.34
N ASP A 48 -6.84 -0.77 2.36
CA ASP A 48 -6.99 0.70 2.53
C ASP A 48 -6.26 1.40 1.39
N ILE A 49 -5.02 1.06 1.18
CA ILE A 49 -4.26 1.70 0.07
C ILE A 49 -4.94 1.40 -1.27
N VAL A 50 -5.66 0.32 -1.35
CA VAL A 50 -6.38 0.02 -2.62
C VAL A 50 -7.40 1.12 -2.86
N LYS A 51 -8.12 1.49 -1.84
CA LYS A 51 -9.11 2.59 -1.96
C LYS A 51 -8.40 3.94 -1.82
N LEU A 52 -7.54 4.06 -0.84
CA LEU A 52 -6.79 5.33 -0.64
C LEU A 52 -5.91 5.57 -1.87
N ALA A 53 -5.37 4.52 -2.41
CA ALA A 53 -4.49 4.63 -3.61
C ALA A 53 -4.65 3.37 -4.46
N PRO A 54 -5.75 3.31 -5.18
CA PRO A 54 -6.04 2.14 -6.04
C PRO A 54 -5.07 2.08 -7.22
N GLU A 55 -4.96 3.14 -7.97
CA GLU A 55 -4.03 3.13 -9.13
C GLU A 55 -2.63 2.69 -8.68
N GLN A 56 -2.24 3.06 -7.50
CA GLN A 56 -0.89 2.66 -7.00
C GLN A 56 -0.90 1.17 -6.64
N VAL A 57 -1.83 0.74 -5.85
CA VAL A 57 -1.89 -0.70 -5.48
C VAL A 57 -2.04 -1.54 -6.77
N LYS A 58 -2.84 -1.09 -7.70
CA LYS A 58 -3.00 -1.85 -8.96
C LYS A 58 -1.64 -1.89 -9.67
N HIS A 59 -1.00 -0.76 -9.81
CA HIS A 59 0.34 -0.74 -10.45
C HIS A 59 1.29 -1.57 -9.60
N PHE A 60 1.20 -1.42 -8.29
CA PHE A 60 2.06 -2.22 -7.39
C PHE A 60 1.71 -3.70 -7.53
N GLN A 61 0.45 -3.98 -7.74
CA GLN A 61 -0.01 -5.38 -7.89
C GLN A 61 0.56 -5.99 -9.17
N ASN A 62 0.32 -5.37 -10.30
CA ASN A 62 0.84 -5.92 -11.59
C ASN A 62 2.37 -5.91 -11.56
N ARG A 63 2.97 -4.94 -10.95
CA ARG A 63 4.45 -4.87 -10.90
C ARG A 63 5.00 -5.96 -9.97
N GLU A 64 4.21 -6.39 -9.01
CA GLU A 64 4.70 -7.44 -8.08
C GLU A 64 4.20 -8.82 -8.52
N ASN A 65 3.04 -8.88 -9.13
CA ASN A 65 2.50 -10.18 -9.59
C ASN A 65 2.41 -10.21 -11.12
N SER A 66 1.64 -11.11 -11.66
CA SER A 66 1.50 -11.17 -13.14
C SER A 66 2.84 -11.57 -13.77
N LYS A 67 3.42 -12.64 -13.32
CA LYS A 67 4.73 -13.07 -13.89
C LYS A 67 5.79 -11.99 -13.67
N ILE A 68 7.02 -12.37 -13.48
CA ILE A 68 8.10 -11.36 -13.25
C ILE A 68 8.89 -11.14 -14.55
N LEU A 69 8.22 -10.85 -15.62
CA LEU A 69 8.94 -10.63 -16.92
C LEU A 69 9.96 -9.50 -16.76
#